data_6BB3
#
_entry.id   6BB3
#
_cell.length_a   74.700
_cell.length_b   80.798
_cell.length_c   103.047
_cell.angle_alpha   90.00
_cell.angle_beta   96.77
_cell.angle_gamma   90.00
#
_symmetry.space_group_name_H-M   'P 1 21 1'
#
loop_
_entity.id
_entity.type
_entity.pdbx_description
1 polymer 'L-lactate dehydrogenase A chain'
2 non-polymer NICOTINAMIDE-ADENINE-DINUCLEOTIDE
3 non-polymer 'SULFATE ION'
4 non-polymer (6R)-3-[(2-chlorophenyl)sulfanyl]-6-{6-[(4-fluorophenyl)amino]pyridin-2-yl}-4-hydroxy-6-(thiophen-3-yl)-5,6-dihydro-2H-pyran-2-one
5 water water
#
_entity_poly.entity_id   1
_entity_poly.type   'polypeptide(L)'
_entity_poly.pdbx_seq_one_letter_code
;ATLKDQLIYNLLKEEQTPQNKITVVGVGAVGMACAISILMKDLADELALVDVIEDKLKGEMMDLQHGSLFLRTPKIVSGK
DYNVTANSKLVIITAGARQQEGESRLNLVQRNVNIFKFIIPNVVKYSPNCKLLIVSNPVDILTYVAWKISGFPKNRVIGS
GCNLDSARFRYLMGERLGVHPLSCHGWVLGEHGDSSVPVWSGMNVAGVSLKTLHPDLGTDKDKEQWKEVHKQVVESAYEV
IKLKGYTSWAIGLSVADLAESIMKNLRRVHPVSTMIKGLYGIKDDVFLSVPCILGQNGISDLVKVTLTSEEEARLKKSAD
TLWGIQKELQF
;
_entity_poly.pdbx_strand_id   A,B,C,D
#
loop_
_chem_comp.id
_chem_comp.type
_chem_comp.name
_chem_comp.formula
D4A non-polymer (6R)-3-[(2-chlorophenyl)sulfanyl]-6-{6-[(4-fluorophenyl)amino]pyridin-2-yl}-4-hydroxy-6-(thiophen-3-yl)-5,6-dihydro-2H-pyran-2-one 'C26 H18 Cl F N2 O3 S2'
NAD non-polymer NICOTINAMIDE-ADENINE-DINUCLEOTIDE 'C21 H27 N7 O14 P2'
SO4 non-polymer 'SULFATE ION' 'O4 S -2'
#
# COMPACT_ATOMS: atom_id res chain seq x y z
N ALA A 1 36.45 18.79 -12.57
CA ALA A 1 35.20 18.02 -12.50
C ALA A 1 34.54 18.14 -11.12
N THR A 2 33.21 18.36 -11.09
CA THR A 2 32.41 18.48 -9.86
C THR A 2 32.29 17.15 -9.12
N LEU A 3 31.81 17.18 -7.85
CA LEU A 3 31.59 15.98 -7.05
C LEU A 3 30.56 15.08 -7.72
N LYS A 4 29.48 15.69 -8.28
CA LYS A 4 28.43 14.99 -9.01
C LYS A 4 29.04 14.21 -10.17
N ASP A 5 29.88 14.88 -11.00
CA ASP A 5 30.54 14.23 -12.14
C ASP A 5 31.56 13.16 -11.71
N GLN A 6 32.21 13.35 -10.56
CA GLN A 6 33.19 12.41 -10.04
C GLN A 6 32.53 11.16 -9.47
N LEU A 7 31.31 11.31 -8.95
CA LEU A 7 30.53 10.22 -8.38
C LEU A 7 29.63 9.51 -9.38
N ILE A 8 28.96 10.26 -10.24
CA ILE A 8 27.97 9.76 -11.19
C ILE A 8 28.37 9.97 -12.65
N TYR A 9 28.35 8.88 -13.43
CA TYR A 9 28.56 8.94 -14.88
C TYR A 9 27.15 8.96 -15.53
N ASN A 10 26.83 10.03 -16.26
CA ASN A 10 25.54 10.20 -16.91
C ASN A 10 25.48 9.48 -18.28
N LEU A 11 24.41 8.70 -18.51
CA LEU A 11 24.18 8.00 -19.78
C LEU A 11 23.44 8.91 -20.74
N LEU A 12 22.35 9.54 -20.27
CA LEU A 12 21.55 10.53 -20.98
C LEU A 12 20.90 11.50 -20.02
N LYS A 13 20.88 12.79 -20.39
CA LYS A 13 20.33 13.87 -19.57
C LYS A 13 18.93 14.28 -20.00
N GLU A 14 18.39 13.67 -21.09
CA GLU A 14 17.06 14.02 -21.58
C GLU A 14 15.94 13.52 -20.67
N GLU A 15 15.03 14.43 -20.32
CA GLU A 15 13.85 14.21 -19.50
C GLU A 15 12.61 14.11 -20.39
N GLN A 16 11.81 13.05 -20.18
CA GLN A 16 10.57 12.80 -20.91
C GLN A 16 9.46 13.64 -20.29
N THR A 17 8.39 13.88 -21.07
CA THR A 17 7.19 14.56 -20.55
C THR A 17 6.61 13.66 -19.42
N PRO A 18 6.00 14.21 -18.35
CA PRO A 18 5.48 13.34 -17.26
C PRO A 18 4.43 12.37 -17.79
N GLN A 19 4.43 11.15 -17.26
CA GLN A 19 3.54 10.10 -17.73
C GLN A 19 2.21 10.03 -16.98
N ASN A 20 2.24 10.30 -15.65
CA ASN A 20 1.06 10.24 -14.80
C ASN A 20 1.03 11.47 -13.90
N LYS A 21 0.86 12.64 -14.51
CA LYS A 21 0.87 13.90 -13.78
C LYS A 21 -0.51 14.31 -13.31
N ILE A 22 -0.58 14.81 -12.08
CA ILE A 22 -1.81 15.33 -11.48
C ILE A 22 -1.56 16.80 -11.07
N THR A 23 -2.54 17.66 -11.35
CA THR A 23 -2.51 19.05 -10.93
C THR A 23 -3.63 19.29 -9.96
N VAL A 24 -3.34 20.02 -8.88
CA VAL A 24 -4.31 20.44 -7.89
C VAL A 24 -4.35 21.98 -7.96
N VAL A 25 -5.52 22.57 -8.28
CA VAL A 25 -5.72 24.01 -8.34
C VAL A 25 -6.47 24.47 -7.10
N GLY A 26 -5.82 25.32 -6.32
CA GLY A 26 -6.34 25.84 -5.06
C GLY A 26 -5.74 25.04 -3.92
N VAL A 27 -4.78 25.62 -3.17
CA VAL A 27 -4.10 24.91 -2.09
C VAL A 27 -4.64 25.28 -0.70
N GLY A 28 -5.96 25.36 -0.60
CA GLY A 28 -6.62 25.57 0.68
C GLY A 28 -6.71 24.25 1.43
N ALA A 29 -7.57 24.18 2.44
CA ALA A 29 -7.73 22.98 3.25
C ALA A 29 -8.08 21.73 2.45
N VAL A 30 -9.00 21.85 1.47
CA VAL A 30 -9.47 20.76 0.60
C VAL A 30 -8.36 20.32 -0.36
N GLY A 31 -7.78 21.29 -1.09
CA GLY A 31 -6.70 21.02 -2.03
C GLY A 31 -5.54 20.29 -1.40
N MET A 32 -5.06 20.78 -0.26
CA MET A 32 -3.95 20.15 0.46
C MET A 32 -4.25 18.73 0.94
N ALA A 33 -5.51 18.48 1.35
CA ALA A 33 -5.96 17.18 1.79
C ALA A 33 -6.04 16.21 0.58
N CYS A 34 -6.40 16.73 -0.62
CA CYS A 34 -6.41 15.96 -1.88
C CYS A 34 -4.97 15.61 -2.23
N ALA A 35 -4.05 16.60 -2.11
CA ALA A 35 -2.63 16.43 -2.38
C ALA A 35 -1.99 15.32 -1.57
N ILE A 36 -2.14 15.35 -0.22
CA ILE A 36 -1.53 14.36 0.68
C ILE A 36 -2.10 12.96 0.43
N SER A 37 -3.42 12.85 0.13
CA SER A 37 -4.09 11.58 -0.14
C SER A 37 -3.56 10.94 -1.44
N ILE A 38 -3.37 11.75 -2.49
CA ILE A 38 -2.85 11.32 -3.79
C ILE A 38 -1.37 10.90 -3.64
N LEU A 39 -0.60 11.67 -2.85
CA LEU A 39 0.81 11.36 -2.59
C LEU A 39 0.97 10.06 -1.81
N MET A 40 0.15 9.86 -0.77
CA MET A 40 0.22 8.67 0.07
C MET A 40 -0.31 7.41 -0.63
N LYS A 41 -1.13 7.58 -1.66
CA LYS A 41 -1.66 6.47 -2.48
C LYS A 41 -0.78 6.24 -3.74
N ASP A 42 0.35 6.99 -3.89
CA ASP A 42 1.31 6.91 -4.99
C ASP A 42 0.61 6.91 -6.39
N LEU A 43 -0.32 7.86 -6.60
CA LEU A 43 -1.09 7.87 -7.85
C LEU A 43 -0.45 8.63 -9.00
N ALA A 44 0.61 9.40 -8.70
CA ALA A 44 1.25 10.26 -9.67
C ALA A 44 2.77 10.20 -9.63
N ASP A 45 3.42 10.38 -10.79
CA ASP A 45 4.89 10.46 -10.85
C ASP A 45 5.26 11.95 -10.71
N GLU A 46 4.27 12.84 -10.91
CA GLU A 46 4.42 14.28 -10.78
C GLU A 46 3.15 14.92 -10.22
N LEU A 47 3.32 15.87 -9.26
CA LEU A 47 2.23 16.64 -8.67
C LEU A 47 2.50 18.14 -8.82
N ALA A 48 1.56 18.85 -9.44
CA ALA A 48 1.66 20.29 -9.66
C ALA A 48 0.62 21.00 -8.82
N LEU A 49 1.03 22.07 -8.11
CA LEU A 49 0.09 22.85 -7.28
C LEU A 49 0.00 24.25 -7.79
N VAL A 50 -1.23 24.78 -7.89
CA VAL A 50 -1.50 26.14 -8.35
C VAL A 50 -2.39 26.88 -7.36
N ASP A 51 -2.17 28.18 -7.19
CA ASP A 51 -2.96 29.08 -6.34
C ASP A 51 -2.64 30.54 -6.72
N VAL A 52 -3.37 31.51 -6.15
CA VAL A 52 -3.12 32.94 -6.36
C VAL A 52 -2.26 33.52 -5.23
N ILE A 53 -2.32 32.93 -4.03
CA ILE A 53 -1.53 33.35 -2.87
C ILE A 53 -0.15 32.68 -2.99
N GLU A 54 0.84 33.42 -3.52
CA GLU A 54 2.19 32.94 -3.79
C GLU A 54 2.93 32.38 -2.57
N ASP A 55 2.91 33.10 -1.42
CA ASP A 55 3.64 32.67 -0.21
C ASP A 55 3.12 31.33 0.34
N LYS A 56 1.80 31.22 0.57
CA LYS A 56 1.13 30.00 1.03
C LYS A 56 1.45 28.81 0.08
N LEU A 57 1.41 29.08 -1.24
CA LEU A 57 1.68 28.10 -2.30
C LEU A 57 3.11 27.54 -2.20
N LYS A 58 4.12 28.42 -2.10
CA LYS A 58 5.53 28.01 -1.99
C LYS A 58 5.76 27.21 -0.69
N GLY A 59 5.17 27.66 0.42
CA GLY A 59 5.24 27.01 1.71
C GLY A 59 4.68 25.60 1.68
N GLU A 60 3.48 25.42 1.10
CA GLU A 60 2.82 24.12 0.98
C GLU A 60 3.63 23.15 0.11
N MET A 61 4.22 23.65 -1.00
CA MET A 61 5.04 22.84 -1.91
C MET A 61 6.29 22.37 -1.17
N MET A 62 6.96 23.28 -0.45
CA MET A 62 8.18 22.97 0.30
C MET A 62 7.93 21.93 1.38
N ASP A 63 6.82 22.11 2.13
CA ASP A 63 6.42 21.19 3.19
C ASP A 63 6.21 19.77 2.64
N LEU A 64 5.58 19.64 1.46
CA LEU A 64 5.39 18.34 0.79
C LEU A 64 6.73 17.76 0.32
N GLN A 65 7.61 18.62 -0.27
CA GLN A 65 8.93 18.21 -0.76
C GLN A 65 9.82 17.70 0.37
N HIS A 66 9.75 18.32 1.56
CA HIS A 66 10.54 17.87 2.72
C HIS A 66 10.16 16.46 3.21
N GLY A 67 9.02 15.93 2.77
CA GLY A 67 8.58 14.59 3.12
C GLY A 67 8.84 13.56 2.04
N SER A 68 9.55 13.94 0.95
CA SER A 68 9.88 13.10 -0.22
C SER A 68 10.49 11.75 0.11
N LEU A 69 11.34 11.69 1.17
CA LEU A 69 12.00 10.48 1.65
C LEU A 69 10.99 9.36 1.95
N PHE A 70 9.78 9.74 2.37
CA PHE A 70 8.70 8.81 2.75
C PHE A 70 7.63 8.68 1.66
N LEU A 71 7.90 9.23 0.47
CA LEU A 71 6.95 9.20 -0.65
C LEU A 71 7.53 8.54 -1.87
N ARG A 72 6.67 8.20 -2.84
CA ARG A 72 7.03 7.56 -4.10
C ARG A 72 6.60 8.44 -5.30
N THR A 73 6.64 9.77 -5.11
CA THR A 73 6.33 10.78 -6.11
C THR A 73 7.60 11.63 -6.23
N PRO A 74 8.41 11.36 -7.28
CA PRO A 74 9.73 12.03 -7.37
C PRO A 74 9.71 13.53 -7.65
N LYS A 75 8.59 14.10 -8.14
CA LYS A 75 8.60 15.52 -8.47
C LYS A 75 7.33 16.28 -8.04
N ILE A 76 7.53 17.32 -7.20
CA ILE A 76 6.47 18.18 -6.70
C ILE A 76 6.81 19.62 -7.13
N VAL A 77 5.95 20.22 -7.96
CA VAL A 77 6.14 21.57 -8.46
C VAL A 77 4.95 22.46 -8.13
N SER A 78 5.18 23.77 -8.08
CA SER A 78 4.12 24.74 -7.82
C SER A 78 4.37 26.02 -8.60
N GLY A 79 3.31 26.80 -8.76
CA GLY A 79 3.43 28.09 -9.45
C GLY A 79 2.11 28.76 -9.71
N LYS A 80 2.17 30.09 -9.88
CA LYS A 80 1.04 30.94 -10.21
C LYS A 80 0.75 30.75 -11.70
N ASP A 81 1.80 30.54 -12.51
CA ASP A 81 1.73 30.33 -13.95
C ASP A 81 1.37 28.86 -14.22
N TYR A 82 0.47 28.63 -15.16
CA TYR A 82 -0.01 27.30 -15.48
C TYR A 82 0.96 26.46 -16.32
N ASN A 83 2.12 27.02 -16.71
CA ASN A 83 3.12 26.25 -17.45
C ASN A 83 3.61 25.04 -16.60
N VAL A 84 3.49 25.14 -15.25
CA VAL A 84 3.85 24.09 -14.29
C VAL A 84 2.92 22.88 -14.38
N THR A 85 1.70 23.08 -14.90
CA THR A 85 0.65 22.08 -15.02
C THR A 85 0.66 21.31 -16.36
N ALA A 86 1.55 21.70 -17.30
CA ALA A 86 1.62 21.12 -18.64
C ALA A 86 1.60 19.61 -18.64
N ASN A 87 0.78 19.02 -19.55
CA ASN A 87 0.65 17.57 -19.75
C ASN A 87 0.07 16.78 -18.54
N SER A 88 -0.85 17.39 -17.77
CA SER A 88 -1.49 16.70 -16.65
C SER A 88 -2.55 15.74 -17.18
N LYS A 89 -2.64 14.51 -16.60
CA LYS A 89 -3.65 13.53 -16.97
C LYS A 89 -4.94 13.89 -16.28
N LEU A 90 -4.85 14.43 -15.06
CA LEU A 90 -6.01 14.82 -14.25
C LEU A 90 -5.77 16.17 -13.57
N VAL A 91 -6.76 17.06 -13.67
CA VAL A 91 -6.70 18.38 -13.04
C VAL A 91 -7.86 18.50 -12.05
N ILE A 92 -7.53 18.68 -10.77
CA ILE A 92 -8.49 18.78 -9.68
C ILE A 92 -8.66 20.25 -9.26
N ILE A 93 -9.85 20.80 -9.48
CA ILE A 93 -10.16 22.19 -9.15
C ILE A 93 -10.83 22.28 -7.79
N THR A 94 -10.16 22.90 -6.83
CA THR A 94 -10.66 23.08 -5.46
C THR A 94 -10.62 24.58 -5.08
N ALA A 95 -10.56 25.48 -6.08
CA ALA A 95 -10.48 26.93 -5.85
C ALA A 95 -11.87 27.52 -5.70
N GLY A 96 -12.13 28.24 -4.62
CA GLY A 96 -13.46 28.79 -4.39
C GLY A 96 -13.55 29.96 -3.44
N ALA A 97 -14.78 30.46 -3.27
CA ALA A 97 -15.15 31.57 -2.39
C ALA A 97 -16.35 31.10 -1.56
N ARG A 98 -16.16 31.07 -0.24
CA ARG A 98 -17.14 30.61 0.76
C ARG A 98 -18.41 31.46 0.84
N GLN A 99 -19.47 30.89 1.46
CA GLN A 99 -20.77 31.53 1.66
C GLN A 99 -20.67 32.80 2.53
N GLN A 100 -21.27 33.89 2.05
CA GLN A 100 -21.32 35.17 2.76
C GLN A 100 -22.79 35.47 3.06
N GLU A 101 -23.09 35.64 4.35
CA GLU A 101 -24.41 35.97 4.89
C GLU A 101 -24.91 37.28 4.27
N GLY A 102 -26.10 37.24 3.67
CA GLY A 102 -26.73 38.39 3.05
C GLY A 102 -26.55 38.54 1.55
N GLU A 103 -26.44 37.40 0.82
CA GLU A 103 -26.30 37.36 -0.63
C GLU A 103 -27.22 36.31 -1.25
N SER A 104 -27.65 36.52 -2.50
CA SER A 104 -28.49 35.57 -3.22
C SER A 104 -27.63 34.36 -3.66
N ARG A 105 -28.26 33.20 -3.87
CA ARG A 105 -27.55 32.00 -4.33
C ARG A 105 -26.89 32.25 -5.70
N LEU A 106 -27.56 33.03 -6.59
CA LEU A 106 -27.01 33.39 -7.90
C LEU A 106 -25.68 34.15 -7.72
N ASN A 107 -25.69 35.17 -6.82
CA ASN A 107 -24.52 36.01 -6.49
C ASN A 107 -23.33 35.16 -6.03
N LEU A 108 -23.57 34.14 -5.19
CA LEU A 108 -22.56 33.22 -4.70
C LEU A 108 -21.96 32.43 -5.86
N VAL A 109 -22.82 31.93 -6.76
CA VAL A 109 -22.39 31.18 -7.94
C VAL A 109 -21.52 32.07 -8.84
N GLN A 110 -21.98 33.29 -9.16
CA GLN A 110 -21.27 34.23 -10.03
C GLN A 110 -19.85 34.53 -9.55
N ARG A 111 -19.66 34.76 -8.21
CA ARG A 111 -18.32 35.00 -7.64
C ARG A 111 -17.38 33.82 -7.96
N ASN A 112 -17.86 32.57 -7.81
CA ASN A 112 -17.09 31.36 -8.15
C ASN A 112 -16.93 31.17 -9.67
N VAL A 113 -17.93 31.62 -10.46
CA VAL A 113 -17.87 31.59 -11.92
C VAL A 113 -16.74 32.54 -12.37
N ASN A 114 -16.61 33.70 -11.68
CA ASN A 114 -15.56 34.69 -11.93
C ASN A 114 -14.19 34.06 -11.70
N ILE A 115 -14.04 33.26 -10.63
CA ILE A 115 -12.80 32.54 -10.31
C ILE A 115 -12.45 31.56 -11.47
N PHE A 116 -13.45 30.79 -11.96
CA PHE A 116 -13.27 29.77 -13.02
C PHE A 116 -12.92 30.29 -14.41
N LYS A 117 -13.44 31.49 -14.79
CA LYS A 117 -13.19 32.00 -16.14
C LYS A 117 -11.71 32.34 -16.40
N PHE A 118 -10.86 32.33 -15.37
CA PHE A 118 -9.42 32.51 -15.58
C PHE A 118 -8.75 31.15 -15.58
N ILE A 119 -9.15 30.29 -14.64
CA ILE A 119 -8.58 28.95 -14.41
C ILE A 119 -8.75 27.99 -15.60
N ILE A 120 -10.00 27.72 -15.97
CA ILE A 120 -10.36 26.74 -17.01
C ILE A 120 -9.61 27.02 -18.34
N PRO A 121 -9.60 28.23 -18.96
CA PRO A 121 -8.81 28.41 -20.20
C PRO A 121 -7.30 28.15 -20.04
N ASN A 122 -6.76 28.47 -18.86
CA ASN A 122 -5.35 28.25 -18.56
C ASN A 122 -5.03 26.75 -18.39
N VAL A 123 -6.01 25.98 -17.90
CA VAL A 123 -5.87 24.54 -17.71
C VAL A 123 -5.87 23.81 -19.05
N VAL A 124 -6.86 24.10 -19.93
CA VAL A 124 -6.97 23.42 -21.23
C VAL A 124 -5.80 23.82 -22.15
N LYS A 125 -5.25 25.05 -22.00
CA LYS A 125 -4.11 25.53 -22.78
C LYS A 125 -2.88 24.60 -22.63
N TYR A 126 -2.57 24.17 -21.38
CA TYR A 126 -1.40 23.33 -21.09
C TYR A 126 -1.69 21.83 -21.01
N SER A 127 -2.95 21.46 -20.78
CA SER A 127 -3.37 20.06 -20.72
C SER A 127 -4.66 19.90 -21.55
N PRO A 128 -4.59 20.00 -22.90
CA PRO A 128 -5.81 19.86 -23.71
C PRO A 128 -6.47 18.48 -23.63
N ASN A 129 -5.69 17.42 -23.28
CA ASN A 129 -6.20 16.04 -23.17
C ASN A 129 -6.49 15.55 -21.73
N CYS A 130 -6.49 16.45 -20.72
CA CYS A 130 -6.74 16.05 -19.33
C CYS A 130 -8.19 15.72 -19.03
N LYS A 131 -8.43 15.17 -17.82
CA LYS A 131 -9.74 14.95 -17.22
C LYS A 131 -9.86 16.06 -16.18
N LEU A 132 -11.01 16.71 -16.12
CA LEU A 132 -11.24 17.76 -15.13
C LEU A 132 -12.12 17.19 -14.01
N LEU A 133 -11.62 17.26 -12.77
CA LEU A 133 -12.38 16.84 -11.59
C LEU A 133 -12.65 18.11 -10.77
N ILE A 134 -13.94 18.48 -10.68
CA ILE A 134 -14.39 19.69 -9.98
C ILE A 134 -14.84 19.38 -8.56
N VAL A 135 -14.29 20.12 -7.59
CA VAL A 135 -14.62 19.96 -6.18
C VAL A 135 -15.31 21.22 -5.64
N SER A 136 -14.88 22.39 -6.11
CA SER A 136 -15.42 23.70 -5.73
C SER A 136 -16.97 23.74 -5.79
N ASN A 137 -17.59 24.38 -4.78
CA ASN A 137 -19.05 24.51 -4.64
C ASN A 137 -19.64 25.79 -5.24
N PRO A 138 -20.90 25.78 -5.74
CA PRO A 138 -21.83 24.63 -5.89
C PRO A 138 -21.36 23.73 -7.02
N VAL A 139 -20.81 22.56 -6.63
CA VAL A 139 -20.14 21.57 -7.46
C VAL A 139 -20.92 21.22 -8.74
N ASP A 140 -22.25 21.08 -8.66
CA ASP A 140 -23.06 20.74 -9.83
C ASP A 140 -23.08 21.87 -10.88
N ILE A 141 -23.21 23.14 -10.44
CA ILE A 141 -23.19 24.30 -11.33
C ILE A 141 -21.79 24.51 -11.89
N LEU A 142 -20.78 24.46 -11.02
CA LEU A 142 -19.40 24.71 -11.43
C LEU A 142 -18.84 23.63 -12.35
N THR A 143 -19.37 22.37 -12.30
CA THR A 143 -18.96 21.31 -13.25
C THR A 143 -19.46 21.70 -14.63
N TYR A 144 -20.72 22.23 -14.71
CA TYR A 144 -21.36 22.73 -15.94
C TYR A 144 -20.53 23.89 -16.50
N VAL A 145 -20.15 24.84 -15.65
CA VAL A 145 -19.34 26.00 -16.00
C VAL A 145 -18.02 25.56 -16.62
N ALA A 146 -17.31 24.63 -15.95
CA ALA A 146 -16.05 24.06 -16.45
C ALA A 146 -16.24 23.39 -17.82
N TRP A 147 -17.36 22.67 -17.99
CA TRP A 147 -17.70 21.99 -19.25
C TRP A 147 -17.95 22.98 -20.38
N LYS A 148 -18.70 24.07 -20.09
CA LYS A 148 -19.02 25.09 -21.07
C LYS A 148 -17.80 25.89 -21.53
N ILE A 149 -16.96 26.36 -20.58
CA ILE A 149 -15.73 27.13 -20.86
C ILE A 149 -14.64 26.27 -21.54
N SER A 150 -14.44 25.02 -21.09
CA SER A 150 -13.40 24.16 -21.66
C SER A 150 -13.66 23.73 -23.09
N GLY A 151 -14.91 23.41 -23.40
CA GLY A 151 -15.25 22.86 -24.71
C GLY A 151 -14.96 21.37 -24.77
N PHE A 152 -14.65 20.75 -23.61
CA PHE A 152 -14.32 19.33 -23.51
C PHE A 152 -15.55 18.45 -23.70
N PRO A 153 -15.41 17.21 -24.20
CA PRO A 153 -16.59 16.31 -24.26
C PRO A 153 -17.03 15.94 -22.83
N LYS A 154 -18.33 15.62 -22.64
CA LYS A 154 -18.92 15.29 -21.33
C LYS A 154 -18.11 14.31 -20.47
N ASN A 155 -17.54 13.27 -21.08
CA ASN A 155 -16.76 12.23 -20.40
C ASN A 155 -15.51 12.74 -19.67
N ARG A 156 -14.89 13.85 -20.13
CA ARG A 156 -13.68 14.42 -19.53
C ARG A 156 -13.96 15.53 -18.48
N VAL A 157 -15.25 15.79 -18.15
CA VAL A 157 -15.61 16.79 -17.14
C VAL A 157 -16.42 16.09 -16.04
N ILE A 158 -15.78 15.87 -14.90
CA ILE A 158 -16.34 15.13 -13.77
C ILE A 158 -16.49 16.02 -12.54
N GLY A 159 -17.65 15.97 -11.91
CA GLY A 159 -17.91 16.69 -10.68
C GLY A 159 -17.87 15.72 -9.51
N SER A 160 -17.24 16.13 -8.38
CA SER A 160 -17.14 15.31 -7.17
C SER A 160 -18.54 14.85 -6.73
N GLY A 161 -19.52 15.76 -6.86
CA GLY A 161 -20.93 15.52 -6.59
C GLY A 161 -21.27 14.82 -5.31
N CYS A 162 -21.98 13.69 -5.40
CA CYS A 162 -22.44 12.95 -4.23
C CYS A 162 -21.47 11.87 -3.73
N ASN A 163 -20.19 12.00 -4.05
CA ASN A 163 -19.18 11.05 -3.58
C ASN A 163 -18.99 11.17 -2.05
N LEU A 164 -18.90 12.42 -1.51
CA LEU A 164 -18.76 12.66 -0.06
C LEU A 164 -20.05 12.32 0.70
N ASP A 165 -21.21 12.64 0.09
CA ASP A 165 -22.54 12.34 0.66
C ASP A 165 -22.69 10.83 0.86
N SER A 166 -22.30 10.03 -0.16
CA SER A 166 -22.41 8.56 -0.07
C SER A 166 -21.44 7.99 0.95
N ALA A 167 -20.20 8.50 0.98
CA ALA A 167 -19.18 8.07 1.95
C ALA A 167 -19.66 8.31 3.37
N ARG A 168 -20.25 9.51 3.65
CA ARG A 168 -20.81 9.86 4.96
C ARG A 168 -21.97 8.94 5.33
N PHE A 169 -22.86 8.68 4.34
CA PHE A 169 -24.03 7.84 4.49
C PHE A 169 -23.63 6.42 4.87
N ARG A 170 -22.63 5.85 4.16
CA ARG A 170 -22.14 4.50 4.37
C ARG A 170 -21.45 4.39 5.74
N TYR A 171 -20.76 5.46 6.19
CA TYR A 171 -20.16 5.49 7.53
C TYR A 171 -21.28 5.38 8.59
N LEU A 172 -22.34 6.24 8.48
CA LEU A 172 -23.46 6.24 9.40
C LEU A 172 -24.20 4.90 9.38
N MET A 173 -24.38 4.32 8.18
CA MET A 173 -25.01 3.02 7.96
C MET A 173 -24.22 1.92 8.69
N GLY A 174 -22.89 1.97 8.55
CA GLY A 174 -21.95 1.04 9.17
C GLY A 174 -22.01 1.05 10.69
N GLU A 175 -22.16 2.27 11.26
CA GLU A 175 -22.26 2.53 12.69
C GLU A 175 -23.51 1.87 13.27
N ARG A 176 -24.67 2.07 12.62
CA ARG A 176 -25.94 1.49 13.05
C ARG A 176 -25.90 -0.04 13.04
N LEU A 177 -25.28 -0.66 11.99
CA LEU A 177 -25.26 -2.11 11.81
C LEU A 177 -24.04 -2.84 12.38
N GLY A 178 -23.05 -2.10 12.88
CA GLY A 178 -21.80 -2.66 13.37
C GLY A 178 -21.02 -3.40 12.29
N VAL A 179 -21.04 -2.86 11.05
CA VAL A 179 -20.38 -3.44 9.88
C VAL A 179 -19.47 -2.37 9.24
N HIS A 180 -18.34 -2.77 8.62
CA HIS A 180 -17.45 -1.80 7.96
C HIS A 180 -18.18 -1.13 6.77
N PRO A 181 -18.06 0.23 6.59
CA PRO A 181 -18.73 0.90 5.44
C PRO A 181 -18.49 0.28 4.06
N LEU A 182 -17.34 -0.42 3.87
CA LEU A 182 -17.04 -1.11 2.61
C LEU A 182 -18.07 -2.18 2.32
N SER A 183 -18.63 -2.79 3.38
CA SER A 183 -19.64 -3.85 3.26
C SER A 183 -21.09 -3.32 3.34
N CYS A 184 -21.27 -2.01 3.68
CA CYS A 184 -22.57 -1.31 3.73
C CYS A 184 -22.76 -0.49 2.44
N HIS A 185 -23.58 -1.01 1.51
CA HIS A 185 -23.82 -0.37 0.23
C HIS A 185 -25.03 0.55 0.30
N GLY A 186 -24.90 1.74 -0.28
CA GLY A 186 -25.94 2.76 -0.27
C GLY A 186 -25.57 3.92 -1.18
N TRP A 187 -26.54 4.40 -1.95
CA TRP A 187 -26.30 5.47 -2.91
C TRP A 187 -27.14 6.73 -2.65
N VAL A 188 -26.45 7.85 -2.52
CA VAL A 188 -27.05 9.16 -2.38
C VAL A 188 -26.80 9.80 -3.75
N LEU A 189 -27.87 10.19 -4.45
CA LEU A 189 -27.75 10.73 -5.80
C LEU A 189 -28.35 12.14 -5.98
N GLY A 190 -28.22 12.67 -7.19
CA GLY A 190 -28.77 13.97 -7.56
C GLY A 190 -27.84 15.11 -7.24
N GLU A 191 -28.41 16.13 -6.62
CA GLU A 191 -27.71 17.36 -6.26
C GLU A 191 -26.91 17.21 -4.97
N HIS A 192 -25.59 17.48 -5.02
CA HIS A 192 -24.73 17.41 -3.85
C HIS A 192 -25.13 18.45 -2.80
N GLY A 193 -25.18 18.00 -1.55
CA GLY A 193 -25.52 18.85 -0.42
C GLY A 193 -26.89 18.60 0.16
N ASP A 194 -27.54 19.70 0.59
CA ASP A 194 -28.86 19.72 1.23
C ASP A 194 -29.97 18.97 0.49
N SER A 195 -30.00 19.06 -0.83
CA SER A 195 -31.05 18.48 -1.66
C SER A 195 -30.73 17.10 -2.24
N SER A 196 -29.75 16.39 -1.67
CA SER A 196 -29.36 15.04 -2.14
C SER A 196 -30.47 14.02 -1.93
N VAL A 197 -30.48 12.96 -2.75
CA VAL A 197 -31.52 11.94 -2.74
C VAL A 197 -30.99 10.56 -2.32
N PRO A 198 -31.34 10.06 -1.12
CA PRO A 198 -30.92 8.68 -0.77
C PRO A 198 -31.78 7.67 -1.52
N VAL A 199 -31.13 6.70 -2.21
CA VAL A 199 -31.85 5.67 -2.98
C VAL A 199 -32.01 4.44 -2.09
N TRP A 200 -33.11 4.42 -1.33
CA TRP A 200 -33.46 3.39 -0.36
C TRP A 200 -33.48 1.99 -0.91
N SER A 201 -33.97 1.81 -2.16
CA SER A 201 -34.10 0.51 -2.83
C SER A 201 -32.76 -0.20 -3.04
N GLY A 202 -31.66 0.54 -3.09
CA GLY A 202 -30.32 0.02 -3.31
C GLY A 202 -29.49 -0.20 -2.07
N MET A 203 -29.99 0.25 -0.91
CA MET A 203 -29.34 0.12 0.39
C MET A 203 -29.31 -1.36 0.77
N ASN A 204 -28.10 -1.96 0.90
CA ASN A 204 -27.95 -3.38 1.20
C ASN A 204 -26.64 -3.78 1.88
N VAL A 205 -26.66 -4.99 2.44
CA VAL A 205 -25.50 -5.67 3.03
C VAL A 205 -25.54 -7.07 2.41
N ALA A 206 -24.44 -7.50 1.80
CA ALA A 206 -24.30 -8.82 1.18
C ALA A 206 -25.41 -9.17 0.18
N GLY A 207 -25.88 -8.15 -0.54
CA GLY A 207 -26.93 -8.28 -1.54
C GLY A 207 -28.32 -8.40 -0.96
N VAL A 208 -28.47 -8.26 0.38
CA VAL A 208 -29.75 -8.33 1.08
C VAL A 208 -30.33 -6.91 1.17
N SER A 209 -31.37 -6.62 0.36
CA SER A 209 -32.03 -5.31 0.32
C SER A 209 -32.71 -4.99 1.63
N LEU A 210 -32.36 -3.84 2.21
CA LEU A 210 -32.91 -3.37 3.49
C LEU A 210 -34.39 -2.99 3.35
N LYS A 211 -34.77 -2.43 2.20
CA LYS A 211 -36.14 -2.00 1.90
C LYS A 211 -37.06 -3.22 1.75
N THR A 212 -36.54 -4.34 1.21
CA THR A 212 -37.27 -5.60 1.05
C THR A 212 -37.62 -6.20 2.43
N LEU A 213 -36.65 -6.18 3.36
CA LEU A 213 -36.83 -6.70 4.72
C LEU A 213 -37.69 -5.77 5.59
N HIS A 214 -37.58 -4.46 5.36
CA HIS A 214 -38.23 -3.39 6.14
C HIS A 214 -38.89 -2.41 5.16
N PRO A 215 -40.16 -2.66 4.71
CA PRO A 215 -40.79 -1.79 3.70
C PRO A 215 -40.92 -0.32 4.07
N ASP A 216 -41.02 0.03 5.37
CA ASP A 216 -41.10 1.42 5.81
C ASP A 216 -39.75 2.16 5.88
N LEU A 217 -38.68 1.61 5.25
CA LEU A 217 -37.33 2.20 5.20
C LEU A 217 -37.35 3.48 4.36
N GLY A 218 -36.97 4.58 4.99
CA GLY A 218 -36.96 5.89 4.35
C GLY A 218 -38.30 6.60 4.28
N THR A 219 -39.35 6.00 4.86
CA THR A 219 -40.69 6.59 4.93
C THR A 219 -40.76 7.32 6.28
N ASP A 220 -41.54 8.42 6.36
CA ASP A 220 -41.66 9.18 7.62
C ASP A 220 -42.37 8.38 8.74
N LYS A 221 -43.04 7.28 8.39
CA LYS A 221 -43.76 6.41 9.29
C LYS A 221 -42.86 5.38 10.00
N ASP A 222 -41.60 5.23 9.52
CA ASP A 222 -40.57 4.32 10.03
C ASP A 222 -40.36 4.42 11.54
N LYS A 223 -40.57 3.30 12.24
CA LYS A 223 -40.40 3.20 13.69
C LYS A 223 -38.93 3.29 14.07
N GLU A 224 -38.04 2.73 13.24
CA GLU A 224 -36.60 2.73 13.47
C GLU A 224 -35.92 4.02 12.99
N GLN A 225 -36.70 4.89 12.30
CA GLN A 225 -36.29 6.20 11.78
C GLN A 225 -34.98 6.17 10.98
N TRP A 226 -34.90 5.27 9.98
CA TRP A 226 -33.75 5.15 9.08
C TRP A 226 -33.62 6.37 8.16
N LYS A 227 -34.71 7.13 8.00
CA LYS A 227 -34.74 8.36 7.20
C LYS A 227 -33.79 9.39 7.83
N GLU A 228 -33.65 9.34 9.16
CA GLU A 228 -32.76 10.22 9.92
C GLU A 228 -31.27 9.92 9.67
N VAL A 229 -30.93 8.79 9.02
CA VAL A 229 -29.56 8.43 8.64
C VAL A 229 -29.10 9.41 7.54
N HIS A 230 -29.96 9.69 6.54
CA HIS A 230 -29.70 10.67 5.49
C HIS A 230 -29.72 12.10 6.05
N LYS A 231 -30.63 12.39 7.01
CA LYS A 231 -30.70 13.71 7.63
C LYS A 231 -29.44 14.01 8.45
N GLN A 232 -28.83 12.96 9.05
CA GLN A 232 -27.59 13.06 9.82
C GLN A 232 -26.37 13.37 8.91
N VAL A 233 -26.45 13.02 7.61
CA VAL A 233 -25.42 13.29 6.60
C VAL A 233 -25.36 14.79 6.44
N VAL A 234 -26.53 15.42 6.26
CA VAL A 234 -26.70 16.86 6.13
C VAL A 234 -26.27 17.55 7.42
N GLU A 235 -26.80 17.09 8.58
CA GLU A 235 -26.48 17.62 9.90
C GLU A 235 -24.99 17.58 10.23
N SER A 236 -24.32 16.43 9.95
CA SER A 236 -22.89 16.25 10.24
C SER A 236 -22.02 17.24 9.47
N ALA A 237 -22.41 17.59 8.23
CA ALA A 237 -21.70 18.55 7.39
C ALA A 237 -21.70 19.92 8.05
N TYR A 238 -22.86 20.37 8.58
CA TYR A 238 -22.99 21.65 9.29
C TYR A 238 -22.27 21.59 10.63
N GLU A 239 -22.29 20.43 11.30
CA GLU A 239 -21.65 20.25 12.59
C GLU A 239 -20.14 20.39 12.45
N VAL A 240 -19.52 19.68 11.49
CA VAL A 240 -18.09 19.77 11.21
C VAL A 240 -17.66 21.24 11.00
N ILE A 241 -18.42 21.99 10.18
CA ILE A 241 -18.18 23.42 9.90
C ILE A 241 -18.25 24.26 11.16
N LYS A 242 -19.26 24.04 12.01
CA LYS A 242 -19.42 24.75 13.28
C LYS A 242 -18.25 24.45 14.24
N LEU A 243 -17.81 23.19 14.28
CA LEU A 243 -16.77 22.69 15.19
C LEU A 243 -15.34 23.02 14.79
N LYS A 244 -14.95 22.83 13.51
CA LYS A 244 -13.56 23.10 13.10
C LYS A 244 -13.43 24.21 12.03
N GLY A 245 -14.55 24.65 11.46
CA GLY A 245 -14.57 25.75 10.50
C GLY A 245 -14.55 25.40 9.03
N TYR A 246 -14.22 24.12 8.71
CA TYR A 246 -14.10 23.63 7.32
C TYR A 246 -14.07 22.09 7.33
N THR A 247 -14.08 21.47 6.14
CA THR A 247 -13.97 20.01 6.00
C THR A 247 -12.78 19.73 5.10
N SER A 248 -11.94 18.76 5.46
CA SER A 248 -10.78 18.51 4.62
C SER A 248 -10.45 17.03 4.39
N TRP A 249 -10.23 16.26 5.47
CA TRP A 249 -9.80 14.87 5.38
C TRP A 249 -10.76 13.98 4.59
N ALA A 250 -12.05 14.01 4.93
CA ALA A 250 -13.08 13.20 4.27
C ALA A 250 -13.18 13.47 2.76
N ILE A 251 -13.17 14.75 2.37
CA ILE A 251 -13.26 15.14 0.95
C ILE A 251 -11.98 14.74 0.20
N GLY A 252 -10.81 15.00 0.80
CA GLY A 252 -9.50 14.66 0.23
C GLY A 252 -9.34 13.18 -0.04
N LEU A 253 -9.80 12.33 0.91
CA LEU A 253 -9.77 10.88 0.76
C LEU A 253 -10.72 10.39 -0.34
N SER A 254 -11.90 11.02 -0.44
CA SER A 254 -12.89 10.63 -1.47
C SER A 254 -12.43 11.00 -2.88
N VAL A 255 -11.79 12.16 -3.03
CA VAL A 255 -11.23 12.67 -4.29
C VAL A 255 -10.11 11.74 -4.76
N ALA A 256 -9.24 11.31 -3.81
CA ALA A 256 -8.15 10.37 -4.07
C ALA A 256 -8.69 9.04 -4.59
N ASP A 257 -9.83 8.58 -4.04
CA ASP A 257 -10.51 7.37 -4.48
C ASP A 257 -10.98 7.50 -5.94
N LEU A 258 -11.48 8.68 -6.33
CA LEU A 258 -11.88 8.96 -7.72
C LEU A 258 -10.63 8.96 -8.61
N ALA A 259 -9.58 9.70 -8.19
CA ALA A 259 -8.29 9.82 -8.88
C ALA A 259 -7.68 8.45 -9.17
N GLU A 260 -7.77 7.52 -8.20
CA GLU A 260 -7.24 6.16 -8.36
C GLU A 260 -7.93 5.42 -9.51
N SER A 261 -9.27 5.50 -9.60
CA SER A 261 -10.01 4.82 -10.67
C SER A 261 -9.66 5.39 -12.04
N ILE A 262 -9.51 6.73 -12.12
CA ILE A 262 -9.14 7.43 -13.34
C ILE A 262 -7.70 7.07 -13.76
N MET A 263 -6.72 7.33 -12.87
CA MET A 263 -5.29 7.08 -13.11
C MET A 263 -4.96 5.62 -13.45
N LYS A 264 -5.60 4.68 -12.78
CA LYS A 264 -5.32 3.25 -12.97
C LYS A 264 -6.29 2.57 -13.93
N ASN A 265 -7.24 3.35 -14.54
CA ASN A 265 -8.26 2.85 -15.47
C ASN A 265 -9.00 1.63 -14.85
N LEU A 266 -9.48 1.78 -13.62
CA LEU A 266 -10.11 0.65 -12.92
C LEU A 266 -11.51 0.29 -13.39
N ARG A 267 -12.31 1.26 -13.86
CA ARG A 267 -13.70 1.03 -14.31
C ARG A 267 -14.59 0.61 -13.14
N ARG A 268 -14.37 1.27 -12.00
CA ARG A 268 -15.15 1.12 -10.79
C ARG A 268 -16.28 2.11 -10.91
N VAL A 269 -17.40 1.84 -10.22
CA VAL A 269 -18.60 2.66 -10.22
C VAL A 269 -18.53 3.62 -9.02
N HIS A 270 -18.74 4.90 -9.26
CA HIS A 270 -18.70 5.95 -8.24
C HIS A 270 -19.85 6.92 -8.39
N PRO A 271 -20.40 7.49 -7.30
CA PRO A 271 -21.46 8.49 -7.47
C PRO A 271 -20.85 9.86 -7.75
N VAL A 272 -20.78 10.23 -9.03
CA VAL A 272 -20.18 11.50 -9.47
C VAL A 272 -21.13 12.31 -10.35
N SER A 273 -20.92 13.62 -10.37
CA SER A 273 -21.73 14.53 -11.14
C SER A 273 -21.38 14.49 -12.63
N THR A 274 -22.39 14.18 -13.46
CA THR A 274 -22.28 14.09 -14.91
C THR A 274 -23.48 14.76 -15.59
N MET A 275 -23.34 15.10 -16.88
CA MET A 275 -24.37 15.69 -17.74
C MET A 275 -25.56 14.70 -17.82
N ILE A 276 -26.61 14.94 -17.04
CA ILE A 276 -27.77 14.04 -16.92
C ILE A 276 -28.88 14.26 -17.99
N LYS A 277 -28.71 15.23 -18.93
CA LYS A 277 -29.73 15.49 -19.98
C LYS A 277 -30.06 14.23 -20.81
N GLY A 278 -31.33 13.87 -20.81
CA GLY A 278 -31.86 12.71 -21.52
C GLY A 278 -32.37 11.62 -20.60
N LEU A 279 -32.17 11.77 -19.28
CA LEU A 279 -32.62 10.82 -18.26
C LEU A 279 -33.50 11.49 -17.21
N TYR A 280 -34.46 10.72 -16.66
CA TYR A 280 -35.41 11.12 -15.61
C TYR A 280 -36.25 12.36 -15.97
N GLY A 281 -36.56 12.49 -17.26
CA GLY A 281 -37.35 13.62 -17.77
C GLY A 281 -36.61 14.94 -17.76
N ILE A 282 -35.29 14.91 -17.51
CA ILE A 282 -34.44 16.10 -17.49
C ILE A 282 -34.07 16.40 -18.93
N LYS A 283 -34.46 17.60 -19.39
CA LYS A 283 -34.26 18.07 -20.76
C LYS A 283 -33.26 19.25 -20.81
N ASP A 284 -32.64 19.57 -19.66
CA ASP A 284 -31.70 20.68 -19.58
C ASP A 284 -30.24 20.27 -19.41
N ASP A 285 -29.29 21.19 -19.75
CA ASP A 285 -27.86 20.93 -19.60
C ASP A 285 -27.45 21.06 -18.14
N VAL A 286 -27.82 20.06 -17.34
CA VAL A 286 -27.48 20.06 -15.93
C VAL A 286 -26.65 18.83 -15.57
N PHE A 287 -25.78 18.99 -14.58
CA PHE A 287 -24.91 17.96 -14.07
C PHE A 287 -25.45 17.53 -12.72
N LEU A 288 -25.75 16.23 -12.59
CA LEU A 288 -26.25 15.63 -11.36
C LEU A 288 -25.54 14.31 -11.11
N SER A 289 -25.53 13.86 -9.84
CA SER A 289 -24.85 12.62 -9.51
C SER A 289 -25.68 11.41 -9.80
N VAL A 290 -25.06 10.47 -10.50
CA VAL A 290 -25.54 9.14 -10.85
C VAL A 290 -24.32 8.22 -10.75
N PRO A 291 -24.48 6.88 -10.64
CA PRO A 291 -23.29 6.03 -10.56
C PRO A 291 -22.64 5.93 -11.93
N CYS A 292 -21.34 6.32 -12.01
CA CYS A 292 -20.58 6.36 -13.25
C CYS A 292 -19.40 5.41 -13.21
N ILE A 293 -19.08 4.82 -14.35
CA ILE A 293 -17.91 3.96 -14.51
C ILE A 293 -16.75 4.91 -14.83
N LEU A 294 -15.72 4.96 -13.96
CA LEU A 294 -14.58 5.86 -14.11
C LEU A 294 -13.31 5.12 -14.50
N GLY A 295 -12.65 5.62 -15.53
CA GLY A 295 -11.40 5.06 -16.06
C GLY A 295 -10.50 6.10 -16.72
N GLN A 296 -9.65 5.67 -17.65
CA GLN A 296 -8.69 6.52 -18.37
C GLN A 296 -9.35 7.61 -19.26
N ASN A 297 -10.60 7.42 -19.70
CA ASN A 297 -11.32 8.40 -20.52
C ASN A 297 -12.31 9.23 -19.68
N GLY A 298 -12.23 9.09 -18.35
CA GLY A 298 -13.14 9.75 -17.42
C GLY A 298 -14.40 8.93 -17.28
N ILE A 299 -15.57 9.56 -17.51
CA ILE A 299 -16.84 8.86 -17.43
C ILE A 299 -17.09 8.20 -18.77
N SER A 300 -16.83 6.88 -18.88
CA SER A 300 -17.06 6.17 -20.14
C SER A 300 -18.51 5.66 -20.23
N ASP A 301 -19.12 5.39 -19.08
CA ASP A 301 -20.46 4.81 -18.98
C ASP A 301 -21.16 5.25 -17.70
N LEU A 302 -22.49 5.14 -17.67
CA LEU A 302 -23.24 5.41 -16.46
C LEU A 302 -24.30 4.33 -16.19
N VAL A 303 -24.56 4.09 -14.91
CA VAL A 303 -25.54 3.10 -14.45
C VAL A 303 -26.93 3.75 -14.43
N LYS A 304 -27.90 3.11 -15.10
CA LYS A 304 -29.28 3.57 -15.19
C LYS A 304 -30.07 3.05 -14.00
N VAL A 305 -30.06 3.84 -12.91
CA VAL A 305 -30.73 3.51 -11.66
C VAL A 305 -32.24 3.68 -11.82
N THR A 306 -32.98 2.65 -11.39
CA THR A 306 -34.44 2.65 -11.37
C THR A 306 -34.86 3.48 -10.15
N LEU A 307 -35.51 4.61 -10.41
CA LEU A 307 -35.97 5.47 -9.31
C LEU A 307 -37.48 5.39 -9.13
N THR A 308 -37.95 5.56 -7.88
CA THR A 308 -39.39 5.67 -7.57
C THR A 308 -39.80 7.04 -8.16
N SER A 309 -41.09 7.28 -8.40
CA SER A 309 -41.53 8.57 -8.97
C SER A 309 -41.20 9.79 -8.09
N GLU A 310 -41.09 9.62 -6.76
CA GLU A 310 -40.75 10.72 -5.85
C GLU A 310 -39.24 11.03 -5.90
N GLU A 311 -38.40 9.98 -6.14
CA GLU A 311 -36.96 10.16 -6.32
C GLU A 311 -36.77 10.89 -7.66
N GLU A 312 -37.54 10.50 -8.69
CA GLU A 312 -37.48 11.17 -9.99
C GLU A 312 -37.94 12.63 -9.92
N ALA A 313 -39.02 12.93 -9.16
CA ALA A 313 -39.53 14.29 -8.99
C ALA A 313 -38.53 15.19 -8.30
N ARG A 314 -37.83 14.64 -7.27
CA ARG A 314 -36.79 15.37 -6.54
C ARG A 314 -35.59 15.73 -7.46
N LEU A 315 -35.23 14.80 -8.37
CA LEU A 315 -34.18 14.99 -9.36
C LEU A 315 -34.54 16.09 -10.35
N LYS A 316 -35.80 16.09 -10.83
CA LYS A 316 -36.34 17.06 -11.78
C LYS A 316 -36.40 18.46 -11.16
N LYS A 317 -36.79 18.55 -9.87
CA LYS A 317 -36.87 19.81 -9.13
C LYS A 317 -35.46 20.42 -8.97
N SER A 318 -34.46 19.58 -8.64
CA SER A 318 -33.07 19.99 -8.51
C SER A 318 -32.56 20.52 -9.86
N ALA A 319 -32.88 19.82 -10.95
CA ALA A 319 -32.51 20.19 -12.33
C ALA A 319 -33.07 21.57 -12.70
N ASP A 320 -34.35 21.84 -12.39
CA ASP A 320 -35.04 23.12 -12.63
C ASP A 320 -34.38 24.25 -11.85
N THR A 321 -34.02 24.01 -10.58
CA THR A 321 -33.36 25.00 -9.72
C THR A 321 -31.97 25.33 -10.27
N LEU A 322 -31.19 24.30 -10.65
CA LEU A 322 -29.84 24.49 -11.20
C LEU A 322 -29.88 25.21 -12.53
N TRP A 323 -30.84 24.87 -13.40
CA TRP A 323 -30.96 25.53 -14.69
C TRP A 323 -31.35 26.99 -14.55
N GLY A 324 -32.20 27.28 -13.58
CA GLY A 324 -32.66 28.62 -13.26
C GLY A 324 -31.51 29.57 -12.96
N ILE A 325 -30.47 29.06 -12.26
CA ILE A 325 -29.26 29.82 -11.93
C ILE A 325 -28.37 29.90 -13.16
N GLN A 326 -28.10 28.73 -13.80
CA GLN A 326 -27.24 28.56 -14.97
C GLN A 326 -27.57 29.46 -16.17
N LYS A 327 -28.88 29.63 -16.47
CA LYS A 327 -29.32 30.47 -17.59
C LYS A 327 -28.97 31.98 -17.37
N GLU A 328 -28.90 32.43 -16.07
CA GLU A 328 -28.60 33.80 -15.62
C GLU A 328 -27.10 34.03 -15.37
N LEU A 329 -26.26 33.04 -15.70
CA LEU A 329 -24.81 33.10 -15.49
C LEU A 329 -24.12 33.80 -16.65
N GLN A 330 -23.23 34.75 -16.32
CA GLN A 330 -22.49 35.49 -17.35
C GLN A 330 -21.02 35.05 -17.41
N PHE A 331 -20.64 34.48 -18.57
CA PHE A 331 -19.30 33.98 -18.89
C PHE A 331 -19.16 33.73 -20.39
N ALA B 1 -38.25 -7.02 17.06
CA ALA B 1 -36.96 -7.14 16.39
C ALA B 1 -36.61 -5.97 15.46
N THR B 2 -35.42 -5.38 15.68
CA THR B 2 -34.88 -4.29 14.87
C THR B 2 -34.45 -4.79 13.46
N LEU B 3 -34.14 -3.86 12.55
CA LEU B 3 -33.63 -4.17 11.22
C LEU B 3 -32.27 -4.86 11.33
N LYS B 4 -31.42 -4.40 12.26
CA LYS B 4 -30.11 -4.99 12.54
C LYS B 4 -30.28 -6.48 12.91
N ASP B 5 -31.21 -6.79 13.84
CA ASP B 5 -31.48 -8.16 14.27
C ASP B 5 -32.13 -9.01 13.17
N GLN B 6 -32.96 -8.39 12.31
CA GLN B 6 -33.61 -9.09 11.20
C GLN B 6 -32.58 -9.44 10.11
N LEU B 7 -31.56 -8.60 9.93
CA LEU B 7 -30.53 -8.77 8.91
C LEU B 7 -29.32 -9.60 9.38
N ILE B 8 -28.85 -9.33 10.60
CA ILE B 8 -27.65 -9.96 11.16
C ILE B 8 -27.93 -10.80 12.39
N TYR B 9 -27.48 -12.07 12.36
CA TYR B 9 -27.54 -12.97 13.50
C TYR B 9 -26.18 -12.90 14.19
N ASN B 10 -26.18 -12.49 15.45
CA ASN B 10 -24.96 -12.32 16.25
C ASN B 10 -24.52 -13.64 16.90
N LEU B 11 -23.23 -13.99 16.74
CA LEU B 11 -22.65 -15.19 17.36
C LEU B 11 -22.17 -14.86 18.77
N LEU B 12 -21.43 -13.75 18.92
CA LEU B 12 -20.95 -13.19 20.18
C LEU B 12 -20.74 -11.68 20.08
N LYS B 13 -20.97 -10.95 21.18
CA LYS B 13 -20.78 -9.50 21.24
C LYS B 13 -19.60 -9.12 22.16
N GLU B 14 -18.56 -9.97 22.14
CA GLU B 14 -17.33 -9.82 22.91
C GLU B 14 -16.45 -8.70 22.34
N THR B 17 -10.95 -5.73 22.59
CA THR B 17 -10.08 -4.65 23.04
C THR B 17 -9.06 -4.33 21.95
N PRO B 18 -8.59 -3.08 21.81
CA PRO B 18 -7.65 -2.80 20.72
C PRO B 18 -6.32 -3.53 20.86
N GLN B 19 -5.81 -4.06 19.74
CA GLN B 19 -4.55 -4.79 19.67
C GLN B 19 -3.37 -3.90 19.25
N ASN B 20 -3.62 -2.94 18.35
CA ASN B 20 -2.59 -2.02 17.84
C ASN B 20 -3.11 -0.59 17.88
N LYS B 21 -3.31 -0.09 19.10
CA LYS B 21 -3.86 1.25 19.30
C LYS B 21 -2.79 2.33 19.36
N ILE B 22 -3.04 3.45 18.69
CA ILE B 22 -2.18 4.63 18.69
C ILE B 22 -2.98 5.82 19.20
N THR B 23 -2.35 6.62 20.07
CA THR B 23 -2.94 7.85 20.58
C THR B 23 -2.12 9.03 20.09
N VAL B 24 -2.81 10.08 19.64
CA VAL B 24 -2.21 11.34 19.26
C VAL B 24 -2.74 12.40 20.24
N VAL B 25 -1.84 13.06 20.99
CA VAL B 25 -2.17 14.11 21.95
C VAL B 25 -1.82 15.45 21.34
N GLY B 26 -2.84 16.29 21.16
CA GLY B 26 -2.73 17.61 20.53
C GLY B 26 -3.14 17.48 19.08
N VAL B 27 -4.34 17.97 18.73
CA VAL B 27 -4.87 17.86 17.37
C VAL B 27 -4.69 19.14 16.56
N GLY B 28 -3.51 19.74 16.67
CA GLY B 28 -3.17 20.90 15.86
C GLY B 28 -2.70 20.45 14.50
N ALA B 29 -1.97 21.34 13.80
CA ALA B 29 -1.44 21.06 12.47
C ALA B 29 -0.53 19.84 12.41
N VAL B 30 0.34 19.66 13.42
CA VAL B 30 1.28 18.53 13.51
C VAL B 30 0.52 17.25 13.84
N GLY B 31 -0.27 17.29 14.92
CA GLY B 31 -1.07 16.17 15.37
C GLY B 31 -1.96 15.56 14.31
N MET B 32 -2.68 16.41 13.54
CA MET B 32 -3.57 15.97 12.47
C MET B 32 -2.84 15.39 11.28
N ALA B 33 -1.63 15.94 10.96
CA ALA B 33 -0.77 15.46 9.89
C ALA B 33 -0.20 14.08 10.24
N CYS B 34 0.10 13.84 11.55
CA CYS B 34 0.57 12.54 12.07
C CYS B 34 -0.59 11.54 11.95
N ALA B 35 -1.81 11.97 12.35
CA ALA B 35 -3.02 11.17 12.30
C ALA B 35 -3.31 10.63 10.88
N ILE B 36 -3.37 11.52 9.88
CA ILE B 36 -3.69 11.14 8.49
C ILE B 36 -2.60 10.23 7.89
N SER B 37 -1.32 10.47 8.22
CA SER B 37 -0.20 9.66 7.74
C SER B 37 -0.25 8.24 8.31
N ILE B 38 -0.62 8.12 9.61
CA ILE B 38 -0.76 6.84 10.31
C ILE B 38 -1.96 6.09 9.73
N LEU B 39 -3.08 6.79 9.55
CA LEU B 39 -4.29 6.21 8.99
C LEU B 39 -4.07 5.70 7.58
N MET B 40 -3.37 6.49 6.74
CA MET B 40 -3.10 6.09 5.35
C MET B 40 -2.06 4.98 5.23
N LYS B 41 -1.20 4.78 6.27
CA LYS B 41 -0.23 3.71 6.29
C LYS B 41 -0.77 2.40 6.90
N ASP B 42 -2.02 2.41 7.41
CA ASP B 42 -2.69 1.25 8.04
C ASP B 42 -1.88 0.68 9.21
N LEU B 43 -1.43 1.55 10.12
CA LEU B 43 -0.61 1.10 11.25
C LEU B 43 -1.42 0.72 12.50
N ALA B 44 -2.61 1.28 12.63
CA ALA B 44 -3.41 1.07 13.82
C ALA B 44 -4.80 0.52 13.54
N ASP B 45 -5.32 -0.28 14.48
CA ASP B 45 -6.69 -0.77 14.39
C ASP B 45 -7.61 0.20 15.14
N GLU B 46 -7.00 1.09 15.95
CA GLU B 46 -7.70 2.14 16.69
C GLU B 46 -6.82 3.38 16.82
N LEU B 47 -7.42 4.54 16.61
CA LEU B 47 -6.76 5.82 16.75
C LEU B 47 -7.54 6.68 17.76
N ALA B 48 -6.84 7.11 18.81
CA ALA B 48 -7.42 7.95 19.85
C ALA B 48 -6.84 9.37 19.75
N LEU B 49 -7.70 10.38 19.80
CA LEU B 49 -7.26 11.77 19.71
C LEU B 49 -7.60 12.50 20.98
N VAL B 50 -6.65 13.27 21.52
CA VAL B 50 -6.84 14.05 22.74
C VAL B 50 -6.42 15.49 22.51
N ASP B 51 -7.14 16.44 23.14
CA ASP B 51 -6.85 17.87 23.10
C ASP B 51 -7.61 18.55 24.25
N VAL B 52 -7.38 19.85 24.48
CA VAL B 52 -8.09 20.63 25.49
C VAL B 52 -9.26 21.40 24.86
N ILE B 53 -9.15 21.75 23.56
CA ILE B 53 -10.19 22.45 22.81
C ILE B 53 -11.22 21.40 22.33
N GLU B 54 -12.32 21.24 23.08
CA GLU B 54 -13.37 20.26 22.81
C GLU B 54 -14.00 20.34 21.42
N ASP B 55 -14.38 21.56 20.93
CA ASP B 55 -15.05 21.72 19.63
C ASP B 55 -14.17 21.28 18.47
N LYS B 56 -12.93 21.80 18.37
CA LYS B 56 -11.93 21.45 17.35
C LYS B 56 -11.69 19.93 17.37
N LEU B 57 -11.58 19.33 18.58
CA LEU B 57 -11.33 17.91 18.78
C LEU B 57 -12.45 17.06 18.18
N LYS B 58 -13.73 17.38 18.49
CA LYS B 58 -14.89 16.66 17.96
C LYS B 58 -14.95 16.78 16.43
N GLY B 59 -14.72 17.99 15.90
CA GLY B 59 -14.70 18.28 14.48
C GLY B 59 -13.66 17.46 13.73
N GLU B 60 -12.42 17.42 14.24
CA GLU B 60 -11.33 16.65 13.65
C GLU B 60 -11.61 15.13 13.65
N MET B 61 -12.18 14.62 14.75
CA MET B 61 -12.54 13.21 14.88
C MET B 61 -13.62 12.86 13.84
N MET B 62 -14.66 13.71 13.72
CA MET B 62 -15.76 13.51 12.79
C MET B 62 -15.29 13.50 11.35
N ASP B 63 -14.43 14.47 11.00
CA ASP B 63 -13.86 14.59 9.66
C ASP B 63 -13.09 13.33 9.27
N LEU B 64 -12.32 12.76 10.22
CA LEU B 64 -11.59 11.51 9.97
C LEU B 64 -12.55 10.34 9.83
N GLN B 65 -13.58 10.27 10.71
CA GLN B 65 -14.60 9.21 10.69
C GLN B 65 -15.36 9.18 9.39
N HIS B 66 -15.68 10.35 8.82
CA HIS B 66 -16.41 10.42 7.54
C HIS B 66 -15.61 9.86 6.35
N GLY B 67 -14.30 9.66 6.52
CA GLY B 67 -13.43 9.10 5.51
C GLY B 67 -13.14 7.62 5.69
N SER B 68 -13.81 6.96 6.67
CA SER B 68 -13.65 5.55 7.03
C SER B 68 -13.73 4.58 5.86
N LEU B 69 -14.63 4.85 4.89
CA LEU B 69 -14.84 4.04 3.69
C LEU B 69 -13.54 3.82 2.90
N PHE B 70 -12.62 4.81 2.96
CA PHE B 70 -11.33 4.79 2.25
C PHE B 70 -10.16 4.42 3.16
N LEU B 71 -10.44 4.01 4.41
CA LEU B 71 -9.43 3.63 5.39
C LEU B 71 -9.57 2.20 5.86
N ARG B 72 -8.54 1.69 6.56
CA ARG B 72 -8.49 0.34 7.11
C ARG B 72 -8.27 0.40 8.64
N THR B 73 -8.81 1.46 9.26
CA THR B 73 -8.77 1.71 10.70
C THR B 73 -10.23 1.76 11.14
N PRO B 74 -10.75 0.65 11.69
CA PRO B 74 -12.19 0.59 12.00
C PRO B 74 -12.69 1.50 13.12
N LYS B 75 -11.81 2.01 14.00
CA LYS B 75 -12.28 2.84 15.10
C LYS B 75 -11.44 4.09 15.37
N ILE B 76 -12.12 5.24 15.35
CA ILE B 76 -11.53 6.54 15.64
C ILE B 76 -12.29 7.16 16.80
N VAL B 77 -11.60 7.37 17.93
CA VAL B 77 -12.19 7.95 19.15
C VAL B 77 -11.46 9.23 19.56
N SER B 78 -12.16 10.09 20.29
CA SER B 78 -11.59 11.32 20.81
C SER B 78 -12.17 11.68 22.15
N GLY B 79 -11.47 12.53 22.89
CA GLY B 79 -11.93 12.99 24.19
C GLY B 79 -10.92 13.79 24.97
N LYS B 80 -11.45 14.59 25.90
CA LYS B 80 -10.68 15.42 26.82
C LYS B 80 -10.12 14.51 27.93
N ASP B 81 -10.89 13.46 28.30
CA ASP B 81 -10.52 12.47 29.30
C ASP B 81 -9.62 11.42 28.66
N TYR B 82 -8.56 11.03 29.37
CA TYR B 82 -7.58 10.06 28.87
C TYR B 82 -8.04 8.61 28.90
N ASN B 83 -9.27 8.34 29.41
CA ASN B 83 -9.81 6.97 29.40
C ASN B 83 -9.94 6.45 27.95
N VAL B 84 -10.05 7.37 26.96
CA VAL B 84 -10.14 7.06 25.52
C VAL B 84 -8.81 6.50 24.98
N THR B 85 -7.69 6.75 25.70
CA THR B 85 -6.32 6.35 25.31
C THR B 85 -5.88 5.02 25.91
N ALA B 86 -6.73 4.40 26.74
CA ALA B 86 -6.42 3.15 27.42
C ALA B 86 -5.84 2.07 26.49
N ASN B 87 -4.73 1.45 26.97
CA ASN B 87 -3.95 0.38 26.34
C ASN B 87 -3.40 0.72 24.94
N SER B 88 -2.90 1.94 24.77
CA SER B 88 -2.24 2.36 23.53
C SER B 88 -0.83 1.75 23.48
N LYS B 89 -0.40 1.28 22.31
CA LYS B 89 0.94 0.72 22.12
C LYS B 89 1.93 1.89 21.94
N LEU B 90 1.47 2.98 21.32
CA LEU B 90 2.28 4.17 21.06
C LEU B 90 1.48 5.44 21.32
N VAL B 91 2.09 6.38 22.06
CA VAL B 91 1.48 7.67 22.36
C VAL B 91 2.37 8.78 21.78
N ILE B 92 1.80 9.57 20.87
CA ILE B 92 2.49 10.65 20.18
C ILE B 92 2.05 11.99 20.77
N ILE B 93 2.98 12.70 21.45
CA ILE B 93 2.71 13.99 22.06
C ILE B 93 3.11 15.12 21.12
N THR B 94 2.12 15.89 20.65
CA THR B 94 2.33 17.02 19.74
C THR B 94 1.69 18.28 20.32
N ALA B 95 1.43 18.31 21.65
CA ALA B 95 0.79 19.44 22.32
C ALA B 95 1.81 20.50 22.74
N GLY B 96 1.61 21.77 22.37
CA GLY B 96 2.56 22.80 22.76
C GLY B 96 2.79 23.99 21.86
N ALA B 97 3.55 24.96 22.39
CA ALA B 97 3.88 26.23 21.72
C ALA B 97 4.70 26.02 20.46
N ARG B 98 4.22 26.60 19.34
CA ARG B 98 4.85 26.53 18.02
C ARG B 98 6.25 27.12 18.01
N LEU B 106 13.94 29.62 28.86
CA LEU B 106 13.67 29.01 30.17
C LEU B 106 12.24 29.28 30.62
N ASN B 107 11.80 30.52 30.44
CA ASN B 107 10.48 31.02 30.80
C ASN B 107 9.39 30.25 30.05
N LEU B 108 9.51 30.13 28.72
CA LEU B 108 8.55 29.41 27.87
C LEU B 108 8.63 27.88 28.07
N VAL B 109 9.85 27.34 28.26
CA VAL B 109 10.12 25.91 28.49
C VAL B 109 9.31 25.41 29.71
N GLN B 110 9.33 26.21 30.82
CA GLN B 110 8.62 25.92 32.05
C GLN B 110 7.09 25.87 31.84
N ARG B 111 6.55 26.71 30.92
CA ARG B 111 5.11 26.70 30.61
C ARG B 111 4.73 25.39 29.91
N ASN B 112 5.66 24.87 29.09
CA ASN B 112 5.47 23.60 28.40
C ASN B 112 5.66 22.41 29.35
N VAL B 113 6.43 22.62 30.44
CA VAL B 113 6.66 21.62 31.50
C VAL B 113 5.32 21.46 32.25
N ASN B 114 4.66 22.60 32.55
CA ASN B 114 3.37 22.64 33.25
C ASN B 114 2.27 21.92 32.48
N ILE B 115 2.34 21.95 31.12
CA ILE B 115 1.41 21.26 30.23
C ILE B 115 1.67 19.74 30.36
N PHE B 116 2.96 19.34 30.31
CA PHE B 116 3.41 17.96 30.43
C PHE B 116 3.15 17.38 31.83
N LYS B 117 3.07 18.23 32.88
CA LYS B 117 2.78 17.82 34.28
C LYS B 117 1.35 17.26 34.41
N PHE B 118 0.48 17.61 33.45
CA PHE B 118 -0.89 17.09 33.36
C PHE B 118 -1.01 15.94 32.35
N ILE B 119 -0.37 16.03 31.17
CA ILE B 119 -0.47 15.02 30.10
C ILE B 119 0.20 13.68 30.45
N ILE B 120 1.50 13.72 30.75
CA ILE B 120 2.32 12.53 31.01
C ILE B 120 1.71 11.65 32.11
N PRO B 121 1.33 12.11 33.34
CA PRO B 121 0.73 11.18 34.32
C PRO B 121 -0.57 10.55 33.85
N ASN B 122 -1.35 11.29 33.04
CA ASN B 122 -2.60 10.80 32.47
C ASN B 122 -2.36 9.74 31.40
N VAL B 123 -1.25 9.84 30.68
CA VAL B 123 -0.89 8.90 29.63
C VAL B 123 -0.42 7.56 30.25
N VAL B 124 0.49 7.61 31.24
CA VAL B 124 1.02 6.37 31.85
C VAL B 124 -0.05 5.66 32.67
N LYS B 125 -1.02 6.41 33.22
CA LYS B 125 -2.13 5.86 33.99
C LYS B 125 -2.95 4.84 33.17
N TYR B 126 -3.26 5.18 31.91
CA TYR B 126 -4.07 4.35 31.01
C TYR B 126 -3.28 3.44 30.07
N SER B 127 -2.00 3.78 29.82
CA SER B 127 -1.12 2.98 28.96
C SER B 127 0.24 2.84 29.67
N PRO B 128 0.31 2.04 30.75
CA PRO B 128 1.61 1.89 31.46
C PRO B 128 2.72 1.24 30.64
N ASN B 129 2.36 0.41 29.64
CA ASN B 129 3.32 -0.28 28.76
C ASN B 129 3.57 0.38 27.40
N CYS B 130 3.07 1.61 27.16
CA CYS B 130 3.23 2.27 25.87
C CYS B 130 4.66 2.76 25.61
N LYS B 131 4.89 3.19 24.36
CA LYS B 131 6.11 3.88 23.92
C LYS B 131 5.68 5.32 23.77
N LEU B 132 6.48 6.25 24.29
CA LEU B 132 6.17 7.67 24.20
C LEU B 132 7.02 8.28 23.11
N LEU B 133 6.37 8.97 22.17
CA LEU B 133 7.00 9.67 21.07
C LEU B 133 6.71 11.16 21.23
N ILE B 134 7.77 11.94 21.54
CA ILE B 134 7.63 13.37 21.81
C ILE B 134 7.99 14.17 20.57
N VAL B 135 7.06 15.00 20.11
CA VAL B 135 7.23 15.86 18.94
C VAL B 135 7.35 17.34 19.38
N SER B 136 6.57 17.73 20.41
CA SER B 136 6.52 19.08 20.97
C SER B 136 7.92 19.66 21.24
N ASN B 137 8.11 20.96 20.91
CA ASN B 137 9.38 21.67 21.07
C ASN B 137 9.53 22.41 22.40
N PRO B 138 10.76 22.57 22.96
CA PRO B 138 12.07 22.03 22.50
C PRO B 138 12.14 20.54 22.78
N VAL B 139 12.00 19.76 21.69
CA VAL B 139 11.86 18.32 21.66
C VAL B 139 12.87 17.60 22.56
N ASP B 140 14.17 17.99 22.57
CA ASP B 140 15.19 17.35 23.39
C ASP B 140 14.96 17.54 24.90
N ILE B 141 14.57 18.77 25.34
CA ILE B 141 14.24 19.08 26.73
C ILE B 141 12.93 18.38 27.13
N LEU B 142 11.87 18.50 26.31
CA LEU B 142 10.58 17.87 26.61
C LEU B 142 10.65 16.35 26.64
N THR B 143 11.59 15.72 25.88
CA THR B 143 11.76 14.26 25.93
C THR B 143 12.24 13.88 27.34
N TYR B 144 13.20 14.65 27.86
CA TYR B 144 13.74 14.49 29.21
C TYR B 144 12.60 14.69 30.22
N VAL B 145 11.79 15.75 30.02
CA VAL B 145 10.64 16.06 30.87
C VAL B 145 9.70 14.85 30.96
N ALA B 146 9.33 14.27 29.79
CA ALA B 146 8.45 13.11 29.69
C ALA B 146 9.05 11.89 30.38
N TRP B 147 10.37 11.70 30.23
CA TRP B 147 11.09 10.60 30.86
C TRP B 147 11.08 10.73 32.39
N LYS B 148 11.32 11.96 32.92
CA LYS B 148 11.37 12.24 34.35
C LYS B 148 10.01 12.04 35.03
N ILE B 149 8.92 12.60 34.44
CA ILE B 149 7.56 12.49 34.97
C ILE B 149 7.00 11.06 34.86
N SER B 150 7.21 10.39 33.71
CA SER B 150 6.68 9.04 33.51
C SER B 150 7.29 7.96 34.40
N GLY B 151 8.61 8.03 34.60
CA GLY B 151 9.35 7.02 35.32
C GLY B 151 9.64 5.81 34.44
N PHE B 152 9.36 5.94 33.12
CA PHE B 152 9.57 4.88 32.14
C PHE B 152 11.06 4.60 31.91
N PRO B 153 11.45 3.37 31.52
CA PRO B 153 12.86 3.13 31.17
C PRO B 153 13.20 3.90 29.89
N LYS B 154 14.44 4.36 29.72
CA LYS B 154 14.83 5.17 28.56
C LYS B 154 14.42 4.56 27.17
N ASN B 155 14.37 3.21 26.99
CA ASN B 155 13.95 2.58 25.73
C ASN B 155 12.51 2.93 25.29
N ARG B 156 11.62 3.23 26.25
CA ARG B 156 10.22 3.56 25.95
C ARG B 156 9.93 5.08 25.85
N VAL B 157 10.98 5.92 25.92
CA VAL B 157 10.81 7.38 25.78
C VAL B 157 11.67 7.83 24.61
N ILE B 158 11.01 8.12 23.48
CA ILE B 158 11.64 8.47 22.22
C ILE B 158 11.27 9.90 21.83
N GLY B 159 12.27 10.68 21.45
CA GLY B 159 12.07 12.03 20.95
C GLY B 159 12.24 12.03 19.45
N SER B 160 11.37 12.76 18.74
CA SER B 160 11.42 12.89 17.28
C SER B 160 12.83 13.34 16.83
N GLY B 161 13.42 14.24 17.60
CA GLY B 161 14.78 14.71 17.42
C GLY B 161 15.17 15.17 16.02
N CYS B 162 16.26 14.60 15.48
CA CYS B 162 16.80 14.96 14.17
C CYS B 162 16.21 14.14 13.00
N ASN B 163 15.03 13.52 13.21
CA ASN B 163 14.38 12.74 12.16
C ASN B 163 13.95 13.66 11.01
N LEU B 164 13.35 14.84 11.32
CA LEU B 164 12.95 15.80 10.30
C LEU B 164 14.17 16.49 9.65
N ASP B 165 15.20 16.81 10.45
CA ASP B 165 16.45 17.40 9.99
C ASP B 165 17.11 16.48 8.96
N SER B 166 17.16 15.17 9.24
CA SER B 166 17.78 14.19 8.33
C SER B 166 17.01 14.06 7.05
N ALA B 167 15.65 13.98 7.16
CA ALA B 167 14.77 13.88 6.01
C ALA B 167 14.96 15.08 5.09
N ARG B 168 15.05 16.29 5.65
CA ARG B 168 15.26 17.53 4.89
C ARG B 168 16.62 17.52 4.20
N PHE B 169 17.66 17.06 4.91
CA PHE B 169 19.02 16.98 4.43
C PHE B 169 19.10 16.03 3.24
N ARG B 170 18.52 14.84 3.38
CA ARG B 170 18.51 13.82 2.32
C ARG B 170 17.72 14.31 1.10
N TYR B 171 16.65 15.14 1.30
CA TYR B 171 15.90 15.72 0.19
C TYR B 171 16.82 16.68 -0.57
N LEU B 172 17.52 17.56 0.16
CA LEU B 172 18.44 18.53 -0.43
C LEU B 172 19.63 17.85 -1.10
N MET B 173 20.12 16.77 -0.50
CA MET B 173 21.20 15.96 -1.06
C MET B 173 20.74 15.33 -2.39
N GLY B 174 19.50 14.83 -2.41
CA GLY B 174 18.88 14.21 -3.58
C GLY B 174 18.73 15.14 -4.76
N GLU B 175 18.35 16.40 -4.49
CA GLU B 175 18.17 17.45 -5.48
C GLU B 175 19.48 17.83 -6.15
N ARG B 176 20.55 17.97 -5.36
CA ARG B 176 21.88 18.29 -5.86
C ARG B 176 22.42 17.18 -6.77
N LEU B 177 22.21 15.90 -6.42
CA LEU B 177 22.74 14.74 -7.15
C LEU B 177 21.79 14.11 -8.19
N GLY B 178 20.53 14.56 -8.25
CA GLY B 178 19.52 14.02 -9.14
C GLY B 178 19.23 12.56 -8.82
N VAL B 179 19.20 12.23 -7.51
CA VAL B 179 18.96 10.86 -7.01
C VAL B 179 17.81 10.91 -5.97
N HIS B 180 17.02 9.84 -5.86
CA HIS B 180 15.95 9.78 -4.86
C HIS B 180 16.54 9.82 -3.43
N PRO B 181 15.95 10.62 -2.48
CA PRO B 181 16.47 10.66 -1.08
C PRO B 181 16.66 9.31 -0.39
N LEU B 182 15.89 8.27 -0.80
CA LEU B 182 16.04 6.91 -0.27
C LEU B 182 17.42 6.35 -0.56
N SER B 183 18.03 6.76 -1.69
CA SER B 183 19.36 6.32 -2.10
C SER B 183 20.49 7.28 -1.67
N CYS B 184 20.12 8.43 -1.06
CA CYS B 184 21.08 9.43 -0.56
C CYS B 184 21.14 9.30 0.96
N HIS B 185 22.23 8.73 1.44
CA HIS B 185 22.38 8.51 2.88
C HIS B 185 23.15 9.66 3.52
N GLY B 186 22.67 10.09 4.67
CA GLY B 186 23.25 11.21 5.42
C GLY B 186 22.59 11.37 6.77
N TRP B 187 23.41 11.61 7.80
CA TRP B 187 22.93 11.70 9.17
C TRP B 187 23.21 13.06 9.82
N VAL B 188 22.13 13.66 10.33
CA VAL B 188 22.17 14.92 11.08
C VAL B 188 21.87 14.47 12.50
N LEU B 189 22.82 14.71 13.42
CA LEU B 189 22.69 14.24 14.81
C LEU B 189 22.77 15.36 15.86
N GLY B 190 22.60 14.96 17.11
CA GLY B 190 22.68 15.86 18.25
C GLY B 190 21.37 16.55 18.56
N GLU B 191 21.45 17.85 18.79
CA GLU B 191 20.33 18.68 19.16
C GLU B 191 19.49 19.08 17.93
N HIS B 192 18.20 18.78 17.99
CA HIS B 192 17.25 19.14 16.95
C HIS B 192 17.19 20.67 16.74
N GLY B 193 17.16 21.08 15.48
CA GLY B 193 17.05 22.48 15.11
C GLY B 193 18.34 23.13 14.66
N ASP B 194 18.50 24.42 15.02
CA ASP B 194 19.63 25.28 14.68
C ASP B 194 21.02 24.69 14.98
N SER B 195 21.18 24.00 16.12
CA SER B 195 22.44 23.45 16.60
C SER B 195 22.72 21.98 16.18
N SER B 196 22.00 21.46 15.18
CA SER B 196 22.20 20.09 14.70
C SER B 196 23.57 19.88 14.05
N VAL B 197 24.06 18.63 14.08
CA VAL B 197 25.38 18.28 13.58
C VAL B 197 25.31 17.36 12.35
N PRO B 198 25.70 17.84 11.14
CA PRO B 198 25.74 16.92 9.98
C PRO B 198 27.01 16.07 10.06
N VAL B 199 26.86 14.75 9.96
CA VAL B 199 27.99 13.81 10.04
C VAL B 199 28.47 13.53 8.60
N TRP B 200 29.39 14.37 8.12
CA TRP B 200 29.95 14.35 6.77
C TRP B 200 30.59 13.03 6.38
N SER B 201 31.27 12.35 7.32
CA SER B 201 31.94 11.07 7.09
C SER B 201 30.99 9.95 6.62
N GLY B 202 29.71 10.05 7.01
CA GLY B 202 28.69 9.06 6.70
C GLY B 202 27.85 9.36 5.47
N MET B 203 27.99 10.55 4.89
CA MET B 203 27.27 10.99 3.71
C MET B 203 27.73 10.15 2.51
N ASN B 204 26.82 9.35 1.93
CA ASN B 204 27.17 8.47 0.81
C ASN B 204 26.00 8.11 -0.13
N VAL B 205 26.37 7.57 -1.28
CA VAL B 205 25.49 7.01 -2.30
C VAL B 205 26.13 5.66 -2.64
N ALA B 206 25.36 4.59 -2.53
CA ALA B 206 25.80 3.22 -2.86
C ALA B 206 27.09 2.80 -2.12
N GLY B 207 27.24 3.26 -0.89
CA GLY B 207 28.40 2.97 -0.05
C GLY B 207 29.63 3.76 -0.41
N VAL B 208 29.54 4.69 -1.37
CA VAL B 208 30.65 5.54 -1.82
C VAL B 208 30.65 6.83 -0.99
N SER B 209 31.62 6.95 -0.07
CA SER B 209 31.78 8.11 0.80
C SER B 209 32.05 9.40 0.02
N LEU B 210 31.20 10.41 0.22
CA LEU B 210 31.36 11.71 -0.44
C LEU B 210 32.56 12.49 0.08
N LYS B 211 32.90 12.32 1.37
CA LYS B 211 34.05 12.98 2.00
C LYS B 211 35.36 12.40 1.47
N THR B 212 35.37 11.11 1.09
CA THR B 212 36.53 10.43 0.50
C THR B 212 36.81 11.00 -0.91
N LEU B 213 35.76 11.15 -1.74
CA LEU B 213 35.86 11.70 -3.08
C LEU B 213 36.10 13.20 -3.08
N HIS B 214 35.62 13.92 -2.04
CA HIS B 214 35.67 15.37 -1.95
C HIS B 214 36.10 15.80 -0.54
N PRO B 215 37.42 15.84 -0.29
CA PRO B 215 37.93 16.18 1.06
C PRO B 215 37.47 17.49 1.69
N ASP B 216 37.21 18.51 0.88
CA ASP B 216 36.71 19.80 1.37
C ASP B 216 35.23 19.74 1.86
N LEU B 217 34.52 18.59 1.62
CA LEU B 217 33.12 18.37 2.02
C LEU B 217 32.87 18.80 3.46
N GLY B 218 31.91 19.70 3.61
CA GLY B 218 31.51 20.24 4.91
C GLY B 218 32.39 21.32 5.49
N THR B 219 33.30 21.93 4.71
CA THR B 219 34.15 23.04 5.20
C THR B 219 33.83 24.31 4.41
N ASP B 220 34.20 25.50 4.95
CA ASP B 220 34.01 26.80 4.27
C ASP B 220 34.85 26.89 2.98
N LYS B 221 36.04 26.23 2.97
CA LYS B 221 37.01 26.18 1.85
C LYS B 221 36.41 25.64 0.55
N ASP B 222 35.51 24.65 0.65
CA ASP B 222 34.82 23.95 -0.45
C ASP B 222 34.17 24.86 -1.50
N LYS B 223 34.70 24.85 -2.74
CA LYS B 223 34.21 25.61 -3.91
C LYS B 223 32.76 25.24 -4.27
N GLU B 224 32.39 23.96 -4.06
CA GLU B 224 31.06 23.46 -4.38
C GLU B 224 30.04 23.77 -3.29
N GLN B 225 30.52 24.25 -2.12
CA GLN B 225 29.74 24.67 -0.95
C GLN B 225 28.65 23.64 -0.53
N TRP B 226 29.09 22.37 -0.34
CA TRP B 226 28.27 21.25 0.13
C TRP B 226 27.82 21.42 1.58
N LYS B 227 28.49 22.33 2.34
CA LYS B 227 28.14 22.70 3.72
C LYS B 227 26.75 23.36 3.72
N GLU B 228 26.35 23.97 2.58
CA GLU B 228 25.05 24.60 2.37
C GLU B 228 23.91 23.61 2.40
N VAL B 229 24.20 22.32 2.11
CA VAL B 229 23.18 21.28 2.18
C VAL B 229 22.57 21.26 3.61
N HIS B 230 23.40 21.41 4.67
CA HIS B 230 22.95 21.44 6.06
C HIS B 230 22.40 22.81 6.42
N LYS B 231 23.00 23.87 5.89
CA LYS B 231 22.57 25.24 6.17
C LYS B 231 21.21 25.56 5.53
N GLN B 232 20.86 24.89 4.42
CA GLN B 232 19.56 25.07 3.74
C GLN B 232 18.46 24.28 4.46
N VAL B 233 18.83 23.28 5.30
CA VAL B 233 17.90 22.54 6.15
C VAL B 233 17.38 23.56 7.18
N VAL B 234 18.31 24.29 7.85
CA VAL B 234 18.00 25.34 8.84
C VAL B 234 17.18 26.45 8.17
N GLU B 235 17.66 26.97 7.03
CA GLU B 235 17.00 28.02 6.26
C GLU B 235 15.60 27.64 5.78
N SER B 236 15.42 26.42 5.27
CA SER B 236 14.12 25.96 4.77
C SER B 236 13.08 25.89 5.86
N ALA B 237 13.49 25.54 7.08
CA ALA B 237 12.61 25.47 8.25
C ALA B 237 12.01 26.85 8.54
N TYR B 238 12.85 27.91 8.54
CA TYR B 238 12.40 29.29 8.76
C TYR B 238 11.57 29.77 7.59
N GLU B 239 11.94 29.36 6.36
CA GLU B 239 11.23 29.75 5.15
C GLU B 239 9.79 29.21 5.17
N VAL B 240 9.62 27.91 5.41
CA VAL B 240 8.29 27.27 5.51
C VAL B 240 7.39 28.03 6.51
N ILE B 241 7.93 28.36 7.71
CA ILE B 241 7.21 29.09 8.76
C ILE B 241 6.82 30.48 8.29
N LYS B 242 7.72 31.20 7.62
CA LYS B 242 7.45 32.53 7.10
C LYS B 242 6.35 32.48 6.01
N LEU B 243 6.39 31.46 5.14
CA LEU B 243 5.49 31.29 4.01
C LEU B 243 4.09 30.79 4.35
N LYS B 244 3.97 29.71 5.16
CA LYS B 244 2.65 29.17 5.49
C LYS B 244 2.26 29.26 6.99
N GLY B 245 3.22 29.63 7.85
CA GLY B 245 2.95 29.84 9.28
C GLY B 245 3.25 28.68 10.21
N TYR B 246 3.44 27.48 9.66
CA TYR B 246 3.69 26.25 10.42
C TYR B 246 4.23 25.16 9.49
N THR B 247 4.67 24.03 10.08
CA THR B 247 5.09 22.88 9.28
C THR B 247 4.25 21.66 9.71
N SER B 248 3.70 20.94 8.73
CA SER B 248 2.85 19.84 9.08
C SER B 248 3.12 18.54 8.32
N TRP B 249 3.06 18.58 6.98
CA TRP B 249 3.19 17.37 6.16
C TRP B 249 4.50 16.61 6.38
N ALA B 250 5.65 17.31 6.30
CA ALA B 250 6.96 16.69 6.46
C ALA B 250 7.15 16.02 7.83
N ILE B 251 6.73 16.69 8.91
CA ILE B 251 6.83 16.14 10.26
C ILE B 251 5.88 14.94 10.45
N GLY B 252 4.64 15.08 9.98
CA GLY B 252 3.64 14.01 10.04
C GLY B 252 4.06 12.74 9.34
N LEU B 253 4.67 12.87 8.16
CA LEU B 253 5.19 11.73 7.38
C LEU B 253 6.38 11.08 8.08
N SER B 254 7.25 11.88 8.71
CA SER B 254 8.43 11.36 9.43
C SER B 254 8.04 10.59 10.68
N VAL B 255 6.98 11.05 11.38
CA VAL B 255 6.44 10.43 12.59
C VAL B 255 5.80 9.07 12.23
N ALA B 256 5.07 9.01 11.11
CA ALA B 256 4.46 7.77 10.63
C ALA B 256 5.55 6.75 10.30
N ASP B 257 6.70 7.23 9.77
CA ASP B 257 7.85 6.36 9.47
C ASP B 257 8.41 5.74 10.76
N LEU B 258 8.51 6.54 11.86
CA LEU B 258 8.94 6.05 13.17
C LEU B 258 7.91 5.06 13.69
N ALA B 259 6.61 5.45 13.66
CA ALA B 259 5.47 4.65 14.12
C ALA B 259 5.44 3.28 13.44
N GLU B 260 5.72 3.22 12.14
CA GLU B 260 5.77 1.97 11.38
C GLU B 260 6.82 1.01 11.91
N SER B 261 8.05 1.49 12.22
CA SER B 261 9.12 0.62 12.73
C SER B 261 8.81 0.10 14.13
N ILE B 262 8.14 0.95 14.95
CA ILE B 262 7.72 0.58 16.31
C ILE B 262 6.59 -0.45 16.23
N MET B 263 5.46 -0.10 15.56
CA MET B 263 4.27 -0.94 15.41
C MET B 263 4.52 -2.29 14.76
N LYS B 264 5.38 -2.35 13.74
CA LYS B 264 5.66 -3.59 13.00
C LYS B 264 6.93 -4.29 13.47
N ASN B 265 7.60 -3.75 14.52
CA ASN B 265 8.86 -4.28 15.09
C ASN B 265 9.89 -4.52 13.98
N LEU B 266 10.13 -3.50 13.16
CA LEU B 266 11.03 -3.64 12.01
C LEU B 266 12.52 -3.67 12.34
N ARG B 267 12.96 -2.97 13.41
CA ARG B 267 14.36 -2.89 13.82
C ARG B 267 15.18 -2.14 12.76
N ARG B 268 14.58 -1.06 12.26
CA ARG B 268 15.20 -0.16 11.32
C ARG B 268 15.91 0.89 12.17
N VAL B 269 16.97 1.50 11.60
CA VAL B 269 17.76 2.52 12.25
C VAL B 269 17.22 3.90 11.87
N HIS B 270 16.95 4.74 12.87
CA HIS B 270 16.40 6.10 12.67
C HIS B 270 17.14 7.12 13.53
N PRO B 271 17.29 8.38 13.08
CA PRO B 271 17.92 9.38 13.95
C PRO B 271 16.89 9.97 14.91
N VAL B 272 16.84 9.42 16.14
CA VAL B 272 15.89 9.86 17.17
C VAL B 272 16.58 10.25 18.47
N SER B 273 15.91 11.10 19.26
CA SER B 273 16.44 11.60 20.52
C SER B 273 16.33 10.54 21.61
N THR B 274 17.48 10.22 22.23
CA THR B 274 17.59 9.24 23.31
C THR B 274 18.52 9.75 24.40
N MET B 275 18.48 9.09 25.55
CA MET B 275 19.35 9.34 26.70
C MET B 275 20.80 9.17 26.20
N ILE B 276 21.53 10.26 26.09
CA ILE B 276 22.89 10.20 25.55
C ILE B 276 23.96 10.11 26.65
N LYS B 277 23.56 10.25 27.93
CA LYS B 277 24.48 10.15 29.07
C LYS B 277 25.27 8.84 28.98
N GLY B 278 26.59 8.95 29.10
CA GLY B 278 27.50 7.81 29.00
C GLY B 278 28.25 7.74 27.69
N LEU B 279 27.94 8.67 26.75
CA LEU B 279 28.59 8.76 25.43
C LEU B 279 29.13 10.15 25.20
N TYR B 280 30.30 10.24 24.52
CA TYR B 280 31.01 11.48 24.14
C TYR B 280 31.37 12.38 25.36
N GLY B 281 31.63 11.74 26.49
CA GLY B 281 31.97 12.39 27.75
C GLY B 281 30.83 13.20 28.36
N ILE B 282 29.57 12.87 27.99
CA ILE B 282 28.36 13.54 28.48
C ILE B 282 27.89 12.81 29.74
N LYS B 283 27.88 13.54 30.87
CA LYS B 283 27.50 13.05 32.19
C LYS B 283 26.09 13.44 32.60
N ASP B 284 25.55 14.52 32.06
CA ASP B 284 24.22 14.97 32.44
C ASP B 284 23.09 14.18 31.76
N ASP B 285 21.92 14.15 32.43
CA ASP B 285 20.73 13.46 31.95
C ASP B 285 20.13 14.26 30.80
N VAL B 286 20.73 14.14 29.61
CA VAL B 286 20.23 14.84 28.42
C VAL B 286 19.90 13.87 27.30
N PHE B 287 18.93 14.26 26.47
CA PHE B 287 18.46 13.49 25.31
C PHE B 287 18.95 14.18 24.04
N LEU B 288 19.68 13.44 23.21
CA LEU B 288 20.22 13.92 21.95
C LEU B 288 20.01 12.85 20.85
N SER B 289 20.02 13.27 19.59
CA SER B 289 19.81 12.33 18.50
C SER B 289 21.05 11.56 18.11
N VAL B 290 20.88 10.24 18.07
CA VAL B 290 21.87 9.27 17.60
C VAL B 290 21.08 8.24 16.78
N PRO B 291 21.70 7.43 15.90
CA PRO B 291 20.91 6.43 15.16
C PRO B 291 20.51 5.31 16.11
N CYS B 292 19.19 5.07 16.23
CA CYS B 292 18.62 4.07 17.13
C CYS B 292 17.88 3.00 16.38
N ILE B 293 17.96 1.75 16.86
CA ILE B 293 17.22 0.62 16.31
C ILE B 293 15.85 0.68 16.97
N LEU B 294 14.78 0.88 16.18
CA LEU B 294 13.41 1.00 16.67
C LEU B 294 12.59 -0.25 16.40
N GLY B 295 11.92 -0.72 17.43
CA GLY B 295 11.06 -1.89 17.38
C GLY B 295 9.97 -1.88 18.43
N GLN B 296 9.39 -3.06 18.70
CA GLN B 296 8.29 -3.24 19.67
C GLN B 296 8.62 -2.76 21.12
N ASN B 297 9.91 -2.71 21.50
CA ASN B 297 10.33 -2.23 22.84
C ASN B 297 10.83 -0.78 22.80
N GLY B 298 10.61 -0.11 21.67
CA GLY B 298 11.08 1.26 21.45
C GLY B 298 12.52 1.23 20.99
N ILE B 299 13.40 1.97 21.68
CA ILE B 299 14.82 1.98 21.36
C ILE B 299 15.45 0.80 22.06
N SER B 300 15.68 -0.32 21.34
CA SER B 300 16.32 -1.49 21.94
C SER B 300 17.84 -1.38 21.93
N ASP B 301 18.37 -0.66 20.93
CA ASP B 301 19.81 -0.55 20.70
C ASP B 301 20.15 0.80 20.04
N LEU B 302 21.42 1.22 20.16
CA LEU B 302 21.87 2.46 19.53
C LEU B 302 23.19 2.25 18.79
N VAL B 303 23.32 2.92 17.62
CA VAL B 303 24.53 2.84 16.79
C VAL B 303 25.56 3.82 17.33
N LYS B 304 26.77 3.31 17.62
CA LYS B 304 27.88 4.10 18.17
C LYS B 304 28.65 4.74 17.02
N VAL B 305 28.22 5.93 16.62
CA VAL B 305 28.81 6.70 15.51
C VAL B 305 30.15 7.25 15.91
N THR B 306 31.16 7.05 15.04
CA THR B 306 32.52 7.56 15.19
C THR B 306 32.44 9.03 14.78
N LEU B 307 32.55 9.92 15.76
CA LEU B 307 32.47 11.36 15.53
C LEU B 307 33.84 11.99 15.64
N THR B 308 34.11 12.99 14.81
CA THR B 308 35.36 13.75 14.86
C THR B 308 35.38 14.54 16.17
N SER B 309 36.56 15.04 16.59
CA SER B 309 36.73 15.88 17.80
C SER B 309 35.75 17.07 17.80
N GLU B 310 35.62 17.73 16.65
CA GLU B 310 34.78 18.91 16.39
C GLU B 310 33.31 18.57 16.58
N GLU B 311 32.84 17.46 15.99
CA GLU B 311 31.46 16.99 16.09
C GLU B 311 31.16 16.64 17.53
N GLU B 312 32.06 15.87 18.17
CA GLU B 312 31.98 15.43 19.56
C GLU B 312 31.87 16.63 20.52
N ALA B 313 32.65 17.70 20.26
CA ALA B 313 32.63 18.93 21.06
C ALA B 313 31.30 19.64 20.92
N ARG B 314 30.71 19.63 19.69
CA ARG B 314 29.41 20.23 19.41
C ARG B 314 28.29 19.53 20.20
N LEU B 315 28.36 18.18 20.34
CA LEU B 315 27.37 17.41 21.11
C LEU B 315 27.47 17.73 22.59
N LYS B 316 28.71 17.79 23.09
CA LYS B 316 29.00 18.08 24.49
C LYS B 316 28.51 19.47 24.88
N LYS B 317 28.70 20.47 23.97
CA LYS B 317 28.27 21.85 24.16
C LYS B 317 26.74 21.92 24.21
N SER B 318 26.06 21.22 23.30
CA SER B 318 24.61 21.12 23.26
C SER B 318 24.08 20.51 24.57
N ALA B 319 24.74 19.45 25.07
CA ALA B 319 24.40 18.77 26.32
C ALA B 319 24.48 19.73 27.52
N ASP B 320 25.56 20.53 27.61
CA ASP B 320 25.79 21.53 28.65
C ASP B 320 24.70 22.60 28.62
N THR B 321 24.32 23.07 27.40
CA THR B 321 23.28 24.09 27.23
C THR B 321 21.92 23.54 27.69
N LEU B 322 21.57 22.31 27.26
CA LEU B 322 20.31 21.68 27.62
C LEU B 322 20.23 21.40 29.12
N TRP B 323 21.35 20.98 29.74
CA TRP B 323 21.36 20.74 31.18
C TRP B 323 21.19 22.02 31.98
N GLY B 324 21.79 23.11 31.49
CA GLY B 324 21.70 24.44 32.08
C GLY B 324 20.26 24.89 32.24
N ILE B 325 19.40 24.57 31.25
CA ILE B 325 17.97 24.89 31.28
C ILE B 325 17.24 23.90 32.19
N GLN B 326 17.47 22.59 31.97
CA GLN B 326 16.85 21.47 32.70
C GLN B 326 16.97 21.52 34.23
N LYS B 327 18.14 21.95 34.75
CA LYS B 327 18.39 22.02 36.19
C LYS B 327 17.50 23.04 36.92
N GLU B 328 17.12 24.12 36.23
CA GLU B 328 16.30 25.19 36.82
C GLU B 328 14.80 24.95 36.72
N LEU B 329 14.37 23.76 36.23
CA LEU B 329 12.97 23.43 36.06
C LEU B 329 12.30 22.91 37.31
N GLN B 330 11.03 23.29 37.52
CA GLN B 330 10.17 22.89 38.64
C GLN B 330 9.16 21.83 38.17
N PHE B 331 9.17 20.65 38.83
CA PHE B 331 8.32 19.48 38.59
C PHE B 331 8.79 18.28 39.43
N ALA C 1 36.29 -7.03 22.27
CA ALA C 1 34.91 -6.72 21.85
C ALA C 1 34.71 -6.99 20.37
N THR C 2 33.57 -7.66 20.03
CA THR C 2 33.19 -7.99 18.64
C THR C 2 32.81 -6.74 17.83
N LEU C 3 32.66 -6.88 16.50
CA LEU C 3 32.23 -5.78 15.61
C LEU C 3 30.83 -5.34 15.99
N LYS C 4 29.93 -6.30 16.30
CA LYS C 4 28.55 -6.05 16.73
C LYS C 4 28.56 -5.15 17.97
N ASP C 5 29.36 -5.52 19.00
CA ASP C 5 29.48 -4.75 20.23
C ASP C 5 30.15 -3.39 20.03
N GLN C 6 31.09 -3.28 19.08
CA GLN C 6 31.78 -2.02 18.76
C GLN C 6 30.86 -1.07 18.02
N LEU C 7 29.92 -1.60 17.22
CA LEU C 7 28.98 -0.82 16.42
C LEU C 7 27.67 -0.49 17.15
N ILE C 8 27.12 -1.47 17.87
CA ILE C 8 25.83 -1.38 18.54
C ILE C 8 25.91 -1.51 20.06
N TYR C 9 25.34 -0.51 20.75
CA TYR C 9 25.19 -0.51 22.21
C TYR C 9 23.77 -0.99 22.51
N ASN C 10 23.66 -2.09 23.24
CA ASN C 10 22.38 -2.70 23.60
C ASN C 10 21.75 -2.07 24.85
N LEU C 11 20.46 -1.68 24.78
CA LEU C 11 19.72 -1.09 25.89
C LEU C 11 19.08 -2.22 26.70
N LEU C 12 18.41 -3.16 26.02
CA LEU C 12 17.79 -4.35 26.61
C LEU C 12 17.75 -5.51 25.64
N LYS C 13 17.84 -6.72 26.19
CA LYS C 13 17.78 -7.98 25.44
C LYS C 13 16.39 -8.60 25.56
N GLU C 14 15.61 -8.17 26.58
CA GLU C 14 14.26 -8.63 26.91
C GLU C 14 13.32 -8.70 25.70
N GLU C 15 13.28 -9.88 25.05
CA GLU C 15 12.46 -10.14 23.88
C GLU C 15 11.02 -10.48 24.25
N GLN C 16 10.07 -10.13 23.36
CA GLN C 16 8.64 -10.37 23.56
C GLN C 16 8.09 -11.46 22.64
N THR C 17 6.92 -11.98 23.00
CA THR C 17 6.19 -12.96 22.20
C THR C 17 5.68 -12.23 20.93
N PRO C 18 5.54 -12.92 19.76
CA PRO C 18 5.04 -12.20 18.56
C PRO C 18 3.63 -11.65 18.78
N GLN C 19 3.37 -10.46 18.24
CA GLN C 19 2.10 -9.78 18.43
C GLN C 19 1.05 -10.08 17.36
N ASN C 20 1.48 -10.26 16.11
CA ASN C 20 0.59 -10.53 14.98
C ASN C 20 1.18 -11.68 14.16
N LYS C 21 1.25 -12.87 14.74
CA LYS C 21 1.85 -14.04 14.10
C LYS C 21 0.82 -14.84 13.32
N ILE C 22 1.22 -15.27 12.11
CA ILE C 22 0.43 -16.14 11.25
C ILE C 22 1.21 -17.42 10.97
N THR C 23 0.51 -18.56 11.01
CA THR C 23 1.09 -19.85 10.68
C THR C 23 0.38 -20.40 9.46
N VAL C 24 1.16 -20.93 8.52
CA VAL C 24 0.64 -21.61 7.33
C VAL C 24 1.09 -23.08 7.44
N VAL C 25 0.11 -23.99 7.46
CA VAL C 25 0.38 -25.44 7.52
C VAL C 25 0.16 -26.05 6.14
N GLY C 26 1.22 -26.62 5.58
CA GLY C 26 1.23 -27.20 4.24
C GLY C 26 1.83 -26.20 3.28
N VAL C 27 3.07 -26.41 2.82
CA VAL C 27 3.77 -25.47 1.94
C VAL C 27 3.76 -25.92 0.48
N GLY C 28 2.60 -26.38 0.03
CA GLY C 28 2.39 -26.73 -1.37
C GLY C 28 2.07 -25.47 -2.14
N ALA C 29 1.49 -25.64 -3.34
CA ALA C 29 1.14 -24.55 -4.24
C ALA C 29 0.17 -23.54 -3.58
N VAL C 30 -0.83 -24.03 -2.82
CA VAL C 30 -1.80 -23.18 -2.12
C VAL C 30 -1.13 -22.45 -0.94
N GLY C 31 -0.49 -23.22 -0.05
CA GLY C 31 0.21 -22.69 1.11
C GLY C 31 1.22 -21.59 0.81
N MET C 32 2.05 -21.78 -0.23
CA MET C 32 3.04 -20.80 -0.64
C MET C 32 2.42 -19.54 -1.24
N ALA C 33 1.29 -19.68 -1.96
CA ALA C 33 0.56 -18.57 -2.56
C ALA C 33 -0.11 -17.74 -1.47
N CYS C 34 -0.58 -18.39 -0.38
CA CYS C 34 -1.17 -17.73 0.79
C CYS C 34 -0.04 -16.97 1.50
N ALA C 35 1.14 -17.61 1.65
CA ALA C 35 2.34 -17.04 2.30
C ALA C 35 2.81 -15.74 1.65
N ILE C 36 3.00 -15.74 0.32
CA ILE C 36 3.47 -14.57 -0.43
C ILE C 36 2.44 -13.42 -0.40
N SER C 37 1.13 -13.76 -0.48
CA SER C 37 0.05 -12.78 -0.45
C SER C 37 -0.03 -12.07 0.90
N ILE C 38 0.18 -12.83 2.00
CA ILE C 38 0.17 -12.33 3.36
C ILE C 38 1.38 -11.42 3.57
N LEU C 39 2.55 -11.88 3.12
CA LEU C 39 3.80 -11.14 3.24
C LEU C 39 3.72 -9.83 2.50
N MET C 40 3.17 -9.85 1.27
CA MET C 40 3.06 -8.65 0.44
C MET C 40 2.01 -7.67 0.94
N LYS C 41 1.03 -8.14 1.73
CA LYS C 41 0.00 -7.27 2.32
C LYS C 41 0.40 -6.73 3.71
N ASP C 42 1.59 -7.12 4.24
CA ASP C 42 2.13 -6.69 5.54
C ASP C 42 1.14 -6.97 6.70
N LEU C 43 0.62 -8.20 6.77
CA LEU C 43 -0.35 -8.55 7.80
C LEU C 43 0.29 -9.11 9.06
N ALA C 44 1.49 -9.66 8.95
CA ALA C 44 2.13 -10.32 10.08
C ALA C 44 3.50 -9.79 10.43
N ASP C 45 3.85 -9.84 11.73
CA ASP C 45 5.19 -9.45 12.18
C ASP C 45 6.04 -10.70 12.23
N GLU C 46 5.39 -11.88 12.16
CA GLU C 46 6.04 -13.20 12.12
C GLU C 46 5.22 -14.18 11.29
N LEU C 47 5.90 -14.96 10.47
CA LEU C 47 5.28 -15.98 9.64
C LEU C 47 5.94 -17.33 9.90
N ALA C 48 5.13 -18.32 10.32
CA ALA C 48 5.61 -19.67 10.60
C ALA C 48 5.11 -20.64 9.54
N LEU C 49 5.99 -21.49 9.00
CA LEU C 49 5.60 -22.47 7.99
C LEU C 49 5.82 -23.85 8.50
N VAL C 50 4.84 -24.75 8.27
CA VAL C 50 4.91 -26.14 8.70
C VAL C 50 4.58 -27.08 7.52
N ASP C 51 5.23 -28.24 7.46
CA ASP C 51 5.00 -29.30 6.47
C ASP C 51 5.64 -30.59 6.98
N VAL C 52 5.45 -31.70 6.25
CA VAL C 52 6.06 -33.00 6.57
C VAL C 52 7.33 -33.21 5.76
N ILE C 53 7.40 -32.61 4.55
CA ILE C 53 8.57 -32.70 3.67
C ILE C 53 9.59 -31.66 4.14
N GLU C 54 10.59 -32.08 4.95
CA GLU C 54 11.61 -31.22 5.54
C GLU C 54 12.43 -30.40 4.54
N ASP C 55 12.93 -31.02 3.44
CA ASP C 55 13.78 -30.33 2.46
C ASP C 55 13.05 -29.19 1.76
N LYS C 56 11.86 -29.43 1.19
CA LYS C 56 11.08 -28.40 0.50
C LYS C 56 10.62 -27.30 1.45
N LEU C 57 10.39 -27.65 2.74
CA LEU C 57 10.01 -26.71 3.78
C LEU C 57 11.17 -25.72 4.04
N LYS C 58 12.40 -26.24 4.22
CA LYS C 58 13.58 -25.40 4.47
C LYS C 58 13.87 -24.49 3.26
N GLY C 59 13.76 -25.05 2.06
CA GLY C 59 13.95 -24.34 0.80
C GLY C 59 12.99 -23.18 0.63
N GLU C 60 11.69 -23.43 0.89
CA GLU C 60 10.65 -22.40 0.79
C GLU C 60 10.84 -21.28 1.82
N MET C 61 11.25 -21.63 3.04
CA MET C 61 11.51 -20.65 4.11
C MET C 61 12.69 -19.77 3.72
N MET C 62 13.78 -20.39 3.23
CA MET C 62 15.00 -19.68 2.82
C MET C 62 14.71 -18.71 1.66
N ASP C 63 13.93 -19.17 0.66
CA ASP C 63 13.57 -18.37 -0.50
C ASP C 63 12.78 -17.13 -0.07
N LEU C 64 11.88 -17.27 0.92
CA LEU C 64 11.12 -16.14 1.46
C LEU C 64 12.04 -15.19 2.24
N GLN C 65 12.95 -15.75 3.06
CA GLN C 65 13.90 -14.97 3.87
C GLN C 65 14.83 -14.15 2.99
N HIS C 66 15.25 -14.68 1.85
CA HIS C 66 16.14 -13.95 0.92
C HIS C 66 15.47 -12.72 0.29
N GLY C 67 14.14 -12.62 0.41
CA GLY C 67 13.37 -11.49 -0.09
C GLY C 67 13.02 -10.46 0.98
N SER C 68 13.54 -10.64 2.22
CA SER C 68 13.28 -9.78 3.40
C SER C 68 13.46 -8.28 3.17
N LEU C 69 14.48 -7.91 2.37
CA LEU C 69 14.79 -6.53 2.00
C LEU C 69 13.58 -5.79 1.39
N PHE C 70 12.70 -6.54 0.69
CA PHE C 70 11.51 -6.02 0.01
C PHE C 70 10.22 -6.27 0.79
N LEU C 71 10.34 -6.75 2.03
CA LEU C 71 9.20 -7.07 2.89
C LEU C 71 9.23 -6.28 4.20
N ARG C 72 8.10 -6.29 4.92
CA ARG C 72 7.91 -5.62 6.21
C ARG C 72 7.50 -6.67 7.28
N THR C 73 8.06 -7.90 7.15
CA THR C 73 7.84 -9.04 8.05
C THR C 73 9.23 -9.43 8.54
N PRO C 74 9.64 -8.98 9.75
CA PRO C 74 11.01 -9.21 10.21
C PRO C 74 11.39 -10.65 10.52
N LYS C 75 10.41 -11.56 10.72
CA LYS C 75 10.78 -12.94 11.08
C LYS C 75 9.98 -14.03 10.35
N ILE C 76 10.70 -14.91 9.65
CA ILE C 76 10.14 -16.04 8.93
C ILE C 76 10.78 -17.30 9.49
N VAL C 77 9.96 -18.18 10.08
CA VAL C 77 10.41 -19.44 10.67
C VAL C 77 9.70 -20.63 10.05
N SER C 78 10.33 -21.80 10.09
CA SER C 78 9.73 -23.04 9.61
C SER C 78 10.18 -24.23 10.44
N GLY C 79 9.42 -25.32 10.35
CA GLY C 79 9.74 -26.54 11.07
C GLY C 79 8.68 -27.61 11.00
N LYS C 80 9.12 -28.85 11.22
CA LYS C 80 8.27 -30.04 11.27
C LYS C 80 7.55 -30.04 12.64
N ASP C 81 8.24 -29.54 13.69
CA ASP C 81 7.73 -29.43 15.04
C ASP C 81 6.88 -28.15 15.15
N TYR C 82 5.73 -28.26 15.81
CA TYR C 82 4.79 -27.16 15.97
C TYR C 82 5.21 -26.12 17.00
N ASN C 83 6.35 -26.31 17.69
CA ASN C 83 6.84 -25.30 18.64
C ASN C 83 7.13 -23.97 17.92
N VAL C 84 7.39 -24.03 16.60
CA VAL C 84 7.63 -22.85 15.74
C VAL C 84 6.35 -22.00 15.55
N THR C 85 5.16 -22.60 15.77
CA THR C 85 3.85 -21.97 15.60
C THR C 85 3.29 -21.34 16.86
N ALA C 86 4.02 -21.44 17.98
CA ALA C 86 3.58 -20.91 19.28
C ALA C 86 3.08 -19.45 19.21
N ASN C 87 1.92 -19.17 19.83
CA ASN C 87 1.30 -17.85 19.94
C ASN C 87 0.82 -17.23 18.59
N SER C 88 0.36 -18.07 17.65
CA SER C 88 -0.17 -17.56 16.38
C SER C 88 -1.59 -16.99 16.59
N LYS C 89 -1.89 -15.83 15.97
CA LYS C 89 -3.22 -15.22 16.02
C LYS C 89 -4.13 -15.94 15.00
N LEU C 90 -3.54 -16.39 13.88
CA LEU C 90 -4.27 -17.09 12.81
C LEU C 90 -3.47 -18.27 12.28
N VAL C 91 -4.12 -19.41 12.14
CA VAL C 91 -3.52 -20.63 11.59
C VAL C 91 -4.28 -21.04 10.34
N ILE C 92 -3.58 -21.07 9.21
CA ILE C 92 -4.14 -21.41 7.90
C ILE C 92 -3.73 -22.84 7.51
N ILE C 93 -4.71 -23.75 7.45
CA ILE C 93 -4.47 -25.15 7.10
C ILE C 93 -4.71 -25.36 5.60
N THR C 94 -3.64 -25.70 4.87
CA THR C 94 -3.69 -25.97 3.43
C THR C 94 -3.08 -27.35 3.14
N ALA C 95 -3.00 -28.22 4.15
CA ALA C 95 -2.40 -29.55 4.00
C ALA C 95 -3.37 -30.57 3.48
N GLY C 96 -2.91 -31.32 2.49
CA GLY C 96 -3.68 -32.37 1.85
C GLY C 96 -2.80 -33.51 1.40
N SER C 104 -12.31 -44.16 -3.10
CA SER C 104 -13.49 -43.73 -2.36
C SER C 104 -13.40 -42.28 -1.91
N ARG C 105 -14.55 -41.61 -1.77
CA ARG C 105 -14.62 -40.21 -1.37
C ARG C 105 -14.72 -40.08 0.14
N LEU C 106 -15.43 -41.02 0.82
CA LEU C 106 -15.55 -41.09 2.28
C LEU C 106 -14.17 -41.42 2.86
N ASN C 107 -13.37 -42.20 2.10
CA ASN C 107 -11.99 -42.56 2.45
C ASN C 107 -11.05 -41.39 2.11
N LEU C 108 -11.39 -40.55 1.09
CA LEU C 108 -10.60 -39.37 0.72
C LEU C 108 -10.84 -38.27 1.76
N VAL C 109 -12.03 -38.30 2.39
CA VAL C 109 -12.42 -37.43 3.49
C VAL C 109 -11.59 -37.91 4.69
N GLN C 110 -11.61 -39.25 4.96
CA GLN C 110 -10.88 -39.91 6.06
C GLN C 110 -9.35 -39.80 5.90
N ARG C 111 -8.87 -39.69 4.63
CA ARG C 111 -7.45 -39.51 4.27
C ARG C 111 -6.98 -38.16 4.88
N ASN C 112 -7.75 -37.10 4.60
CA ASN C 112 -7.49 -35.77 5.14
C ASN C 112 -7.91 -35.66 6.61
N VAL C 113 -8.89 -36.50 7.06
CA VAL C 113 -9.34 -36.53 8.47
C VAL C 113 -8.21 -37.04 9.37
N ASN C 114 -7.56 -38.18 9.01
CA ASN C 114 -6.47 -38.72 9.84
C ASN C 114 -5.24 -37.83 9.83
N ILE C 115 -5.07 -37.03 8.77
CA ILE C 115 -4.00 -36.03 8.66
C ILE C 115 -4.30 -34.92 9.70
N PHE C 116 -5.59 -34.50 9.77
CA PHE C 116 -6.09 -33.50 10.71
C PHE C 116 -6.07 -33.97 12.16
N LYS C 117 -6.17 -35.31 12.39
CA LYS C 117 -6.12 -35.93 13.73
C LYS C 117 -4.78 -35.62 14.42
N PHE C 118 -3.73 -35.34 13.63
CA PHE C 118 -2.40 -34.99 14.12
C PHE C 118 -2.20 -33.47 14.15
N ILE C 119 -2.51 -32.77 13.02
CA ILE C 119 -2.30 -31.32 12.86
C ILE C 119 -3.04 -30.50 13.91
N ILE C 120 -4.37 -30.63 13.96
CA ILE C 120 -5.26 -29.84 14.83
C ILE C 120 -4.81 -29.92 16.31
N PRO C 121 -4.58 -31.10 16.97
CA PRO C 121 -4.14 -31.06 18.38
C PRO C 121 -2.79 -30.37 18.59
N ASN C 122 -1.90 -30.45 17.61
CA ASN C 122 -0.59 -29.79 17.64
C ASN C 122 -0.71 -28.29 17.49
N VAL C 123 -1.71 -27.82 16.75
CA VAL C 123 -1.97 -26.40 16.54
C VAL C 123 -2.56 -25.77 17.82
N VAL C 124 -3.58 -26.42 18.41
CA VAL C 124 -4.27 -25.93 19.61
C VAL C 124 -3.35 -25.95 20.83
N LYS C 125 -2.37 -26.87 20.86
CA LYS C 125 -1.38 -27.01 21.94
C LYS C 125 -0.51 -25.76 22.07
N TYR C 126 -0.03 -25.20 20.93
CA TYR C 126 0.86 -24.03 20.91
C TYR C 126 0.15 -22.69 20.70
N SER C 127 -1.08 -22.71 20.15
CA SER C 127 -1.88 -21.51 19.92
C SER C 127 -3.32 -21.79 20.39
N PRO C 128 -3.57 -21.90 21.71
CA PRO C 128 -4.94 -22.18 22.18
C PRO C 128 -5.97 -21.08 21.86
N ASN C 129 -5.51 -19.82 21.69
CA ASN C 129 -6.37 -18.67 21.39
C ASN C 129 -6.43 -18.24 19.90
N CYS C 130 -5.87 -19.05 18.98
CA CYS C 130 -5.85 -18.71 17.55
C CYS C 130 -7.22 -18.83 16.86
N LYS C 131 -7.29 -18.34 15.63
CA LYS C 131 -8.41 -18.51 14.71
C LYS C 131 -7.92 -19.55 13.71
N LEU C 132 -8.77 -20.52 13.37
CA LEU C 132 -8.40 -21.54 12.40
C LEU C 132 -9.08 -21.23 11.10
N LEU C 133 -8.28 -21.14 10.02
CA LEU C 133 -8.77 -20.91 8.68
C LEU C 133 -8.45 -22.18 7.87
N ILE C 134 -9.50 -22.90 7.47
CA ILE C 134 -9.36 -24.16 6.73
C ILE C 134 -9.50 -23.94 5.22
N VAL C 135 -8.52 -24.44 4.45
CA VAL C 135 -8.50 -24.31 3.00
C VAL C 135 -8.60 -25.69 2.37
N SER C 136 -7.96 -26.70 2.99
CA SER C 136 -7.93 -28.09 2.53
C SER C 136 -9.34 -28.63 2.20
N ASN C 137 -9.47 -29.37 1.09
CA ASN C 137 -10.73 -29.94 0.61
C ASN C 137 -11.02 -31.36 1.08
N PRO C 138 -12.31 -31.79 1.25
CA PRO C 138 -13.56 -31.00 1.14
C PRO C 138 -13.70 -30.05 2.32
N VAL C 139 -13.44 -28.76 2.02
CA VAL C 139 -13.38 -27.64 2.96
C VAL C 139 -14.56 -27.66 3.96
N ASP C 140 -15.81 -27.90 3.52
CA ASP C 140 -16.96 -27.90 4.42
C ASP C 140 -16.90 -29.03 5.49
N ILE C 141 -16.53 -30.26 5.09
CA ILE C 141 -16.35 -31.39 6.00
C ILE C 141 -15.13 -31.17 6.91
N LEU C 142 -13.98 -30.75 6.35
CA LEU C 142 -12.76 -30.55 7.12
C LEU C 142 -12.82 -29.38 8.10
N THR C 143 -13.70 -28.38 7.84
CA THR C 143 -13.89 -27.28 8.80
C THR C 143 -14.58 -27.87 10.04
N TYR C 144 -15.58 -28.77 9.81
CA TYR C 144 -16.31 -29.49 10.87
C TYR C 144 -15.32 -30.34 11.68
N VAL C 145 -14.46 -31.10 10.98
CA VAL C 145 -13.43 -31.97 11.57
C VAL C 145 -12.50 -31.15 12.48
N ALA C 146 -12.04 -29.98 12.00
CA ALA C 146 -11.18 -29.07 12.74
C ALA C 146 -11.89 -28.54 14.00
N TRP C 147 -13.18 -28.21 13.86
CA TRP C 147 -14.02 -27.74 14.96
C TRP C 147 -14.21 -28.82 16.04
N LYS C 148 -14.48 -30.08 15.61
CA LYS C 148 -14.69 -31.19 16.53
C LYS C 148 -13.43 -31.58 17.30
N ILE C 149 -12.28 -31.69 16.61
CA ILE C 149 -10.98 -32.05 17.23
C ILE C 149 -10.44 -30.92 18.13
N SER C 150 -10.53 -29.65 17.69
CA SER C 150 -10.01 -28.53 18.47
C SER C 150 -10.77 -28.24 19.78
N GLY C 151 -12.10 -28.36 19.74
CA GLY C 151 -12.96 -28.01 20.87
C GLY C 151 -13.17 -26.50 20.95
N PHE C 152 -12.75 -25.77 19.89
CA PHE C 152 -12.86 -24.31 19.81
C PHE C 152 -14.32 -23.89 19.63
N PRO C 153 -14.71 -22.68 20.09
CA PRO C 153 -16.08 -22.20 19.81
C PRO C 153 -16.24 -21.93 18.29
N LYS C 154 -17.48 -22.03 17.77
CA LYS C 154 -17.79 -21.86 16.33
C LYS C 154 -17.12 -20.64 15.66
N ASN C 155 -17.08 -19.48 16.37
CA ASN C 155 -16.50 -18.23 15.87
C ASN C 155 -15.00 -18.31 15.49
N ARG C 156 -14.23 -19.20 16.14
CA ARG C 156 -12.79 -19.33 15.89
C ARG C 156 -12.43 -20.43 14.87
N VAL C 157 -13.45 -21.06 14.22
CA VAL C 157 -13.22 -22.08 13.21
C VAL C 157 -13.90 -21.63 11.92
N ILE C 158 -13.08 -21.16 10.96
CA ILE C 158 -13.54 -20.59 9.70
C ILE C 158 -13.07 -21.44 8.53
N GLY C 159 -13.99 -21.72 7.62
CA GLY C 159 -13.69 -22.44 6.40
C GLY C 159 -13.66 -21.47 5.24
N SER C 160 -12.69 -21.61 4.33
CA SER C 160 -12.55 -20.75 3.14
C SER C 160 -13.87 -20.74 2.34
N GLY C 161 -14.51 -21.90 2.26
CA GLY C 161 -15.81 -22.11 1.63
C GLY C 161 -16.01 -21.51 0.25
N CYS C 162 -17.04 -20.64 0.12
CA CYS C 162 -17.40 -20.04 -1.15
C CYS C 162 -16.72 -18.70 -1.43
N ASN C 163 -15.58 -18.44 -0.78
CA ASN C 163 -14.84 -17.20 -1.01
C ASN C 163 -14.25 -17.17 -2.42
N LEU C 164 -13.66 -18.29 -2.88
CA LEU C 164 -13.09 -18.38 -4.23
C LEU C 164 -14.18 -18.41 -5.31
N ASP C 165 -15.30 -19.13 -5.03
CA ASP C 165 -16.47 -19.22 -5.93
C ASP C 165 -17.03 -17.82 -6.18
N SER C 166 -17.20 -16.99 -5.11
CA SER C 166 -17.73 -15.63 -5.26
C SER C 166 -16.79 -14.71 -6.03
N ALA C 167 -15.48 -14.80 -5.73
CA ALA C 167 -14.46 -14.00 -6.41
C ALA C 167 -14.46 -14.32 -7.90
N ARG C 168 -14.52 -15.62 -8.29
CA ARG C 168 -14.60 -16.07 -9.69
C ARG C 168 -15.87 -15.56 -10.37
N PHE C 169 -17.00 -15.62 -9.63
CA PHE C 169 -18.31 -15.18 -10.10
C PHE C 169 -18.29 -13.70 -10.43
N ARG C 170 -17.73 -12.88 -9.53
CA ARG C 170 -17.64 -11.42 -9.68
C ARG C 170 -16.71 -11.05 -10.85
N TYR C 171 -15.64 -11.84 -11.07
CA TYR C 171 -14.73 -11.62 -12.18
C TYR C 171 -15.52 -11.83 -13.49
N LEU C 172 -16.27 -12.96 -13.59
CA LEU C 172 -17.06 -13.28 -14.78
C LEU C 172 -18.18 -12.28 -15.00
N MET C 173 -18.79 -11.80 -13.92
CA MET C 173 -19.83 -10.78 -13.94
C MET C 173 -19.25 -9.47 -14.51
N GLY C 174 -18.05 -9.12 -14.06
CA GLY C 174 -17.33 -7.93 -14.47
C GLY C 174 -17.00 -7.90 -15.95
N GLU C 175 -16.56 -9.05 -16.49
CA GLU C 175 -16.22 -9.22 -17.89
C GLU C 175 -17.42 -9.05 -18.82
N ARG C 176 -18.59 -9.59 -18.43
CA ARG C 176 -19.84 -9.51 -19.17
C ARG C 176 -20.40 -8.07 -19.18
N LEU C 177 -20.20 -7.29 -18.10
CA LEU C 177 -20.72 -5.91 -17.99
C LEU C 177 -19.69 -4.81 -18.28
N GLY C 178 -18.40 -5.17 -18.45
CA GLY C 178 -17.32 -4.22 -18.68
C GLY C 178 -17.13 -3.31 -17.47
N VAL C 179 -17.26 -3.87 -16.27
CA VAL C 179 -17.14 -3.16 -14.99
C VAL C 179 -16.12 -3.91 -14.09
N HIS C 180 -15.38 -3.19 -13.23
CA HIS C 180 -14.44 -3.84 -12.30
C HIS C 180 -15.20 -4.76 -11.30
N PRO C 181 -14.69 -6.00 -11.01
CA PRO C 181 -15.38 -6.89 -10.04
C PRO C 181 -15.71 -6.29 -8.68
N LEU C 182 -14.93 -5.27 -8.23
CA LEU C 182 -15.21 -4.56 -6.99
C LEU C 182 -16.59 -3.90 -7.01
N SER C 183 -17.03 -3.46 -8.21
CA SER C 183 -18.34 -2.82 -8.41
C SER C 183 -19.46 -3.79 -8.81
N CYS C 184 -19.11 -5.07 -9.03
CA CYS C 184 -20.07 -6.12 -9.39
C CYS C 184 -20.32 -6.99 -8.19
N HIS C 185 -21.47 -6.83 -7.56
CA HIS C 185 -21.81 -7.56 -6.36
C HIS C 185 -22.59 -8.82 -6.67
N GLY C 186 -22.23 -9.92 -6.02
CA GLY C 186 -22.84 -11.23 -6.22
C GLY C 186 -22.36 -12.24 -5.23
N TRP C 187 -23.31 -13.06 -4.72
CA TRP C 187 -23.01 -14.06 -3.69
C TRP C 187 -23.32 -15.49 -4.09
N VAL C 188 -22.30 -16.34 -4.01
CA VAL C 188 -22.39 -17.78 -4.24
C VAL C 188 -22.28 -18.37 -2.83
N LEU C 189 -23.32 -19.11 -2.40
CA LEU C 189 -23.37 -19.65 -1.05
C LEU C 189 -23.54 -21.18 -0.97
N GLY C 190 -23.56 -21.69 0.25
CA GLY C 190 -23.74 -23.10 0.53
C GLY C 190 -22.46 -23.89 0.48
N GLU C 191 -22.51 -25.03 -0.21
CA GLU C 191 -21.41 -25.96 -0.34
C GLU C 191 -20.42 -25.53 -1.39
N HIS C 192 -19.15 -25.41 -1.01
CA HIS C 192 -18.07 -25.04 -1.91
C HIS C 192 -17.91 -26.08 -3.05
N GLY C 193 -17.72 -25.56 -4.26
CA GLY C 193 -17.50 -26.38 -5.45
C GLY C 193 -18.71 -26.53 -6.35
N ASP C 194 -18.87 -27.73 -6.92
CA ASP C 194 -19.92 -28.11 -7.87
C ASP C 194 -21.35 -27.79 -7.45
N SER C 195 -21.67 -27.98 -6.16
CA SER C 195 -23.01 -27.82 -5.59
C SER C 195 -23.30 -26.43 -5.00
N SER C 196 -22.47 -25.41 -5.32
CA SER C 196 -22.65 -24.05 -4.82
C SER C 196 -23.95 -23.40 -5.34
N VAL C 197 -24.48 -22.45 -4.58
CA VAL C 197 -25.75 -21.79 -4.89
C VAL C 197 -25.57 -20.30 -5.21
N PRO C 198 -25.77 -19.86 -6.48
CA PRO C 198 -25.70 -18.42 -6.76
C PRO C 198 -27.00 -17.75 -6.31
N VAL C 199 -26.90 -16.68 -5.52
CA VAL C 199 -28.06 -15.96 -4.98
C VAL C 199 -28.39 -14.79 -5.93
N TRP C 200 -29.20 -15.09 -6.95
CA TRP C 200 -29.62 -14.18 -8.01
C TRP C 200 -30.24 -12.89 -7.53
N SER C 201 -31.04 -12.93 -6.46
CA SER C 201 -31.72 -11.76 -5.88
C SER C 201 -30.77 -10.67 -5.40
N GLY C 202 -29.53 -11.05 -5.04
CA GLY C 202 -28.50 -10.14 -4.53
C GLY C 202 -27.51 -9.63 -5.54
N MET C 203 -27.57 -10.13 -6.79
CA MET C 203 -26.67 -9.76 -7.88
C MET C 203 -27.01 -8.34 -8.36
N ASN C 204 -26.08 -7.39 -8.12
CA ASN C 204 -26.31 -5.98 -8.46
C ASN C 204 -25.07 -5.19 -8.82
N VAL C 205 -25.31 -4.01 -9.39
CA VAL C 205 -24.33 -2.98 -9.72
C VAL C 205 -24.95 -1.69 -9.18
N ALA C 206 -24.21 -0.96 -8.33
CA ALA C 206 -24.62 0.31 -7.75
C ALA C 206 -25.99 0.26 -7.06
N GLY C 207 -26.30 -0.87 -6.43
CA GLY C 207 -27.56 -1.10 -5.72
C GLY C 207 -28.72 -1.40 -6.64
N VAL C 208 -28.48 -1.53 -7.95
CA VAL C 208 -29.52 -1.84 -8.95
C VAL C 208 -29.58 -3.36 -9.10
N SER C 209 -30.62 -3.98 -8.56
CA SER C 209 -30.85 -5.43 -8.62
C SER C 209 -31.06 -5.89 -10.06
N LEU C 210 -30.24 -6.85 -10.49
CA LEU C 210 -30.31 -7.41 -11.84
C LEU C 210 -31.60 -8.24 -12.03
N LYS C 211 -32.08 -8.91 -10.97
CA LYS C 211 -33.33 -9.70 -11.02
C LYS C 211 -34.55 -8.78 -11.15
N THR C 212 -34.51 -7.60 -10.50
CA THR C 212 -35.59 -6.61 -10.58
C THR C 212 -35.75 -6.11 -12.03
N LEU C 213 -34.64 -5.82 -12.71
CA LEU C 213 -34.63 -5.38 -14.12
C LEU C 213 -34.93 -6.53 -15.08
N HIS C 214 -34.48 -7.76 -14.72
CA HIS C 214 -34.57 -8.98 -15.52
C HIS C 214 -35.17 -10.11 -14.66
N PRO C 215 -36.52 -10.24 -14.57
CA PRO C 215 -37.12 -11.27 -13.67
C PRO C 215 -36.71 -12.72 -13.95
N ASP C 216 -36.35 -13.03 -15.20
CA ASP C 216 -35.92 -14.37 -15.58
C ASP C 216 -34.44 -14.66 -15.23
N LEU C 217 -33.72 -13.71 -14.56
CA LEU C 217 -32.32 -13.88 -14.14
C LEU C 217 -32.07 -15.20 -13.40
N GLY C 218 -31.15 -16.01 -13.95
CA GLY C 218 -30.78 -17.31 -13.40
C GLY C 218 -31.78 -18.43 -13.64
N THR C 219 -32.90 -18.16 -14.33
CA THR C 219 -33.90 -19.19 -14.64
C THR C 219 -33.58 -19.80 -16.00
N ASP C 220 -34.00 -21.06 -16.22
CA ASP C 220 -33.82 -21.79 -17.47
C ASP C 220 -34.55 -21.11 -18.65
N LYS C 221 -35.53 -20.25 -18.37
CA LYS C 221 -36.27 -19.57 -19.43
C LYS C 221 -35.69 -18.17 -19.79
N ASP C 222 -34.56 -17.76 -19.16
CA ASP C 222 -33.90 -16.47 -19.43
C ASP C 222 -33.21 -16.49 -20.79
N LYS C 223 -33.62 -15.58 -21.68
CA LYS C 223 -33.10 -15.41 -23.05
C LYS C 223 -31.57 -15.20 -23.12
N GLU C 224 -31.04 -14.30 -22.26
CA GLU C 224 -29.61 -13.99 -22.17
C GLU C 224 -28.79 -15.04 -21.43
N GLN C 225 -29.45 -15.98 -20.71
CA GLN C 225 -28.84 -17.07 -19.96
C GLN C 225 -27.75 -16.61 -18.97
N TRP C 226 -28.16 -15.83 -17.95
CA TRP C 226 -27.26 -15.31 -16.93
C TRP C 226 -26.82 -16.38 -15.94
N LYS C 227 -27.53 -17.52 -15.93
CA LYS C 227 -27.27 -18.72 -15.14
C LYS C 227 -25.91 -19.27 -15.50
N GLU C 228 -25.48 -19.06 -16.76
CA GLU C 228 -24.22 -19.50 -17.34
C GLU C 228 -23.01 -18.85 -16.67
N VAL C 229 -23.20 -17.70 -16.01
CA VAL C 229 -22.13 -17.02 -15.26
C VAL C 229 -21.70 -17.97 -14.12
N HIS C 230 -22.69 -18.61 -13.46
CA HIS C 230 -22.40 -19.57 -12.40
C HIS C 230 -21.85 -20.88 -12.95
N LYS C 231 -22.35 -21.32 -14.13
CA LYS C 231 -21.87 -22.53 -14.81
C LYS C 231 -20.39 -22.36 -15.13
N GLN C 232 -20.02 -21.18 -15.69
CA GLN C 232 -18.65 -20.85 -16.07
C GLN C 232 -17.68 -20.73 -14.88
N VAL C 233 -18.18 -20.61 -13.64
CA VAL C 233 -17.36 -20.62 -12.43
C VAL C 233 -16.88 -22.06 -12.26
N VAL C 234 -17.85 -23.01 -12.23
CA VAL C 234 -17.58 -24.44 -12.10
C VAL C 234 -16.64 -24.89 -13.21
N GLU C 235 -16.98 -24.57 -14.46
CA GLU C 235 -16.17 -24.94 -15.63
C GLU C 235 -14.76 -24.33 -15.67
N SER C 236 -14.59 -23.08 -15.17
CA SER C 236 -13.28 -22.40 -15.12
C SER C 236 -12.34 -23.10 -14.14
N ALA C 237 -12.88 -23.61 -13.03
CA ALA C 237 -12.13 -24.37 -12.01
C ALA C 237 -11.55 -25.64 -12.61
N TYR C 238 -12.34 -26.39 -13.41
CA TYR C 238 -11.88 -27.62 -14.09
C TYR C 238 -10.89 -27.26 -15.18
N GLU C 239 -11.11 -26.14 -15.88
CA GLU C 239 -10.25 -25.68 -16.96
C GLU C 239 -8.83 -25.39 -16.44
N VAL C 240 -8.73 -24.57 -15.37
CA VAL C 240 -7.45 -24.24 -14.71
C VAL C 240 -6.67 -25.53 -14.36
N ILE C 241 -7.35 -26.52 -13.76
CA ILE C 241 -6.75 -27.81 -13.38
C ILE C 241 -6.25 -28.58 -14.60
N LYS C 242 -7.04 -28.62 -15.67
CA LYS C 242 -6.67 -29.28 -16.93
C LYS C 242 -5.43 -28.60 -17.57
N LEU C 243 -5.39 -27.26 -17.55
CA LEU C 243 -4.36 -26.43 -18.16
C LEU C 243 -3.04 -26.35 -17.39
N LYS C 244 -3.07 -26.08 -16.07
CA LYS C 244 -1.82 -25.95 -15.30
C LYS C 244 -1.63 -27.03 -14.21
N GLY C 245 -2.65 -27.84 -13.93
CA GLY C 245 -2.59 -28.94 -12.96
C GLY C 245 -3.04 -28.66 -11.55
N TYR C 246 -3.19 -27.37 -11.19
CA TYR C 246 -3.57 -26.93 -9.83
C TYR C 246 -4.02 -25.46 -9.86
N THR C 247 -4.51 -24.94 -8.75
CA THR C 247 -4.90 -23.53 -8.61
C THR C 247 -4.11 -22.95 -7.43
N SER C 248 -3.53 -21.76 -7.60
CA SER C 248 -2.75 -21.20 -6.50
C SER C 248 -2.96 -19.71 -6.24
N TRP C 249 -2.73 -18.87 -7.25
CA TRP C 249 -2.79 -17.42 -7.11
C TRP C 249 -4.14 -16.91 -6.63
N ALA C 250 -5.23 -17.32 -7.30
CA ALA C 250 -6.60 -16.90 -6.94
C ALA C 250 -6.99 -17.25 -5.51
N ILE C 251 -6.69 -18.49 -5.07
CA ILE C 251 -6.99 -18.94 -3.72
C ILE C 251 -6.13 -18.20 -2.69
N GLY C 252 -4.82 -18.07 -2.94
CA GLY C 252 -3.88 -17.37 -2.07
C GLY C 252 -4.26 -15.91 -1.83
N LEU C 253 -4.71 -15.21 -2.89
CA LEU C 253 -5.16 -13.82 -2.81
C LEU C 253 -6.46 -13.70 -2.00
N SER C 254 -7.39 -14.67 -2.18
CA SER C 254 -8.67 -14.68 -1.45
C SER C 254 -8.49 -14.96 0.05
N VAL C 255 -7.59 -15.89 0.39
CA VAL C 255 -7.25 -16.24 1.77
C VAL C 255 -6.61 -15.02 2.47
N ALA C 256 -5.74 -14.30 1.74
CA ALA C 256 -5.06 -13.10 2.23
C ALA C 256 -6.08 -12.01 2.55
N ASP C 257 -7.16 -11.92 1.73
CA ASP C 257 -8.28 -10.99 1.95
C ASP C 257 -9.02 -11.31 3.24
N LEU C 258 -9.22 -12.62 3.53
CA LEU C 258 -9.86 -13.07 4.78
C LEU C 258 -8.94 -12.72 5.97
N ALA C 259 -7.62 -13.08 5.84
CA ALA C 259 -6.59 -12.80 6.84
C ALA C 259 -6.53 -11.31 7.23
N GLU C 260 -6.65 -10.38 6.25
CA GLU C 260 -6.63 -8.93 6.49
C GLU C 260 -7.82 -8.48 7.36
N SER C 261 -9.02 -9.03 7.10
CA SER C 261 -10.21 -8.72 7.88
C SER C 261 -10.02 -9.15 9.34
N ILE C 262 -9.50 -10.38 9.53
CA ILE C 262 -9.24 -10.98 10.85
C ILE C 262 -8.16 -10.19 11.58
N MET C 263 -6.95 -10.07 10.99
CA MET C 263 -5.79 -9.40 11.58
C MET C 263 -6.01 -7.93 11.93
N LYS C 264 -6.73 -7.20 11.08
CA LYS C 264 -6.96 -5.78 11.27
C LYS C 264 -8.32 -5.48 11.90
N ASN C 265 -9.10 -6.54 12.27
CA ASN C 265 -10.43 -6.43 12.88
C ASN C 265 -11.32 -5.46 12.07
N LEU C 266 -11.43 -5.72 10.76
CA LEU C 266 -12.16 -4.82 9.88
C LEU C 266 -13.67 -4.91 9.97
N ARG C 267 -14.22 -6.11 10.26
CA ARG C 267 -15.67 -6.35 10.34
C ARG C 267 -16.32 -6.20 8.96
N ARG C 268 -15.63 -6.75 7.96
CA ARG C 268 -16.10 -6.80 6.58
C ARG C 268 -16.86 -8.08 6.43
N VAL C 269 -17.79 -8.13 5.48
CA VAL C 269 -18.63 -9.30 5.19
C VAL C 269 -17.97 -10.14 4.10
N HIS C 270 -17.82 -11.44 4.32
CA HIS C 270 -17.19 -12.38 3.38
C HIS C 270 -17.98 -13.67 3.29
N PRO C 271 -18.02 -14.35 2.12
CA PRO C 271 -18.71 -15.64 2.06
C PRO C 271 -17.78 -16.77 2.55
N VAL C 272 -17.92 -17.14 3.81
CA VAL C 272 -17.10 -18.18 4.44
C VAL C 272 -17.92 -19.28 5.09
N SER C 273 -17.33 -20.47 5.23
CA SER C 273 -17.98 -21.62 5.79
C SER C 273 -18.06 -21.52 7.31
N THR C 274 -19.29 -21.58 7.84
CA THR C 274 -19.59 -21.53 9.27
C THR C 274 -20.64 -22.57 9.64
N MET C 275 -20.78 -22.87 10.95
CA MET C 275 -21.78 -23.76 11.53
C MET C 275 -23.15 -23.18 11.18
N ILE C 276 -23.83 -23.78 10.20
CA ILE C 276 -25.11 -23.29 9.69
C ILE C 276 -26.34 -23.86 10.47
N LYS C 277 -26.09 -24.65 11.55
CA LYS C 277 -27.13 -25.25 12.39
C LYS C 277 -28.16 -24.24 12.90
N GLY C 278 -29.44 -24.55 12.70
CA GLY C 278 -30.55 -23.70 13.12
C GLY C 278 -31.06 -22.75 12.05
N LEU C 279 -30.37 -22.70 10.90
CA LEU C 279 -30.76 -21.85 9.79
C LEU C 279 -31.19 -22.70 8.63
N TYR C 280 -32.19 -22.22 7.88
CA TYR C 280 -32.78 -22.83 6.69
C TYR C 280 -33.27 -24.28 6.91
N GLY C 281 -33.82 -24.54 8.10
CA GLY C 281 -34.33 -25.86 8.46
C GLY C 281 -33.28 -26.92 8.67
N ILE C 282 -32.03 -26.52 8.98
CA ILE C 282 -30.89 -27.41 9.22
C ILE C 282 -30.72 -27.65 10.72
N LYS C 283 -30.64 -28.93 11.14
CA LYS C 283 -30.47 -29.27 12.55
C LYS C 283 -29.14 -30.04 12.80
N ASP C 284 -28.50 -30.57 11.73
CA ASP C 284 -27.22 -31.27 11.82
C ASP C 284 -26.06 -30.27 12.01
N ASP C 285 -24.94 -30.74 12.61
CA ASP C 285 -23.71 -29.97 12.82
C ASP C 285 -22.93 -29.89 11.49
N VAL C 286 -23.35 -29.00 10.60
CA VAL C 286 -22.71 -28.85 9.30
C VAL C 286 -22.23 -27.42 9.10
N PHE C 287 -21.17 -27.28 8.30
CA PHE C 287 -20.58 -26.00 7.96
C PHE C 287 -20.87 -25.70 6.50
N LEU C 288 -21.50 -24.55 6.24
CA LEU C 288 -21.84 -24.09 4.90
C LEU C 288 -21.51 -22.61 4.77
N SER C 289 -21.34 -22.13 3.52
CA SER C 289 -21.03 -20.72 3.33
C SER C 289 -22.24 -19.83 3.38
N VAL C 290 -22.14 -18.81 4.22
CA VAL C 290 -23.11 -17.72 4.37
C VAL C 290 -22.25 -16.43 4.52
N PRO C 291 -22.78 -15.22 4.28
CA PRO C 291 -21.94 -14.02 4.46
C PRO C 291 -21.72 -13.78 5.95
N CYS C 292 -20.45 -13.75 6.36
CA CYS C 292 -20.05 -13.60 7.76
C CYS C 292 -19.29 -12.30 7.98
N ILE C 293 -19.47 -11.72 9.16
CA ILE C 293 -18.72 -10.52 9.54
C ILE C 293 -17.43 -11.02 10.18
N LEU C 294 -16.27 -10.65 9.60
CA LEU C 294 -14.94 -11.07 10.05
C LEU C 294 -14.18 -10.02 10.78
N GLY C 295 -13.54 -10.40 11.88
CA GLY C 295 -12.76 -9.53 12.75
C GLY C 295 -11.83 -10.31 13.66
N GLN C 296 -11.36 -9.65 14.75
CA GLN C 296 -10.39 -10.21 15.71
C GLN C 296 -10.86 -11.47 16.47
N ASN C 297 -12.18 -11.71 16.56
CA ASN C 297 -12.74 -12.89 17.22
C ASN C 297 -13.18 -13.96 16.19
N GLY C 298 -12.79 -13.77 14.93
CA GLY C 298 -13.18 -14.65 13.84
C GLY C 298 -14.55 -14.25 13.31
N ILE C 299 -15.47 -15.21 13.26
CA ILE C 299 -16.85 -14.96 12.82
C ILE C 299 -17.63 -14.45 14.02
N SER C 300 -17.84 -13.13 14.11
CA SER C 300 -18.59 -12.54 15.23
C SER C 300 -20.09 -12.52 14.95
N ASP C 301 -20.46 -12.45 13.66
CA ASP C 301 -21.85 -12.33 13.24
C ASP C 301 -22.06 -12.94 11.85
N LEU C 302 -23.32 -13.24 11.49
CA LEU C 302 -23.60 -13.71 10.14
C LEU C 302 -24.84 -13.02 9.56
N VAL C 303 -24.83 -12.82 8.24
CA VAL C 303 -25.92 -12.16 7.53
C VAL C 303 -26.99 -13.22 7.17
N LYS C 304 -28.25 -12.93 7.55
CA LYS C 304 -29.39 -13.79 7.31
C LYS C 304 -29.97 -13.49 5.92
N VAL C 305 -29.44 -14.18 4.91
CA VAL C 305 -29.84 -14.02 3.52
C VAL C 305 -31.20 -14.66 3.28
N THR C 306 -32.08 -13.91 2.61
CA THR C 306 -33.41 -14.32 2.20
C THR C 306 -33.22 -15.22 0.99
N LEU C 307 -33.57 -16.50 1.13
CA LEU C 307 -33.43 -17.43 0.02
C LEU C 307 -34.78 -17.90 -0.49
N THR C 308 -34.87 -18.17 -1.79
CA THR C 308 -36.06 -18.72 -2.43
C THR C 308 -36.20 -20.18 -1.96
N SER C 309 -37.41 -20.79 -2.12
CA SER C 309 -37.68 -22.18 -1.78
C SER C 309 -36.67 -23.14 -2.42
N GLU C 310 -36.33 -22.89 -3.71
CA GLU C 310 -35.40 -23.66 -4.55
C GLU C 310 -33.98 -23.58 -3.99
N GLU C 311 -33.49 -22.36 -3.68
CA GLU C 311 -32.16 -22.11 -3.11
C GLU C 311 -32.07 -22.80 -1.73
N GLU C 312 -33.13 -22.65 -0.91
CA GLU C 312 -33.24 -23.23 0.43
C GLU C 312 -33.20 -24.76 0.39
N ALA C 313 -33.88 -25.37 -0.61
CA ALA C 313 -33.91 -26.82 -0.80
C ALA C 313 -32.52 -27.35 -1.16
N ARG C 314 -31.79 -26.60 -2.01
CA ARG C 314 -30.42 -26.95 -2.43
C ARG C 314 -29.47 -26.94 -1.22
N LEU C 315 -29.64 -25.97 -0.33
CA LEU C 315 -28.83 -25.85 0.89
C LEU C 315 -29.10 -27.00 1.86
N LYS C 316 -30.39 -27.39 2.02
CA LYS C 316 -30.81 -28.49 2.88
C LYS C 316 -30.27 -29.82 2.36
N LYS C 317 -30.30 -30.02 1.02
CA LYS C 317 -29.81 -31.23 0.36
C LYS C 317 -28.30 -31.38 0.59
N SER C 318 -27.54 -30.27 0.45
CA SER C 318 -26.09 -30.22 0.68
C SER C 318 -25.80 -30.61 2.13
N ALA C 319 -26.59 -30.05 3.08
CA ALA C 319 -26.46 -30.31 4.52
C ALA C 319 -26.64 -31.80 4.84
N ASP C 320 -27.68 -32.44 4.26
CA ASP C 320 -27.98 -33.86 4.41
C ASP C 320 -26.84 -34.73 3.88
N THR C 321 -26.27 -34.36 2.71
CA THR C 321 -25.17 -35.09 2.08
C THR C 321 -23.91 -34.99 2.96
N LEU C 322 -23.59 -33.80 3.47
CA LEU C 322 -22.42 -33.58 4.32
C LEU C 322 -22.56 -34.31 5.65
N TRP C 323 -23.76 -34.31 6.28
CA TRP C 323 -23.98 -35.02 7.54
C TRP C 323 -23.97 -36.55 7.36
N GLY C 324 -24.34 -37.03 6.18
CA GLY C 324 -24.29 -38.45 5.82
C GLY C 324 -22.87 -38.99 5.81
N ILE C 325 -21.90 -38.16 5.38
CA ILE C 325 -20.48 -38.51 5.38
C ILE C 325 -19.93 -38.37 6.81
N GLN C 326 -20.19 -37.21 7.44
CA GLN C 326 -19.75 -36.83 8.78
C GLN C 326 -20.12 -37.82 9.88
N LYS C 327 -21.34 -38.40 9.79
CA LYS C 327 -21.92 -39.40 10.70
C LYS C 327 -20.99 -40.61 10.86
N GLU C 328 -20.41 -41.06 9.73
CA GLU C 328 -19.54 -42.23 9.59
C GLU C 328 -18.05 -41.94 9.79
N LEU C 329 -17.70 -40.88 10.55
CA LEU C 329 -16.29 -40.52 10.78
C LEU C 329 -15.73 -40.95 12.13
N GLN C 330 -14.49 -41.46 12.12
CA GLN C 330 -13.74 -41.93 13.30
C GLN C 330 -12.89 -40.77 13.86
N PHE C 331 -12.98 -40.54 15.18
CA PHE C 331 -12.21 -39.47 15.86
C PHE C 331 -11.25 -39.99 16.93
N ALA D 1 -32.04 -3.91 -25.61
CA ALA D 1 -32.73 -5.20 -25.48
C ALA D 1 -32.02 -6.13 -24.50
N THR D 2 -30.67 -6.06 -24.47
CA THR D 2 -29.86 -6.86 -23.55
C THR D 2 -29.91 -6.26 -22.15
N LEU D 3 -29.55 -7.05 -21.13
CA LEU D 3 -29.52 -6.61 -19.73
C LEU D 3 -28.44 -5.55 -19.56
N LYS D 4 -27.27 -5.74 -20.22
CA LYS D 4 -26.15 -4.80 -20.22
C LYS D 4 -26.62 -3.42 -20.68
N ASP D 5 -27.33 -3.35 -21.83
CA ASP D 5 -27.86 -2.10 -22.37
C ASP D 5 -28.95 -1.49 -21.49
N GLN D 6 -29.76 -2.32 -20.84
CA GLN D 6 -30.84 -1.86 -19.95
C GLN D 6 -30.28 -1.29 -18.64
N LEU D 7 -29.14 -1.83 -18.18
CA LEU D 7 -28.48 -1.42 -16.95
C LEU D 7 -27.46 -0.30 -17.13
N ILE D 8 -26.65 -0.38 -18.19
CA ILE D 8 -25.57 0.55 -18.47
C ILE D 8 -25.78 1.36 -19.74
N TYR D 9 -25.72 2.70 -19.60
CA TYR D 9 -25.79 3.63 -20.72
C TYR D 9 -24.35 4.00 -21.09
N ASN D 10 -23.94 3.69 -22.32
CA ASN D 10 -22.59 3.96 -22.80
C ASN D 10 -22.45 5.40 -23.33
N LEU D 11 -21.39 6.11 -22.87
CA LEU D 11 -21.09 7.48 -23.30
C LEU D 11 -20.23 7.43 -24.55
N LEU D 12 -19.16 6.61 -24.53
CA LEU D 12 -18.26 6.38 -25.66
C LEU D 12 -17.63 5.01 -25.63
N LYS D 13 -17.26 4.49 -26.81
CA LYS D 13 -16.60 3.19 -27.00
C LYS D 13 -15.42 3.35 -27.94
N GLU D 14 -14.67 4.44 -27.81
CA GLU D 14 -13.33 4.51 -28.38
C GLU D 14 -12.30 3.84 -27.45
N GLU D 15 -11.41 3.04 -28.05
CA GLU D 15 -10.38 2.34 -27.29
C GLU D 15 -9.08 3.11 -27.30
N GLN D 16 -8.47 3.22 -26.11
CA GLN D 16 -7.19 3.89 -25.91
C GLN D 16 -6.11 2.82 -25.72
N THR D 17 -4.84 3.23 -25.75
CA THR D 17 -3.70 2.33 -25.59
C THR D 17 -3.36 2.21 -24.09
N PRO D 18 -2.84 1.05 -23.58
CA PRO D 18 -2.47 0.97 -22.15
C PRO D 18 -1.40 2.01 -21.80
N GLN D 19 -1.52 2.60 -20.60
CA GLN D 19 -0.61 3.65 -20.17
C GLN D 19 0.61 3.17 -19.40
N ASN D 20 0.45 2.10 -18.60
CA ASN D 20 1.52 1.53 -17.79
C ASN D 20 1.50 0.01 -17.93
N LYS D 21 1.78 -0.49 -19.13
CA LYS D 21 1.74 -1.91 -19.42
C LYS D 21 3.06 -2.59 -19.17
N ILE D 22 3.00 -3.79 -18.56
CA ILE D 22 4.17 -4.63 -18.31
C ILE D 22 3.95 -5.98 -19.00
N THR D 23 4.99 -6.51 -19.64
CA THR D 23 4.97 -7.83 -20.24
C THR D 23 6.00 -8.71 -19.53
N VAL D 24 5.59 -9.95 -19.23
CA VAL D 24 6.46 -10.96 -18.67
C VAL D 24 6.56 -12.08 -19.73
N VAL D 25 7.79 -12.36 -20.20
CA VAL D 25 8.06 -13.42 -21.17
C VAL D 25 8.67 -14.62 -20.44
N GLY D 26 7.97 -15.76 -20.50
CA GLY D 26 8.34 -17.00 -19.82
C GLY D 26 7.56 -17.10 -18.53
N VAL D 27 6.53 -17.98 -18.48
CA VAL D 27 5.68 -18.11 -17.29
C VAL D 27 6.07 -19.31 -16.42
N GLY D 28 7.37 -19.49 -16.22
CA GLY D 28 7.85 -20.52 -15.32
C GLY D 28 7.79 -20.01 -13.88
N ALA D 29 8.54 -20.66 -12.99
CA ALA D 29 8.58 -20.29 -11.57
C ALA D 29 9.03 -18.84 -11.33
N VAL D 30 10.04 -18.35 -12.07
CA VAL D 30 10.54 -16.98 -11.97
C VAL D 30 9.51 -15.98 -12.53
N GLY D 31 9.05 -16.22 -13.77
CA GLY D 31 8.09 -15.38 -14.46
C GLY D 31 6.79 -15.14 -13.72
N MET D 32 6.25 -16.20 -13.11
CA MET D 32 5.02 -16.11 -12.33
C MET D 32 5.21 -15.37 -11.01
N ALA D 33 6.40 -15.52 -10.37
CA ALA D 33 6.74 -14.86 -9.11
C ALA D 33 6.92 -13.35 -9.36
N CYS D 34 7.46 -12.97 -10.55
CA CYS D 34 7.60 -11.57 -10.97
C CYS D 34 6.20 -10.99 -11.19
N ALA D 35 5.33 -11.74 -11.89
CA ALA D 35 3.93 -11.37 -12.18
C ALA D 35 3.15 -11.03 -10.91
N ILE D 36 3.13 -11.94 -9.91
CA ILE D 36 2.36 -11.76 -8.67
C ILE D 36 2.89 -10.58 -7.85
N SER D 37 4.22 -10.38 -7.82
CA SER D 37 4.80 -9.29 -7.05
C SER D 37 4.50 -7.95 -7.67
N ILE D 38 4.44 -7.88 -9.02
CA ILE D 38 4.10 -6.66 -9.76
C ILE D 38 2.61 -6.36 -9.54
N LEU D 39 1.76 -7.39 -9.63
CA LEU D 39 0.32 -7.26 -9.43
C LEU D 39 -0.01 -6.76 -8.03
N MET D 40 0.60 -7.36 -6.99
CA MET D 40 0.35 -6.98 -5.59
C MET D 40 0.95 -5.61 -5.21
N LYS D 41 1.83 -5.07 -6.08
CA LYS D 41 2.44 -3.75 -5.86
C LYS D 41 1.72 -2.65 -6.66
N ASP D 42 0.71 -3.01 -7.50
CA ASP D 42 -0.08 -2.08 -8.33
C ASP D 42 0.80 -1.22 -9.25
N LEU D 43 1.72 -1.86 -9.98
CA LEU D 43 2.62 -1.12 -10.87
C LEU D 43 2.06 -0.97 -12.28
N ALA D 44 1.17 -1.87 -12.68
CA ALA D 44 0.66 -1.87 -14.03
C ALA D 44 -0.85 -1.78 -14.16
N ASP D 45 -1.32 -1.16 -15.25
CA ASP D 45 -2.75 -1.09 -15.54
C ASP D 45 -3.09 -2.26 -16.47
N GLU D 46 -2.05 -2.88 -17.04
CA GLU D 46 -2.18 -4.06 -17.89
C GLU D 46 -0.95 -4.96 -17.74
N LEU D 47 -1.18 -6.27 -17.69
CA LEU D 47 -0.13 -7.27 -17.60
C LEU D 47 -0.29 -8.28 -18.73
N ALA D 48 0.76 -8.48 -19.53
CA ALA D 48 0.73 -9.45 -20.62
C ALA D 48 1.69 -10.57 -20.33
N LEU D 49 1.27 -11.80 -20.59
CA LEU D 49 2.12 -12.97 -20.37
C LEU D 49 2.34 -13.70 -21.64
N VAL D 50 3.59 -14.09 -21.91
CA VAL D 50 3.98 -14.83 -23.10
C VAL D 50 4.78 -16.09 -22.73
N ASP D 51 4.60 -17.17 -23.49
CA ASP D 51 5.30 -18.44 -23.34
C ASP D 51 5.11 -19.27 -24.61
N VAL D 52 5.79 -20.42 -24.72
CA VAL D 52 5.64 -21.35 -25.86
C VAL D 52 4.64 -22.46 -25.53
N ILE D 53 4.54 -22.82 -24.23
CA ILE D 53 3.60 -23.85 -23.75
C ILE D 53 2.22 -23.19 -23.57
N GLU D 54 1.35 -23.35 -24.57
CA GLU D 54 0.00 -22.77 -24.63
C GLU D 54 -0.90 -23.10 -23.44
N ASP D 55 -0.99 -24.41 -23.04
CA ASP D 55 -1.83 -24.88 -21.95
CA ASP D 55 -1.82 -24.89 -21.95
C ASP D 55 -1.49 -24.21 -20.61
N LYS D 56 -0.22 -24.32 -20.19
CA LYS D 56 0.33 -23.74 -18.95
C LYS D 56 0.08 -22.21 -18.94
N LEU D 57 0.28 -21.55 -20.09
CA LEU D 57 0.11 -20.11 -20.28
C LEU D 57 -1.34 -19.69 -20.01
N LYS D 58 -2.32 -20.38 -20.62
CA LYS D 58 -3.73 -20.07 -20.43
C LYS D 58 -4.16 -20.28 -18.98
N GLY D 59 -3.70 -21.37 -18.38
CA GLY D 59 -3.96 -21.72 -16.99
C GLY D 59 -3.47 -20.65 -16.02
N GLU D 60 -2.21 -20.21 -16.19
CA GLU D 60 -1.60 -19.15 -15.35
C GLU D 60 -2.32 -17.81 -15.50
N MET D 61 -2.75 -17.45 -16.72
CA MET D 61 -3.48 -16.21 -16.99
C MET D 61 -4.83 -16.24 -16.29
N MET D 62 -5.55 -17.37 -16.43
CA MET D 62 -6.87 -17.56 -15.82
C MET D 62 -6.81 -17.50 -14.29
N ASP D 63 -5.80 -18.16 -13.70
CA ASP D 63 -5.60 -18.17 -12.26
C ASP D 63 -5.38 -16.75 -11.74
N LEU D 64 -4.61 -15.92 -12.46
CA LEU D 64 -4.39 -14.52 -12.08
C LEU D 64 -5.67 -13.71 -12.23
N GLN D 65 -6.41 -13.92 -13.34
CA GLN D 65 -7.69 -13.23 -13.60
C GLN D 65 -8.73 -13.52 -12.54
N HIS D 66 -8.80 -14.77 -12.04
CA HIS D 66 -9.75 -15.14 -10.99
C HIS D 66 -9.50 -14.41 -9.65
N GLY D 67 -8.32 -13.81 -9.50
CA GLY D 67 -7.96 -13.04 -8.30
C GLY D 67 -8.14 -11.54 -8.45
N SER D 68 -8.71 -11.08 -9.60
CA SER D 68 -8.94 -9.66 -9.95
C SER D 68 -9.60 -8.83 -8.87
N LEU D 69 -10.57 -9.41 -8.14
CA LEU D 69 -11.33 -8.78 -7.05
C LEU D 69 -10.40 -8.21 -5.97
N PHE D 70 -9.23 -8.84 -5.76
CA PHE D 70 -8.24 -8.45 -4.76
C PHE D 70 -7.07 -7.68 -5.35
N LEU D 71 -7.15 -7.30 -6.64
CA LEU D 71 -6.09 -6.59 -7.34
C LEU D 71 -6.57 -5.25 -7.90
N ARG D 72 -5.61 -4.42 -8.37
CA ARG D 72 -5.89 -3.12 -8.96
C ARG D 72 -5.32 -3.03 -10.39
N THR D 73 -5.30 -4.18 -11.10
CA THR D 73 -4.83 -4.32 -12.48
C THR D 73 -6.04 -4.79 -13.27
N PRO D 74 -6.72 -3.88 -14.01
CA PRO D 74 -7.97 -4.27 -14.69
C PRO D 74 -7.84 -5.26 -15.82
N LYS D 75 -6.66 -5.35 -16.45
CA LYS D 75 -6.47 -6.23 -17.59
C LYS D 75 -5.26 -7.16 -17.49
N ILE D 76 -5.52 -8.45 -17.67
CA ILE D 76 -4.50 -9.50 -17.70
C ILE D 76 -4.73 -10.26 -19.01
N VAL D 77 -3.72 -10.24 -19.91
CA VAL D 77 -3.78 -10.93 -21.20
C VAL D 77 -2.61 -11.88 -21.36
N SER D 78 -2.78 -12.89 -22.21
CA SER D 78 -1.73 -13.86 -22.51
C SER D 78 -1.82 -14.33 -23.95
N GLY D 79 -0.72 -14.88 -24.45
CA GLY D 79 -0.66 -15.41 -25.79
C GLY D 79 0.71 -15.82 -26.27
N LYS D 80 0.73 -16.70 -27.27
CA LYS D 80 1.92 -17.20 -27.95
C LYS D 80 2.41 -16.10 -28.92
N ASP D 81 1.45 -15.35 -29.51
CA ASP D 81 1.69 -14.24 -30.42
C ASP D 81 2.01 -12.98 -29.60
N TYR D 82 3.00 -12.23 -30.04
CA TYR D 82 3.46 -11.03 -29.35
C TYR D 82 2.56 -9.81 -29.53
N ASN D 83 1.49 -9.92 -30.33
CA ASN D 83 0.55 -8.80 -30.50
C ASN D 83 -0.11 -8.43 -29.15
N VAL D 84 -0.12 -9.38 -28.18
CA VAL D 84 -0.66 -9.17 -26.84
C VAL D 84 0.24 -8.23 -26.00
N THR D 85 1.52 -8.08 -26.41
CA THR D 85 2.54 -7.29 -25.69
C THR D 85 2.66 -5.85 -26.21
N ALA D 86 1.87 -5.49 -27.24
CA ALA D 86 1.92 -4.17 -27.86
C ALA D 86 1.87 -3.00 -26.85
N ASN D 87 2.77 -2.02 -27.02
CA ASN D 87 2.87 -0.79 -26.21
C ASN D 87 3.26 -1.02 -24.74
N SER D 88 4.11 -2.03 -24.47
CA SER D 88 4.57 -2.26 -23.10
C SER D 88 5.65 -1.24 -22.71
N LYS D 89 5.60 -0.70 -21.49
CA LYS D 89 6.60 0.24 -20.97
C LYS D 89 7.82 -0.55 -20.50
N LEU D 90 7.59 -1.77 -19.98
CA LEU D 90 8.65 -2.65 -19.48
C LEU D 90 8.41 -4.09 -19.91
N VAL D 91 9.44 -4.75 -20.44
CA VAL D 91 9.37 -6.15 -20.83
C VAL D 91 10.41 -6.94 -20.02
N ILE D 92 9.93 -7.89 -19.24
CA ILE D 92 10.75 -8.73 -18.37
C ILE D 92 10.92 -10.12 -19.02
N ILE D 93 12.16 -10.47 -19.37
CA ILE D 93 12.49 -11.75 -20.01
C ILE D 93 12.97 -12.74 -18.95
N THR D 94 12.21 -13.80 -18.73
CA THR D 94 12.54 -14.85 -17.76
C THR D 94 12.51 -16.24 -18.46
N ALA D 95 12.63 -16.26 -19.79
CA ALA D 95 12.57 -17.51 -20.57
C ALA D 95 13.90 -18.19 -20.74
N GLY D 96 13.78 -19.49 -21.00
CA GLY D 96 14.90 -20.34 -21.37
C GLY D 96 15.03 -21.62 -20.59
N ALA D 97 16.17 -22.30 -20.80
CA ALA D 97 16.53 -23.52 -20.08
C ALA D 97 16.85 -23.11 -18.63
N ARG D 98 16.17 -23.72 -17.66
CA ARG D 98 16.40 -23.50 -16.24
C ARG D 98 17.65 -24.31 -15.82
N LEU D 106 29.47 -22.57 -22.97
CA LEU D 106 28.38 -23.07 -22.13
C LEU D 106 27.07 -23.27 -22.92
N ASN D 107 26.45 -24.43 -22.74
CA ASN D 107 25.22 -24.89 -23.40
C ASN D 107 23.98 -24.08 -22.99
N LEU D 108 24.00 -23.48 -21.78
CA LEU D 108 22.90 -22.63 -21.32
C LEU D 108 22.88 -21.36 -22.19
N VAL D 109 24.09 -20.83 -22.51
CA VAL D 109 24.33 -19.68 -23.40
C VAL D 109 23.75 -20.02 -24.77
N GLN D 110 24.21 -21.14 -25.37
CA GLN D 110 23.80 -21.61 -26.70
C GLN D 110 22.31 -21.67 -26.86
N ARG D 111 21.62 -22.47 -26.00
CA ARG D 111 20.17 -22.66 -25.98
C ARG D 111 19.46 -21.29 -25.83
N ASN D 112 19.90 -20.47 -24.87
CA ASN D 112 19.27 -19.19 -24.59
C ASN D 112 19.48 -18.13 -25.67
N VAL D 113 20.69 -18.04 -26.30
CA VAL D 113 20.96 -17.14 -27.43
C VAL D 113 19.92 -17.40 -28.54
N ASN D 114 19.84 -18.68 -29.00
CA ASN D 114 18.90 -19.12 -30.03
C ASN D 114 17.45 -18.76 -29.67
N ILE D 115 17.07 -18.89 -28.38
CA ILE D 115 15.75 -18.52 -27.88
C ILE D 115 15.54 -16.99 -27.98
N PHE D 116 16.58 -16.22 -27.64
CA PHE D 116 16.55 -14.75 -27.69
C PHE D 116 16.51 -14.21 -29.12
N LYS D 117 17.09 -14.98 -30.07
CA LYS D 117 17.13 -14.65 -31.50
C LYS D 117 15.73 -14.41 -32.06
N PHE D 118 14.71 -15.03 -31.45
CA PHE D 118 13.30 -14.90 -31.86
C PHE D 118 12.48 -14.04 -30.90
N ILE D 119 12.68 -14.15 -29.55
CA ILE D 119 11.96 -13.34 -28.55
C ILE D 119 12.20 -11.82 -28.75
N ILE D 120 13.47 -11.38 -28.66
CA ILE D 120 13.87 -9.99 -28.74
C ILE D 120 13.30 -9.28 -29.99
N PRO D 121 13.44 -9.78 -31.27
CA PRO D 121 12.84 -9.04 -32.40
C PRO D 121 11.32 -8.94 -32.33
N ASN D 122 10.65 -9.93 -31.73
CA ASN D 122 9.20 -9.92 -31.54
C ASN D 122 8.76 -8.91 -30.47
N VAL D 123 9.60 -8.72 -29.43
CA VAL D 123 9.39 -7.75 -28.36
C VAL D 123 9.48 -6.33 -28.94
N VAL D 124 10.60 -5.99 -29.63
CA VAL D 124 10.86 -4.63 -30.14
C VAL D 124 9.85 -4.26 -31.24
N LYS D 125 9.36 -5.25 -32.01
CA LYS D 125 8.35 -5.05 -33.06
C LYS D 125 7.08 -4.40 -32.49
N TYR D 126 6.58 -4.88 -31.33
CA TYR D 126 5.34 -4.38 -30.72
C TYR D 126 5.54 -3.30 -29.64
N SER D 127 6.74 -3.20 -29.08
CA SER D 127 7.09 -2.23 -28.05
C SER D 127 8.45 -1.61 -28.39
N PRO D 128 8.56 -0.81 -29.46
CA PRO D 128 9.88 -0.22 -29.81
C PRO D 128 10.46 0.72 -28.76
N ASN D 129 9.59 1.33 -27.91
CA ASN D 129 10.02 2.27 -26.85
C ASN D 129 10.11 1.68 -25.43
N CYS D 130 10.02 0.33 -25.28
CA CYS D 130 10.07 -0.29 -23.96
C CYS D 130 11.46 -0.31 -23.32
N LYS D 131 11.52 -0.71 -22.04
CA LYS D 131 12.74 -0.99 -21.30
C LYS D 131 12.79 -2.51 -21.23
N LEU D 132 13.96 -3.10 -21.46
CA LEU D 132 14.13 -4.54 -21.39
C LEU D 132 14.83 -4.87 -20.09
N LEU D 133 14.22 -5.74 -19.29
CA LEU D 133 14.79 -6.20 -18.04
C LEU D 133 15.02 -7.71 -18.17
N ILE D 134 16.29 -8.12 -18.27
CA ILE D 134 16.70 -9.51 -18.47
C ILE D 134 16.94 -10.22 -17.15
N VAL D 135 16.31 -11.39 -16.98
CA VAL D 135 16.44 -12.20 -15.78
C VAL D 135 17.11 -13.53 -16.12
N SER D 136 16.81 -14.09 -17.30
CA SER D 136 17.33 -15.36 -17.80
C SER D 136 18.87 -15.43 -17.69
N ASN D 137 19.40 -16.59 -17.26
CA ASN D 137 20.84 -16.82 -17.07
C ASN D 137 21.55 -17.40 -18.29
N PRO D 138 22.89 -17.14 -18.51
CA PRO D 138 23.77 -16.22 -17.77
C PRO D 138 23.41 -14.77 -18.08
N VAL D 139 22.76 -14.14 -17.07
CA VAL D 139 22.17 -12.81 -17.11
C VAL D 139 23.12 -11.76 -17.71
N ASP D 140 24.43 -11.79 -17.40
CA ASP D 140 25.37 -10.81 -17.95
C ASP D 140 25.58 -10.95 -19.48
N ILE D 141 25.72 -12.20 -19.97
CA ILE D 141 25.87 -12.50 -21.40
C ILE D 141 24.56 -12.20 -22.14
N LEU D 142 23.43 -12.67 -21.60
CA LEU D 142 22.13 -12.50 -22.25
C LEU D 142 21.65 -11.06 -22.29
N THR D 143 22.11 -10.20 -21.34
CA THR D 143 21.76 -8.76 -21.38
C THR D 143 22.46 -8.16 -22.60
N TYR D 144 23.75 -8.56 -22.85
CA TYR D 144 24.55 -8.16 -24.02
C TYR D 144 23.86 -8.63 -25.31
N VAL D 145 23.41 -9.89 -25.34
CA VAL D 145 22.72 -10.50 -26.48
C VAL D 145 21.44 -9.70 -26.78
N ALA D 146 20.64 -9.39 -25.75
CA ALA D 146 19.41 -8.59 -25.90
C ALA D 146 19.71 -7.21 -26.46
N TRP D 147 20.80 -6.60 -26.00
CA TRP D 147 21.26 -5.28 -26.45
C TRP D 147 21.68 -5.30 -27.93
N LYS D 148 22.45 -6.34 -28.33
CA LYS D 148 22.93 -6.50 -29.69
C LYS D 148 21.79 -6.75 -30.71
N ILE D 149 20.87 -7.68 -30.38
CA ILE D 149 19.71 -8.02 -31.23
C ILE D 149 18.69 -6.88 -31.32
N SER D 150 18.36 -6.22 -30.19
CA SER D 150 17.36 -5.16 -30.17
C SER D 150 17.76 -3.90 -30.92
N GLY D 151 19.03 -3.50 -30.78
CA GLY D 151 19.52 -2.26 -31.37
C GLY D 151 19.14 -1.08 -30.47
N PHE D 152 18.65 -1.38 -29.24
CA PHE D 152 18.25 -0.37 -28.25
C PHE D 152 19.46 0.37 -27.67
N PRO D 153 19.32 1.63 -27.26
CA PRO D 153 20.44 2.31 -26.59
C PRO D 153 20.70 1.65 -25.22
N LYS D 154 21.95 1.78 -24.71
CA LYS D 154 22.44 1.21 -23.45
C LYS D 154 21.46 1.31 -22.27
N ASN D 155 20.85 2.49 -22.12
CA ASN D 155 19.95 2.83 -21.03
C ASN D 155 18.65 2.01 -20.97
N ARG D 156 18.15 1.50 -22.12
CA ARG D 156 16.91 0.73 -22.18
C ARG D 156 17.12 -0.80 -22.10
N VAL D 157 18.37 -1.25 -21.86
CA VAL D 157 18.65 -2.69 -21.71
C VAL D 157 19.29 -2.91 -20.35
N ILE D 158 18.51 -3.48 -19.42
CA ILE D 158 18.89 -3.68 -18.03
C ILE D 158 18.92 -5.16 -17.68
N GLY D 159 20.00 -5.59 -17.03
CA GLY D 159 20.16 -6.96 -16.56
C GLY D 159 19.93 -7.01 -15.07
N SER D 160 19.17 -8.01 -14.57
CA SER D 160 18.89 -8.18 -13.15
C SER D 160 20.20 -8.19 -12.34
N GLY D 161 21.23 -8.84 -12.91
CA GLY D 161 22.58 -8.90 -12.38
C GLY D 161 22.73 -9.25 -10.91
N CYS D 162 23.39 -8.36 -10.14
CA CYS D 162 23.67 -8.58 -8.73
C CYS D 162 22.59 -8.06 -7.78
N ASN D 163 21.35 -7.89 -8.26
CA ASN D 163 20.26 -7.43 -7.42
C ASN D 163 19.90 -8.49 -6.38
N LEU D 164 19.81 -9.78 -6.79
CA LEU D 164 19.51 -10.88 -5.87
C LEU D 164 20.67 -11.17 -4.91
N ASP D 165 21.92 -11.08 -5.41
CA ASP D 165 23.15 -11.27 -4.64
C ASP D 165 23.22 -10.25 -3.49
N SER D 166 23.01 -8.95 -3.81
CA SER D 166 23.06 -7.89 -2.80
C SER D 166 21.95 -8.04 -1.78
N ALA D 167 20.70 -8.43 -2.20
CA ALA D 167 19.56 -8.64 -1.31
C ALA D 167 19.87 -9.79 -0.32
N ARG D 168 20.44 -10.90 -0.80
CA ARG D 168 20.84 -12.05 0.02
C ARG D 168 21.93 -11.64 1.04
N PHE D 169 22.89 -10.84 0.58
CA PHE D 169 24.00 -10.33 1.38
C PHE D 169 23.49 -9.48 2.53
N ARG D 170 22.56 -8.55 2.23
CA ARG D 170 21.97 -7.63 3.23
C ARG D 170 21.13 -8.39 4.24
N TYR D 171 20.45 -9.48 3.80
CA TYR D 171 19.68 -10.34 4.70
C TYR D 171 20.65 -10.99 5.70
N LEU D 172 21.77 -11.57 5.21
CA LEU D 172 22.75 -12.23 6.06
C LEU D 172 23.44 -11.24 6.98
N MET D 173 23.69 -10.03 6.50
CA MET D 173 24.28 -8.93 7.26
C MET D 173 23.35 -8.55 8.41
N GLY D 174 22.06 -8.46 8.11
CA GLY D 174 21.01 -8.12 9.06
C GLY D 174 20.88 -9.09 10.20
N GLU D 175 20.99 -10.40 9.90
CA GLU D 175 20.92 -11.50 10.85
C GLU D 175 22.10 -11.47 11.84
N ARG D 176 23.32 -11.17 11.37
CA ARG D 176 24.52 -11.08 12.23
C ARG D 176 24.47 -9.87 13.17
N LEU D 177 23.87 -8.75 12.72
CA LEU D 177 23.82 -7.52 13.50
C LEU D 177 22.52 -7.26 14.24
N GLY D 178 21.50 -8.10 14.02
CA GLY D 178 20.18 -7.94 14.61
C GLY D 178 19.52 -6.63 14.18
N VAL D 179 19.69 -6.29 12.89
CA VAL D 179 19.14 -5.07 12.30
C VAL D 179 18.37 -5.45 11.01
N HIS D 180 17.29 -4.71 10.67
CA HIS D 180 16.55 -4.96 9.44
C HIS D 180 17.45 -4.73 8.20
N PRO D 181 17.42 -5.63 7.16
CA PRO D 181 18.26 -5.44 5.95
C PRO D 181 18.16 -4.07 5.28
N LEU D 182 17.01 -3.35 5.43
CA LEU D 182 16.85 -2.00 4.90
C LEU D 182 17.87 -1.05 5.51
N SER D 183 18.25 -1.28 6.78
CA SER D 183 19.23 -0.46 7.49
C SER D 183 20.66 -0.97 7.38
N CYS D 184 20.86 -2.15 6.75
CA CYS D 184 22.17 -2.77 6.52
C CYS D 184 22.57 -2.56 5.08
N HIS D 185 23.50 -1.64 4.86
CA HIS D 185 23.93 -1.31 3.50
C HIS D 185 25.17 -2.11 3.12
N GLY D 186 25.15 -2.65 1.90
CA GLY D 186 26.23 -3.48 1.38
C GLY D 186 26.03 -3.80 -0.08
N TRP D 187 27.09 -3.71 -0.87
CA TRP D 187 27.01 -3.91 -2.32
C TRP D 187 27.86 -5.07 -2.83
N VAL D 188 27.20 -5.97 -3.56
CA VAL D 188 27.84 -7.09 -4.24
C VAL D 188 27.77 -6.69 -5.71
N LEU D 189 28.93 -6.57 -6.37
CA LEU D 189 29.00 -6.10 -7.75
C LEU D 189 29.69 -7.08 -8.72
N GLY D 190 29.76 -6.67 -9.99
CA GLY D 190 30.41 -7.44 -11.04
C GLY D 190 29.52 -8.47 -11.68
N GLU D 191 30.07 -9.68 -11.83
CA GLU D 191 29.39 -10.79 -12.45
C GLU D 191 28.44 -11.50 -11.51
N HIS D 192 27.17 -11.62 -11.91
CA HIS D 192 26.15 -12.32 -11.14
C HIS D 192 26.52 -13.79 -10.91
N GLY D 193 26.31 -14.26 -9.69
CA GLY D 193 26.57 -15.65 -9.32
C GLY D 193 27.84 -15.88 -8.54
N ASP D 194 28.50 -17.03 -8.80
CA ASP D 194 29.72 -17.50 -8.15
C ASP D 194 30.87 -16.49 -8.09
N SER D 195 31.07 -15.72 -9.16
CA SER D 195 32.18 -14.78 -9.32
C SER D 195 31.87 -13.34 -8.88
N SER D 196 30.79 -13.13 -8.12
CA SER D 196 30.39 -11.79 -7.64
C SER D 196 31.42 -11.20 -6.64
N VAL D 197 31.46 -9.86 -6.57
CA VAL D 197 32.43 -9.14 -5.75
C VAL D 197 31.78 -8.36 -4.60
N PRO D 198 32.02 -8.75 -3.33
CA PRO D 198 31.51 -7.95 -2.21
C PRO D 198 32.39 -6.71 -1.97
N VAL D 199 31.77 -5.51 -1.94
CA VAL D 199 32.49 -4.25 -1.75
C VAL D 199 32.52 -3.89 -0.26
N TRP D 200 33.51 -4.47 0.47
CA TRP D 200 33.70 -4.32 1.92
C TRP D 200 33.77 -2.88 2.43
N SER D 201 34.36 -1.97 1.64
CA SER D 201 34.53 -0.57 2.01
C SER D 201 33.20 0.19 2.18
N GLY D 202 32.17 -0.23 1.45
CA GLY D 202 30.84 0.39 1.47
C GLY D 202 29.84 -0.21 2.44
N MET D 203 30.24 -1.26 3.16
CA MET D 203 29.39 -1.94 4.13
C MET D 203 29.21 -1.07 5.33
N ASN D 204 27.98 -0.68 5.60
CA ASN D 204 27.73 0.19 6.73
C ASN D 204 26.34 0.10 7.32
N VAL D 205 26.20 0.68 8.51
CA VAL D 205 24.96 0.87 9.24
C VAL D 205 25.01 2.33 9.68
N ALA D 206 23.97 3.10 9.34
CA ALA D 206 23.83 4.51 9.69
C ALA D 206 25.05 5.37 9.34
N GLY D 207 25.67 5.05 8.19
CA GLY D 207 26.84 5.75 7.68
C GLY D 207 28.14 5.39 8.39
N VAL D 208 28.10 4.42 9.32
CA VAL D 208 29.28 3.95 10.06
C VAL D 208 29.90 2.77 9.31
N SER D 209 31.06 3.01 8.68
CA SER D 209 31.79 1.99 7.92
C SER D 209 32.26 0.84 8.83
N LEU D 210 31.91 -0.37 8.45
CA LEU D 210 32.29 -1.58 9.17
C LEU D 210 33.80 -1.88 9.08
N LYS D 211 34.43 -1.62 7.92
CA LYS D 211 35.87 -1.83 7.73
C LYS D 211 36.71 -0.80 8.51
N THR D 212 36.15 0.41 8.76
CA THR D 212 36.81 1.44 9.56
C THR D 212 36.87 0.98 11.03
N LEU D 213 35.76 0.44 11.57
CA LEU D 213 35.68 -0.08 12.94
C LEU D 213 36.43 -1.41 13.10
N HIS D 214 36.45 -2.23 12.03
CA HIS D 214 37.02 -3.57 12.05
C HIS D 214 37.88 -3.78 10.78
N PRO D 215 39.18 -3.38 10.83
CA PRO D 215 40.02 -3.44 9.62
C PRO D 215 40.19 -4.80 8.96
N ASP D 216 40.07 -5.89 9.71
CA ASP D 216 40.21 -7.24 9.19
C ASP D 216 39.00 -7.73 8.38
N LEU D 217 37.92 -6.91 8.32
CA LEU D 217 36.67 -7.23 7.59
C LEU D 217 36.98 -7.62 6.13
N GLY D 218 36.54 -8.80 5.74
CA GLY D 218 36.78 -9.33 4.40
C GLY D 218 38.13 -9.99 4.17
N THR D 219 39.03 -9.96 5.18
CA THR D 219 40.36 -10.56 5.06
C THR D 219 40.33 -11.97 5.65
N ASP D 220 41.32 -12.79 5.31
CA ASP D 220 41.42 -14.17 5.81
C ASP D 220 41.86 -14.23 7.28
N LYS D 221 42.39 -13.12 7.83
CA LYS D 221 42.84 -13.11 9.23
C LYS D 221 41.72 -12.61 10.19
N ASP D 222 40.49 -12.42 9.68
CA ASP D 222 39.35 -11.99 10.51
C ASP D 222 38.84 -13.14 11.39
N LYS D 223 38.96 -12.98 12.72
CA LYS D 223 38.48 -13.95 13.73
C LYS D 223 36.95 -14.11 13.69
N GLU D 224 36.25 -13.05 13.30
CA GLU D 224 34.80 -13.02 13.18
C GLU D 224 34.30 -13.62 11.87
N GLN D 225 35.23 -13.92 10.94
CA GLN D 225 34.98 -14.54 9.64
C GLN D 225 33.81 -13.90 8.84
N TRP D 226 33.88 -12.58 8.63
CA TRP D 226 32.88 -11.84 7.87
C TRP D 226 32.89 -12.19 6.37
N LYS D 227 34.02 -12.75 5.90
CA LYS D 227 34.19 -13.23 4.52
C LYS D 227 33.19 -14.39 4.27
N GLU D 228 32.75 -15.08 5.36
CA GLU D 228 31.78 -16.17 5.32
C GLU D 228 30.40 -15.64 4.87
N VAL D 229 30.08 -14.37 5.16
CA VAL D 229 28.81 -13.72 4.77
C VAL D 229 28.63 -13.77 3.24
N HIS D 230 29.67 -13.43 2.46
CA HIS D 230 29.59 -13.50 1.00
C HIS D 230 29.57 -14.95 0.51
N LYS D 231 30.34 -15.86 1.17
CA LYS D 231 30.39 -17.29 0.81
C LYS D 231 29.01 -17.93 1.06
N GLN D 232 28.32 -17.50 2.14
CA GLN D 232 26.99 -17.99 2.48
C GLN D 232 25.95 -17.59 1.45
N VAL D 233 26.15 -16.46 0.73
CA VAL D 233 25.28 -15.99 -0.35
C VAL D 233 25.33 -17.04 -1.47
N VAL D 234 26.56 -17.44 -1.84
CA VAL D 234 26.82 -18.45 -2.87
C VAL D 234 26.26 -19.79 -2.42
N GLU D 235 26.62 -20.27 -1.19
CA GLU D 235 26.14 -21.51 -0.58
C GLU D 235 24.61 -21.59 -0.52
N SER D 236 23.92 -20.51 -0.05
CA SER D 236 22.46 -20.47 0.09
C SER D 236 21.74 -20.67 -1.23
N ALA D 237 22.31 -20.14 -2.34
CA ALA D 237 21.76 -20.29 -3.68
C ALA D 237 21.74 -21.77 -4.08
N TYR D 238 22.85 -22.51 -3.81
CA TYR D 238 22.94 -23.94 -4.10
C TYR D 238 22.03 -24.72 -3.17
N GLU D 239 21.91 -24.29 -1.90
CA GLU D 239 21.09 -24.95 -0.90
C GLU D 239 19.60 -24.89 -1.30
N VAL D 240 19.09 -23.70 -1.65
CA VAL D 240 17.71 -23.52 -2.10
C VAL D 240 17.39 -24.47 -3.28
N ILE D 241 18.29 -24.55 -4.28
CA ILE D 241 18.15 -25.43 -5.45
C ILE D 241 18.10 -26.90 -5.04
N LYS D 242 18.99 -27.32 -4.14
CA LYS D 242 19.03 -28.69 -3.62
C LYS D 242 17.72 -29.04 -2.88
N LEU D 243 17.22 -28.11 -2.05
CA LEU D 243 16.05 -28.27 -1.21
C LEU D 243 14.68 -28.19 -1.93
N LYS D 244 14.46 -27.19 -2.80
CA LYS D 244 13.16 -27.06 -3.47
C LYS D 244 13.22 -27.20 -5.01
N GLY D 245 14.43 -27.23 -5.58
CA GLY D 245 14.63 -27.44 -7.01
C GLY D 245 14.77 -26.20 -7.89
N TYR D 246 14.42 -25.01 -7.36
CA TYR D 246 14.46 -23.73 -8.07
C TYR D 246 14.35 -22.56 -7.08
N THR D 247 14.48 -21.34 -7.56
CA THR D 247 14.33 -20.13 -6.74
C THR D 247 13.23 -19.27 -7.39
N SER D 248 12.30 -18.74 -6.60
CA SER D 248 11.25 -17.94 -7.21
C SER D 248 10.88 -16.67 -6.45
N TRP D 249 10.50 -16.78 -5.18
CA TRP D 249 10.03 -15.66 -4.38
C TRP D 249 11.03 -14.52 -4.27
N ALA D 250 12.28 -14.82 -3.88
CA ALA D 250 13.33 -13.82 -3.71
C ALA D 250 13.63 -13.05 -5.00
N ILE D 251 13.74 -13.77 -6.14
CA ILE D 251 14.01 -13.13 -7.44
C ILE D 251 12.80 -12.28 -7.90
N GLY D 252 11.58 -12.81 -7.79
CA GLY D 252 10.35 -12.13 -8.14
C GLY D 252 10.14 -10.83 -7.39
N LEU D 253 10.44 -10.83 -6.07
CA LEU D 253 10.33 -9.64 -5.22
C LEU D 253 11.39 -8.59 -5.60
N SER D 254 12.62 -9.05 -5.93
CA SER D 254 13.72 -8.15 -6.33
C SER D 254 13.45 -7.47 -7.67
N VAL D 255 12.90 -8.24 -8.64
CA VAL D 255 12.54 -7.76 -9.98
C VAL D 255 11.43 -6.71 -9.87
N ALA D 256 10.44 -6.95 -8.99
CA ALA D 256 9.32 -6.03 -8.71
C ALA D 256 9.85 -4.71 -8.15
N ASP D 257 10.90 -4.78 -7.31
CA ASP D 257 11.56 -3.58 -6.75
C ASP D 257 12.22 -2.75 -7.88
N LEU D 258 12.84 -3.43 -8.87
CA LEU D 258 13.43 -2.75 -10.04
C LEU D 258 12.30 -2.12 -10.86
N ALA D 259 11.23 -2.90 -11.15
CA ALA D 259 10.05 -2.49 -11.92
C ALA D 259 9.42 -1.23 -11.33
N GLU D 260 9.34 -1.14 -10.00
CA GLU D 260 8.77 0.01 -9.30
C GLU D 260 9.58 1.28 -9.60
N SER D 261 10.92 1.19 -9.54
CA SER D 261 11.80 2.34 -9.80
C SER D 261 11.66 2.85 -11.22
N ILE D 262 11.53 1.91 -12.18
CA ILE D 262 11.35 2.20 -13.60
C ILE D 262 9.96 2.80 -13.84
N MET D 263 8.88 2.09 -13.44
CA MET D 263 7.49 2.50 -13.65
C MET D 263 7.13 3.84 -13.01
N LYS D 264 7.64 4.11 -11.80
CA LYS D 264 7.33 5.33 -11.06
C LYS D 264 8.40 6.41 -11.20
N ASN D 265 9.43 6.16 -12.04
CA ASN D 265 10.54 7.09 -12.28
C ASN D 265 11.16 7.57 -10.95
N LEU D 266 11.51 6.62 -10.08
CA LEU D 266 11.99 6.97 -8.75
C LEU D 266 13.42 7.50 -8.69
N ARG D 267 14.32 7.02 -9.59
CA ARG D 267 15.73 7.43 -9.60
C ARG D 267 16.44 6.94 -8.31
N ARG D 268 16.12 5.70 -7.94
CA ARG D 268 16.74 5.01 -6.84
C ARG D 268 17.93 4.28 -7.43
N VAL D 269 18.93 3.99 -6.59
CA VAL D 269 20.16 3.31 -6.98
C VAL D 269 19.99 1.81 -6.70
N HIS D 270 20.27 0.97 -7.70
CA HIS D 270 20.15 -0.49 -7.60
C HIS D 270 21.35 -1.17 -8.22
N PRO D 271 21.79 -2.34 -7.70
CA PRO D 271 22.89 -3.06 -8.35
C PRO D 271 22.38 -3.88 -9.53
N VAL D 272 22.48 -3.31 -10.74
CA VAL D 272 22.01 -3.96 -11.97
C VAL D 272 23.09 -4.03 -13.03
N SER D 273 22.95 -4.99 -13.94
CA SER D 273 23.89 -5.23 -15.01
C SER D 273 23.73 -4.20 -16.12
N THR D 274 24.83 -3.48 -16.41
CA THR D 274 24.89 -2.44 -17.45
C THR D 274 26.20 -2.55 -18.23
N MET D 275 26.27 -1.85 -19.39
CA MET D 275 27.46 -1.77 -20.24
C MET D 275 28.57 -1.06 -19.46
N ILE D 276 29.60 -1.81 -19.04
CA ILE D 276 30.71 -1.30 -18.21
C ILE D 276 31.99 -0.88 -19.01
N LYS D 277 31.94 -0.90 -20.37
CA LYS D 277 33.04 -0.50 -21.24
C LYS D 277 33.41 0.97 -20.96
N GLY D 278 34.68 1.19 -20.61
CA GLY D 278 35.23 2.50 -20.27
C GLY D 278 35.51 2.69 -18.79
N LEU D 279 35.22 1.67 -17.96
CA LEU D 279 35.42 1.68 -16.51
C LEU D 279 36.24 0.48 -16.09
N TYR D 280 37.08 0.67 -15.04
CA TYR D 280 37.96 -0.33 -14.43
C TYR D 280 38.89 -1.04 -15.42
N GLY D 281 39.38 -0.28 -16.39
CA GLY D 281 40.29 -0.77 -17.41
C GLY D 281 39.70 -1.77 -18.39
N ILE D 282 38.36 -1.75 -18.54
CA ILE D 282 37.61 -2.61 -19.45
C ILE D 282 37.38 -1.85 -20.76
N LYS D 283 37.77 -2.48 -21.88
CA LYS D 283 37.62 -1.92 -23.21
C LYS D 283 36.62 -2.68 -24.07
N ASP D 284 36.14 -3.85 -23.62
CA ASP D 284 35.18 -4.64 -24.39
C ASP D 284 33.72 -4.39 -23.98
N ASP D 285 32.75 -4.72 -24.89
CA ASP D 285 31.30 -4.59 -24.76
C ASP D 285 30.75 -5.65 -23.81
N VAL D 286 30.96 -5.45 -22.51
CA VAL D 286 30.47 -6.39 -21.50
C VAL D 286 29.54 -5.68 -20.51
N PHE D 287 28.56 -6.43 -20.03
CA PHE D 287 27.59 -6.00 -19.05
C PHE D 287 27.95 -6.60 -17.69
N LEU D 288 28.16 -5.73 -16.71
CA LEU D 288 28.46 -6.11 -15.33
C LEU D 288 27.64 -5.27 -14.35
N SER D 289 27.47 -5.75 -13.12
CA SER D 289 26.70 -5.00 -12.14
C SER D 289 27.50 -3.91 -11.47
N VAL D 290 26.93 -2.71 -11.52
CA VAL D 290 27.40 -1.50 -10.85
C VAL D 290 26.14 -0.81 -10.32
N PRO D 291 26.22 0.09 -9.31
CA PRO D 291 25.00 0.74 -8.83
C PRO D 291 24.51 1.74 -9.89
N CYS D 292 23.26 1.55 -10.36
CA CYS D 292 22.65 2.37 -11.41
C CYS D 292 21.44 3.11 -10.91
N ILE D 293 21.24 4.32 -11.43
CA ILE D 293 20.06 5.15 -11.12
C ILE D 293 18.98 4.69 -12.11
N LEU D 294 17.85 4.19 -11.59
CA LEU D 294 16.74 3.66 -12.39
C LEU D 294 15.51 4.53 -12.35
N GLY D 295 15.03 4.91 -13.53
CA GLY D 295 13.85 5.75 -13.75
C GLY D 295 13.16 5.40 -15.07
N GLN D 296 12.31 6.32 -15.55
CA GLN D 296 11.50 6.18 -16.78
C GLN D 296 12.30 5.90 -18.07
N ASN D 297 13.59 6.27 -18.11
CA ASN D 297 14.45 6.02 -19.28
C ASN D 297 15.35 4.80 -19.06
N GLY D 298 15.09 4.04 -17.99
CA GLY D 298 15.91 2.88 -17.63
C GLY D 298 17.11 3.34 -16.82
N ILE D 299 18.31 2.95 -17.27
CA ILE D 299 19.55 3.37 -16.59
C ILE D 299 19.93 4.73 -17.14
N SER D 300 19.65 5.81 -16.41
CA SER D 300 20.01 7.15 -16.87
C SER D 300 21.43 7.51 -16.45
N ASP D 301 21.91 6.93 -15.33
CA ASP D 301 23.19 7.26 -14.73
C ASP D 301 23.75 6.06 -13.96
N LEU D 302 25.06 6.07 -13.69
CA LEU D 302 25.67 5.03 -12.88
C LEU D 302 26.67 5.60 -11.85
N VAL D 303 26.77 4.93 -10.71
CA VAL D 303 27.66 5.34 -9.61
C VAL D 303 29.06 4.74 -9.83
N LYS D 304 30.09 5.60 -9.80
CA LYS D 304 31.49 5.23 -10.00
C LYS D 304 32.10 4.82 -8.66
N VAL D 305 31.94 3.54 -8.33
CA VAL D 305 32.42 2.96 -7.06
C VAL D 305 33.95 2.83 -7.07
N THR D 306 34.58 3.29 -5.99
CA THR D 306 36.02 3.18 -5.80
C THR D 306 36.31 1.74 -5.35
N LEU D 307 37.03 1.01 -6.16
CA LEU D 307 37.36 -0.38 -5.86
C LEU D 307 38.84 -0.58 -5.55
N THR D 308 39.13 -1.54 -4.67
CA THR D 308 40.50 -1.93 -4.32
C THR D 308 41.10 -2.65 -5.54
N SER D 309 42.44 -2.78 -5.59
CA SER D 309 43.18 -3.47 -6.64
C SER D 309 42.64 -4.91 -6.88
N GLU D 310 42.37 -5.64 -5.77
CA GLU D 310 41.84 -7.00 -5.71
C GLU D 310 40.45 -7.09 -6.34
N GLU D 311 39.53 -6.19 -5.92
CA GLU D 311 38.16 -6.10 -6.41
C GLU D 311 38.17 -5.77 -7.90
N GLU D 312 39.03 -4.81 -8.29
CA GLU D 312 39.21 -4.36 -9.67
C GLU D 312 39.72 -5.50 -10.56
N ALA D 313 40.67 -6.31 -10.06
CA ALA D 313 41.24 -7.44 -10.81
C ALA D 313 40.18 -8.50 -11.05
N ARG D 314 39.32 -8.75 -10.03
CA ARG D 314 38.21 -9.71 -10.13
C ARG D 314 37.20 -9.28 -11.22
N LEU D 315 36.92 -7.96 -11.29
CA LEU D 315 36.01 -7.40 -12.29
C LEU D 315 36.57 -7.52 -13.70
N LYS D 316 37.87 -7.25 -13.86
CA LYS D 316 38.59 -7.32 -15.13
C LYS D 316 38.63 -8.76 -15.64
N LYS D 317 38.86 -9.73 -14.73
CA LYS D 317 38.92 -11.16 -15.04
C LYS D 317 37.56 -11.65 -15.54
N SER D 318 36.47 -11.22 -14.86
CA SER D 318 35.10 -11.53 -15.23
C SER D 318 34.80 -10.99 -16.64
N ALA D 319 35.21 -9.74 -16.90
CA ALA D 319 35.03 -9.07 -18.20
C ALA D 319 35.69 -9.83 -19.33
N ASP D 320 36.97 -10.27 -19.12
CA ASP D 320 37.74 -11.06 -20.08
C ASP D 320 37.06 -12.39 -20.37
N THR D 321 36.55 -13.08 -19.33
CA THR D 321 35.86 -14.36 -19.46
C THR D 321 34.56 -14.19 -20.27
N LEU D 322 33.76 -13.16 -19.95
CA LEU D 322 32.50 -12.88 -20.64
C LEU D 322 32.72 -12.51 -22.09
N TRP D 323 33.77 -11.71 -22.38
CA TRP D 323 34.09 -11.33 -23.75
C TRP D 323 34.58 -12.51 -24.58
N GLY D 324 35.31 -13.42 -23.94
CA GLY D 324 35.82 -14.65 -24.56
C GLY D 324 34.70 -15.52 -25.10
N ILE D 325 33.56 -15.58 -24.38
CA ILE D 325 32.38 -16.33 -24.82
C ILE D 325 31.66 -15.53 -25.91
N GLN D 326 31.39 -14.24 -25.64
CA GLN D 326 30.67 -13.31 -26.49
C GLN D 326 31.23 -13.15 -27.91
N LYS D 327 32.57 -13.01 -28.05
CA LYS D 327 33.20 -12.76 -29.34
C LYS D 327 33.08 -13.94 -30.31
N GLU D 328 32.82 -15.16 -29.79
CA GLU D 328 32.63 -16.37 -30.59
C GLU D 328 31.13 -16.70 -30.88
N LEU D 329 30.19 -15.89 -30.33
CA LEU D 329 28.74 -16.05 -30.57
C LEU D 329 28.33 -15.57 -31.98
N GLN D 330 27.37 -16.25 -32.62
CA GLN D 330 26.93 -15.91 -33.97
C GLN D 330 25.55 -15.25 -34.04
N PHE D 331 25.48 -14.05 -34.66
CA PHE D 331 24.26 -13.28 -34.87
C PHE D 331 24.01 -13.11 -36.40
PA NAD E . -10.23 27.71 1.17
O1A NAD E . -9.52 27.16 2.38
O2A NAD E . -10.80 29.11 1.05
O5B NAD E . -9.28 27.39 -0.12
C5B NAD E . -9.61 27.95 -1.37
C4B NAD E . -8.32 28.19 -2.11
O4B NAD E . -8.59 28.53 -3.48
C3B NAD E . -7.54 29.33 -1.47
O3B NAD E . -6.23 28.83 -1.22
C2B NAD E . -7.54 30.38 -2.55
O2B NAD E . -6.34 31.15 -2.61
C1B NAD E . -7.65 29.55 -3.80
N9A NAD E . -8.08 30.33 -4.95
C8A NAD E . -8.95 31.39 -4.96
N7A NAD E . -9.03 31.91 -6.17
C5A NAD E . -8.16 31.18 -6.95
C6A NAD E . -7.82 31.27 -8.28
N6A NAD E . -8.39 32.24 -9.12
N1A NAD E . -6.93 30.39 -8.77
C2A NAD E . -6.42 29.47 -7.93
N3A NAD E . -6.68 29.30 -6.63
C4A NAD E . -7.56 30.20 -6.20
O3 NAD E . -11.46 26.72 0.81
PN NAD E . -11.54 25.13 1.10
O1N NAD E . -10.22 24.52 0.68
O2N NAD E . -12.03 24.93 2.51
O5D NAD E . -12.74 24.72 0.09
C5D NAD E . -12.57 24.78 -1.32
C4D NAD E . -13.89 24.49 -2.01
O4D NAD E . -14.23 23.10 -1.92
C3D NAD E . -15.05 25.29 -1.45
O3D NAD E . -15.73 25.81 -2.58
C2D NAD E . -15.88 24.24 -0.75
O2D NAD E . -17.25 24.57 -0.74
C1D NAD E . -15.60 23.01 -1.59
N1N NAD E . -15.93 21.75 -0.94
C2N NAD E . -16.56 20.85 -1.70
C3N NAD E . -16.91 19.62 -1.19
C7N NAD E . -17.60 18.63 -2.04
O7N NAD E . -18.15 17.66 -1.54
N7N NAD E . -17.56 18.87 -3.39
C4N NAD E . -16.60 19.31 0.12
C5N NAD E . -15.94 20.26 0.88
C6N NAD E . -15.60 21.48 0.33
S SO4 F . -19.20 -0.08 -3.67
O1 SO4 F . -18.75 1.31 -3.77
O2 SO4 F . -19.12 -0.72 -4.99
O3 SO4 F . -20.58 -0.09 -3.17
O4 SO4 F . -18.35 -0.79 -2.69
S SO4 G . -20.60 16.97 -25.68
O1 SO4 G . -20.13 15.64 -26.10
O2 SO4 G . -19.81 17.99 -26.38
O3 SO4 G . -22.00 17.13 -26.01
O4 SO4 G . -20.42 17.11 -24.24
C4 D4A H . -23.45 25.76 -0.26
C14 D4A H . -18.57 24.85 4.00
C5 D4A H . -21.27 25.70 0.69
C6 D4A H . -22.93 26.39 -1.37
C11 D4A H . -23.12 23.67 4.05
C7 D4A H . -20.73 26.35 -0.40
C8 D4A H . -22.77 19.90 2.65
C9 D4A H . -24.38 17.65 2.83
C10 D4A H . -21.15 22.55 4.78
C12 D4A H . -16.82 23.46 3.47
C13 D4A H . -16.13 24.59 3.84
C3 D4A H . -22.46 22.95 5.01
C1 D4A H . -24.09 20.01 3.01
C2 D4A H . -24.90 18.89 3.11
C15 D4A H . -18.23 23.59 3.55
C16 D4A H . -22.61 25.40 0.78
C17 D4A H . -21.58 26.69 -1.44
C18 D4A H . -22.24 18.65 2.38
C19 D4A H . -23.04 17.53 2.47
C20 D4A H . -20.57 22.90 3.58
C21 D4A H . -22.47 23.99 2.87
C22 D4A H . -19.83 19.94 2.28
C23 D4A H . -19.73 20.97 1.42
C24 D4A H . -19.22 20.09 3.61
C25 D4A H . -19.07 22.25 1.72
C26 D4A H . -19.16 22.49 3.21
N27 D4A H . -21.23 23.59 2.64
N28 D4A H . -23.18 24.72 1.89
O29 D4A H . -19.15 19.14 4.38
O30 D4A H . -18.72 21.32 3.91
O31 D4A H . -20.28 20.92 0.16
F32 D4A H . -21.07 27.33 -2.51
S33 D4A H . -17.20 25.84 4.29
S34 D4A H . -20.54 18.43 1.92
CL35 D4A H . -22.38 15.95 2.14
PA NAD I . -0.70 24.02 17.13
O1A NAD I . -1.28 24.05 15.74
O2A NAD I . -0.80 25.22 18.05
O5B NAD I . -1.28 22.69 17.89
C5B NAD I . -1.01 22.51 19.27
C4B NAD I . -2.18 21.75 19.85
O4B NAD I . -1.87 21.29 21.15
C3B NAD I . -3.41 22.63 19.94
O3B NAD I . -4.48 21.93 19.30
C2B NAD I . -3.64 22.77 21.42
O2B NAD I . -5.00 22.80 21.77
C1B NAD I . -3.05 21.49 21.93
N9A NAD I . -2.82 21.52 23.36
C8A NAD I . -2.39 22.57 24.11
N7A NAD I . -2.34 22.25 25.39
C5A NAD I . -2.75 20.95 25.45
C6A NAD I . -2.89 20.07 26.51
N6A NAD I . -2.60 20.49 27.81
N1A NAD I . -3.32 18.83 26.26
C2A NAD I . -3.58 18.48 24.99
N3A NAD I . -3.47 19.23 23.89
C4A NAD I . -3.06 20.46 24.19
O3 NAD I . 0.85 23.58 17.05
PN NAD I . 1.50 22.64 15.88
O1N NAD I . 0.59 21.45 15.70
O2N NAD I . 1.85 23.51 14.70
O5D NAD I . 2.92 22.31 16.62
C5D NAD I . 2.92 21.44 17.74
C4D NAD I . 4.33 21.31 18.29
O4D NAD I . 5.16 20.50 17.44
C3D NAD I . 5.02 22.64 18.46
O3D NAD I . 5.62 22.61 19.77
C2D NAD I . 6.09 22.64 17.38
O2D NAD I . 7.23 23.39 17.75
C1D NAD I . 6.41 21.16 17.29
N1N NAD I . 7.10 20.76 16.07
C2N NAD I . 8.11 19.90 16.22
C3N NAD I . 8.81 19.44 15.12
C7N NAD I . 9.94 18.49 15.28
O7N NAD I . 10.72 18.29 14.36
N7N NAD I . 10.01 17.88 16.51
C4N NAD I . 8.47 19.87 13.86
C5N NAD I . 7.41 20.76 13.73
C6N NAD I . 6.73 21.18 14.85
S SO4 J . 18.46 4.58 5.74
O1 SO4 J . 17.87 4.41 4.40
O2 SO4 J . 19.76 5.26 5.62
O3 SO4 J . 17.54 5.37 6.55
O4 SO4 J . 18.66 3.27 6.37
S SO4 K . 16.66 4.49 32.89
O1 SO4 K . 15.80 5.31 32.03
O2 SO4 K . 18.03 4.95 32.77
O3 SO4 K . 16.20 4.60 34.27
O4 SO4 K . 16.59 3.09 32.43
C4 D4A L . 12.81 26.57 18.70
C14 D4A L . 7.87 26.89 13.97
C5 D4A L . 12.83 24.97 16.91
C6 D4A L . 13.22 25.59 19.58
C11 D4A L . 12.47 27.70 14.15
C7 D4A L . 13.24 23.97 17.78
C8 D4A L . 13.70 23.89 12.94
C9 D4A L . 15.96 22.95 11.65
C10 D4A L . 11.07 26.53 12.62
C12 D4A L . 6.83 24.86 13.61
C13 D4A L . 5.73 25.65 13.79
C3 D4A L . 12.08 27.44 12.86
C1 D4A L . 14.85 24.66 12.89
C2 D4A L . 15.97 24.19 12.25
C15 D4A L . 8.08 25.55 13.72
C16 D4A L . 12.61 26.27 17.37
C17 D4A L . 13.43 24.30 19.11
C18 D4A L . 13.68 22.65 12.32
C19 D4A L . 14.82 22.19 11.68
C20 D4A L . 10.48 25.89 13.70
C21 D4A L . 11.83 27.03 15.18
C22 D4A L . 11.00 22.68 12.86
C23 D4A L . 10.63 22.86 14.13
C24 D4A L . 10.32 23.43 11.81
C25 D4A L . 9.54 23.76 14.55
C26 D4A L . 9.38 24.87 13.54
N27 D4A L . 10.85 26.14 14.96
N28 D4A L . 12.21 27.29 16.50
O29 D4A L . 10.60 23.27 10.65
O30 D4A L . 9.35 24.30 12.22
O31 D4A L . 11.23 22.18 15.14
F32 D4A L . 13.84 23.34 19.95
S33 D4A L . 6.21 27.27 14.07
S34 D4A L . 12.25 21.61 12.33
CL35 D4A L . 14.80 20.63 10.91
PA NAD M . -0.10 -29.81 -2.75
O1A NAD M . 0.65 -28.94 -3.74
O2A NAD M . -0.03 -31.30 -2.84
O5B NAD M . 0.31 -29.28 -1.25
C5B NAD M . -0.13 -30.02 -0.12
C4B NAD M . 0.93 -29.88 0.95
O4B NAD M . 0.45 -30.38 2.18
C3B NAD M . 2.17 -30.68 0.58
O3B NAD M . 3.28 -29.80 0.69
C2B NAD M . 2.25 -31.74 1.63
O2B NAD M . 3.57 -32.08 2.00
C1B NAD M . 1.54 -31.08 2.78
N9A NAD M . 1.13 -32.03 3.80
C8A NAD M . 0.66 -33.30 3.61
N7A NAD M . 0.43 -33.89 4.77
C5A NAD M . 0.77 -32.96 5.71
C6A NAD M . 0.75 -33.00 7.09
N6A NAD M . 0.30 -34.16 7.71
N1A NAD M . 1.14 -31.92 7.78
C2A NAD M . 1.55 -30.84 7.10
N3A NAD M . 1.61 -30.68 5.77
C4A NAD M . 1.22 -31.79 5.14
O3 NAD M . -1.66 -29.36 -2.75
PN NAD M . -2.19 -27.86 -3.05
O1N NAD M . -2.34 -27.77 -4.56
O2N NAD M . -1.32 -26.87 -2.28
O5D NAD M . -3.68 -27.96 -2.43
C5D NAD M . -3.86 -27.99 -1.00
C4D NAD M . -5.33 -28.15 -0.67
O4D NAD M . -6.05 -26.93 -0.90
C3D NAD M . -6.00 -29.25 -1.48
O3D NAD M . -6.77 -29.99 -0.54
C2D NAD M . -6.92 -28.49 -2.40
O2D NAD M . -8.09 -29.24 -2.73
C1D NAD M . -7.27 -27.28 -1.57
N1N NAD M . -7.82 -26.16 -2.31
C2N NAD M . -8.88 -25.54 -1.76
C3N NAD M . -9.46 -24.47 -2.39
C7N NAD M . -10.64 -23.79 -1.79
O7N NAD M . -11.30 -23.00 -2.45
N7N NAD M . -10.86 -24.11 -0.48
C4N NAD M . -8.96 -24.01 -3.60
C5N NAD M . -7.85 -24.67 -4.13
C6N NAD M . -7.30 -25.74 -3.47
S SO4 N . -18.73 -6.63 -1.33
O1 SO4 N . -18.02 -5.51 -1.97
O2 SO4 N . -17.80 -7.77 -1.26
O3 SO4 N . -19.94 -6.97 -2.10
O4 SO4 N . -19.11 -6.29 0.07
S SO4 O . -19.67 -24.01 20.18
O1 SO4 O . -19.65 -22.57 20.42
O2 SO4 O . -18.66 -24.37 19.19
O3 SO4 O . -20.99 -24.41 19.66
O4 SO4 O . -19.38 -24.73 21.42
C4 D4A P . -13.20 -32.38 -5.60
C14 D4A P . -7.12 -27.95 -6.98
C5 D4A P . -13.45 -30.06 -5.12
C6 D4A P . -13.26 -32.68 -4.26
C11 D4A P . -12.65 -29.65 -9.35
C7 D4A P . -13.50 -30.34 -3.77
C8 D4A P . -13.88 -26.29 -7.67
C9 D4A P . -15.94 -24.57 -8.38
C10 D4A P . -10.86 -28.07 -9.30
C12 D4A P . -8.21 -29.77 -7.88
C13 D4A P . -6.92 -30.23 -7.90
C3 D4A P . -11.87 -28.72 -10.00
C1 D4A P . -14.96 -26.76 -8.37
C2 D4A P . -15.99 -25.90 -8.73
C15 D4A P . -8.35 -28.45 -7.34
C16 D4A P . -13.29 -31.08 -6.04
C17 D4A P . -13.41 -31.66 -3.36
C18 D4A P . -13.82 -24.95 -7.32
C19 D4A P . -14.85 -24.09 -7.68
C20 D4A P . -10.67 -28.38 -7.98
C21 D4A P . -12.39 -29.91 -8.02
C22 D4A P . -11.22 -25.48 -6.52
C23 D4A P . -10.99 -26.44 -5.61
C24 D4A P . -10.26 -25.35 -7.63
C25 D4A P . -9.91 -27.44 -5.73
C26 D4A P . -9.59 -27.66 -7.20
N27 D4A P . -11.41 -29.28 -7.33
N28 D4A P . -13.24 -30.85 -7.42
O29 D4A P . -10.23 -24.37 -8.34
O30 D4A P . -9.36 -26.37 -7.78
O31 D4A P . -11.82 -26.59 -4.53
F32 D4A P . -13.46 -31.95 -2.05
S33 D4A P . -5.84 -29.06 -7.27
S34 D4A P . -12.47 -24.29 -6.42
CL35 D4A P . -14.80 -22.40 -7.24
PA NAD Q . 11.42 -22.65 -15.85
O1A NAD Q . 10.58 -22.92 -14.63
O2A NAD Q . 11.96 -23.74 -16.73
O5B NAD Q . 10.64 -21.56 -16.75
C5B NAD Q . 11.18 -21.17 -18.01
C4B NAD Q . 9.99 -20.82 -18.89
O4B NAD Q . 10.46 -20.22 -20.10
C3B NAD Q . 9.18 -22.04 -19.25
O3B NAD Q . 7.81 -21.77 -18.93
C2B NAD Q . 9.36 -22.16 -20.74
O2B NAD Q . 8.20 -22.62 -21.41
C1B NAD Q . 9.62 -20.73 -21.13
N9A NAD Q . 10.20 -20.61 -22.45
C8A NAD Q . 11.10 -21.46 -23.04
N7A NAD Q . 11.35 -21.07 -24.27
C5A NAD Q . 10.59 -19.95 -24.47
C6A NAD Q . 10.46 -19.11 -25.56
N6A NAD Q . 11.15 -19.35 -26.74
N1A NAD Q . 9.64 -18.06 -25.46
C2A NAD Q . 8.98 -17.88 -24.31
N3A NAD Q . 9.03 -18.62 -23.20
C4A NAD Q . 9.87 -19.64 -23.35
O3 NAD Q . 12.68 -21.74 -15.34
PN NAD Q . 12.65 -20.69 -14.11
O1N NAD Q . 11.39 -19.87 -14.22
O2N NAD Q . 12.94 -21.44 -12.83
O5D NAD Q . 13.99 -19.84 -14.47
C5D NAD Q . 13.99 -18.93 -15.57
C4D NAD Q . 15.38 -18.31 -15.71
O4D NAD Q . 15.64 -17.35 -14.69
C3D NAD Q . 16.49 -19.34 -15.67
O3D NAD Q . 17.35 -19.03 -16.76
C2D NAD Q . 17.18 -19.06 -14.34
O2D NAD Q . 18.57 -19.36 -14.40
C1D NAD Q . 16.97 -17.57 -14.22
N1N NAD Q . 17.18 -17.03 -12.88
C2N NAD Q . 17.86 -15.88 -12.80
C3N NAD Q . 18.09 -15.30 -11.56
C7N NAD Q . 18.85 -14.04 -11.46
O7N NAD Q . 19.28 -13.65 -10.37
N7N NAD Q . 19.00 -13.37 -12.64
C4N NAD Q . 17.58 -15.90 -10.42
C5N NAD Q . 16.86 -17.07 -10.54
C6N NAD Q . 16.67 -17.63 -11.79
S SO4 R . 20.03 1.10 -0.23
O1 SO4 R . 21.37 1.04 0.35
O2 SO4 R . 19.83 2.41 -0.86
O3 SO4 R . 19.00 0.88 0.80
O4 SO4 R . 19.95 0.04 -1.24
C4 D4A S . 24.70 -21.10 -13.24
C14 D4A S . 19.46 -22.77 -10.69
C5 D4A S . 24.21 -19.14 -11.94
C6 D4A S . 24.67 -20.34 -14.40
C11 D4A S . 23.75 -21.86 -8.69
C7 D4A S . 24.17 -18.38 -13.09
C8 D4A S . 23.44 -18.27 -8.13
C9 D4A S . 24.91 -16.87 -6.27
C10 D4A S . 21.51 -21.46 -8.06
C12 D4A S . 17.67 -21.35 -10.48
C13 D4A S . 17.02 -22.44 -11.00
C3 D4A S . 22.77 -21.91 -7.72
C1 D4A S . 24.71 -18.69 -7.78
C2 D4A S . 25.45 -18.00 -6.84
C15 D4A S . 19.07 -21.51 -10.29
C16 D4A S . 24.46 -20.51 -12.01
C17 D4A S . 24.41 -19.00 -14.30
C18 D4A S . 22.89 -17.14 -7.54
C19 D4A S . 23.64 -16.45 -6.60
C20 D4A S . 21.27 -20.99 -9.34
C21 D4A S . 23.45 -21.37 -9.94
C22 D4A S . 20.55 -17.91 -8.76
C23 D4A S . 20.61 -18.13 -10.08
C24 D4A S . 19.81 -18.87 -7.91
C25 D4A S . 20.04 -19.32 -10.74
C26 D4A S . 19.91 -20.44 -9.73
N27 D4A S . 22.23 -20.94 -10.28
N28 D4A S . 24.49 -21.31 -10.87
O29 D4A S . 19.70 -18.74 -6.70
O30 D4A S . 19.25 -19.93 -8.58
O31 D4A S . 21.30 -17.29 -10.92
F32 D4A S . 24.39 -18.27 -15.42
S33 D4A S . 18.14 -23.69 -11.27
S34 D4A S . 21.27 -16.57 -7.97
CL35 D4A S . 23.02 -15.00 -5.87
#